data_4FOX
#
_entry.id   4FOX
#
_cell.length_a   91.342
_cell.length_b   138.444
_cell.length_c   99.948
_cell.angle_alpha   90.000
_cell.angle_beta   107.000
_cell.angle_gamma   90.000
#
_symmetry.space_group_name_H-M   'P 1 21 1'
#
loop_
_entity.id
_entity.type
_entity.pdbx_description
1 polymer 'Thymidylate synthase'
2 non-polymer TOMUDEX
3 non-polymer "2'-DEOXYURIDINE 5'-MONOPHOSPHATE"
4 water water
#
_entity_poly.entity_id   1
_entity_poly.type   'polypeptide(L)'
_entity_poly.pdbx_seq_one_letter_code
;MTPYEDLLRFVLETGTPKSDRTGTGTRSLFGQQMRYDLSAGFPLLTTKKVHFKSVAYELLWFLRGDSNIGWLHEHGVTIW
DEWASDTGELGPIYGVQWRSWPAPSGEHIDQISAALDLLRTDPDSRRIIVSAWNVGEIERMALPPCHAFFQFYVADGRLS
CQLYQRSADLFLGVPFNIASYALLTHMMAAQAGLSVGEFIWTGGDCHIYDNHVEQVRLQLSREPRPYPKLLLADRDSIFE
YTYEDIVVKNYDPHPAIKAPVAV
;
_entity_poly.pdbx_strand_id   A,B,C,D,E,F,G,H
#
# COMPACT_ATOMS: atom_id res chain seq x y z
N MET A 1 10.18 -27.64 3.62
CA MET A 1 10.47 -27.12 2.30
C MET A 1 11.92 -26.63 2.19
N THR A 2 12.71 -27.30 1.35
CA THR A 2 14.11 -26.94 1.15
C THR A 2 14.45 -26.90 -0.32
N PRO A 3 13.89 -25.93 -1.07
CA PRO A 3 14.16 -25.78 -2.49
C PRO A 3 15.66 -25.71 -2.80
N TYR A 4 16.40 -24.96 -1.99
CA TYR A 4 17.81 -24.74 -2.26
C TYR A 4 18.63 -25.99 -2.03
N GLU A 5 18.40 -26.66 -0.90
CA GLU A 5 19.13 -27.89 -0.64
C GLU A 5 18.74 -28.94 -1.68
N ASP A 6 17.46 -29.00 -2.05
CA ASP A 6 17.05 -29.93 -3.10
C ASP A 6 17.85 -29.72 -4.39
N LEU A 7 18.03 -28.46 -4.78
CA LEU A 7 18.69 -28.13 -6.04
C LEU A 7 20.18 -28.43 -5.98
N LEU A 8 20.82 -28.01 -4.90
CA LEU A 8 22.21 -28.33 -4.59
C LEU A 8 22.49 -29.83 -4.66
N ARG A 9 21.61 -30.62 -4.04
CA ARG A 9 21.73 -32.06 -4.06
C ARG A 9 21.58 -32.57 -5.49
N PHE A 10 20.56 -32.08 -6.18
CA PHE A 10 20.31 -32.52 -7.55
C PHE A 10 21.53 -32.27 -8.44
N VAL A 11 22.11 -31.08 -8.34
CA VAL A 11 23.26 -30.74 -9.18
C VAL A 11 24.50 -31.54 -8.77
N LEU A 12 24.72 -31.68 -7.47
CA LEU A 12 25.81 -32.54 -6.98
C LEU A 12 25.71 -33.95 -7.56
N GLU A 13 24.49 -34.48 -7.65
CA GLU A 13 24.24 -35.86 -8.06
C GLU A 13 24.15 -36.11 -9.58
N THR A 14 23.68 -35.13 -10.34
CA THR A 14 23.42 -35.32 -11.77
C THR A 14 24.03 -34.25 -12.66
N GLY A 15 24.69 -33.27 -12.04
CA GLY A 15 25.39 -32.26 -12.80
C GLY A 15 26.44 -32.85 -13.75
N THR A 16 26.60 -32.21 -14.90
CA THR A 16 27.66 -32.53 -15.85
C THR A 16 28.97 -31.80 -15.53
N PRO A 17 30.11 -32.52 -15.58
CA PRO A 17 31.41 -31.91 -15.32
C PRO A 17 31.66 -30.95 -16.46
N LYS A 18 32.35 -29.86 -16.23
CA LYS A 18 32.31 -28.77 -17.19
C LYS A 18 33.39 -27.76 -16.85
N SER A 19 34.17 -27.34 -17.84
CA SER A 19 35.21 -26.33 -17.62
CA SER A 19 35.20 -26.33 -17.63
C SER A 19 34.60 -24.93 -17.57
N ASP A 20 35.36 -23.95 -17.07
CA ASP A 20 34.82 -22.59 -16.98
C ASP A 20 35.87 -21.49 -17.06
N ARG A 21 35.38 -20.25 -17.10
CA ARG A 21 36.19 -19.05 -17.18
C ARG A 21 37.26 -18.94 -16.08
N THR A 22 36.91 -19.38 -14.86
CA THR A 22 37.83 -19.25 -13.72
C THR A 22 38.89 -20.34 -13.71
N GLY A 23 38.68 -21.36 -14.54
CA GLY A 23 39.57 -22.51 -14.64
C GLY A 23 39.46 -23.45 -13.46
N THR A 24 38.48 -23.22 -12.59
CA THR A 24 38.33 -24.03 -11.38
C THR A 24 37.68 -25.38 -11.69
N GLY A 25 36.77 -25.39 -12.65
CA GLY A 25 35.98 -26.57 -12.97
C GLY A 25 34.69 -26.62 -12.17
N THR A 26 33.62 -27.14 -12.78
CA THR A 26 32.30 -27.22 -12.14
C THR A 26 31.55 -28.49 -12.51
N ARG A 27 30.55 -28.83 -11.70
CA ARG A 27 29.48 -29.70 -12.15
C ARG A 27 28.29 -28.77 -12.37
N SER A 28 27.49 -29.05 -13.39
CA SER A 28 26.54 -28.07 -13.89
C SER A 28 25.25 -28.66 -14.44
N LEU A 29 24.14 -27.95 -14.20
CA LEU A 29 22.86 -28.17 -14.90
C LEU A 29 22.31 -26.84 -15.42
N PHE A 30 21.45 -26.92 -16.44
CA PHE A 30 20.86 -25.73 -17.07
C PHE A 30 19.36 -25.62 -16.79
N GLY A 31 18.87 -24.40 -16.57
CA GLY A 31 17.44 -24.16 -16.47
C GLY A 31 16.73 -24.80 -15.28
N GLN A 32 17.27 -24.61 -14.09
CA GLN A 32 16.66 -25.18 -12.89
C GLN A 32 15.90 -24.10 -12.11
N GLN A 33 14.90 -24.50 -11.34
CA GLN A 33 14.02 -23.53 -10.69
C GLN A 33 13.76 -23.80 -9.20
N MET A 34 13.68 -22.72 -8.41
CA MET A 34 13.30 -22.80 -7.00
C MET A 34 12.12 -21.89 -6.72
N ARG A 35 11.25 -22.32 -5.79
CA ARG A 35 10.11 -21.50 -5.35
C ARG A 35 10.01 -21.41 -3.81
N TYR A 36 9.91 -20.20 -3.30
CA TYR A 36 9.71 -20.03 -1.87
C TYR A 36 8.41 -19.27 -1.66
N ASP A 37 7.56 -19.76 -0.78
CA ASP A 37 6.42 -18.98 -0.33
C ASP A 37 6.92 -18.07 0.81
N LEU A 38 7.16 -16.80 0.48
CA LEU A 38 7.69 -15.86 1.45
C LEU A 38 6.74 -15.63 2.63
N SER A 39 5.48 -16.00 2.48
CA SER A 39 4.56 -15.82 3.60
C SER A 39 4.80 -16.89 4.65
N ALA A 40 5.58 -17.91 4.29
CA ALA A 40 5.87 -19.05 5.18
C ALA A 40 7.13 -18.84 6.00
N GLY A 41 8.00 -17.95 5.54
CA GLY A 41 9.22 -17.61 6.24
C GLY A 41 10.23 -16.96 5.32
N PHE A 42 11.14 -16.19 5.88
CA PHE A 42 12.22 -15.60 5.12
C PHE A 42 13.31 -16.65 4.80
N PRO A 43 13.60 -16.84 3.49
CA PRO A 43 14.55 -17.89 3.05
C PRO A 43 16.02 -17.48 3.20
N LEU A 44 16.41 -17.15 4.43
CA LEU A 44 17.82 -17.11 4.83
C LEU A 44 18.19 -18.55 5.33
N LEU A 45 19.10 -19.19 4.62
CA LEU A 45 19.39 -20.60 4.83
C LEU A 45 19.75 -20.92 6.30
N THR A 46 19.30 -22.07 6.80
CA THR A 46 19.62 -22.49 8.18
C THR A 46 20.63 -23.65 8.27
N THR A 47 20.90 -24.28 7.12
CA THR A 47 21.88 -25.34 7.00
C THR A 47 23.32 -24.85 7.01
N LYS A 48 23.51 -23.56 6.82
CA LYS A 48 24.76 -22.91 7.18
C LYS A 48 24.40 -21.48 7.53
N LYS A 49 25.19 -20.86 8.38
CA LYS A 49 24.95 -19.50 8.81
C LYS A 49 25.33 -18.54 7.67
N VAL A 50 24.34 -17.84 7.16
CA VAL A 50 24.56 -16.92 6.05
C VAL A 50 24.79 -15.51 6.60
N HIS A 51 25.81 -14.82 6.10
CA HIS A 51 26.14 -13.48 6.56
C HIS A 51 25.15 -12.39 6.03
N PHE A 52 23.97 -12.33 6.63
CA PHE A 52 22.92 -11.43 6.22
C PHE A 52 23.34 -9.96 6.13
N LYS A 53 24.14 -9.51 7.11
CA LYS A 53 24.69 -8.17 7.10
C LYS A 53 25.20 -7.77 5.70
N SER A 54 25.97 -8.65 5.08
CA SER A 54 26.55 -8.35 3.79
C SER A 54 25.47 -8.37 2.72
N VAL A 55 24.53 -9.30 2.80
CA VAL A 55 23.40 -9.33 1.87
C VAL A 55 22.65 -7.98 1.92
N ALA A 56 22.27 -7.55 3.11
CA ALA A 56 21.46 -6.34 3.26
C ALA A 56 22.18 -5.10 2.72
N TYR A 57 23.45 -4.95 3.11
CA TYR A 57 24.23 -3.77 2.68
C TYR A 57 24.44 -3.80 1.18
N GLU A 58 24.71 -4.97 0.61
CA GLU A 58 24.88 -5.04 -0.83
C GLU A 58 23.63 -4.55 -1.56
N LEU A 59 22.46 -4.90 -1.02
CA LEU A 59 21.20 -4.54 -1.66
C LEU A 59 20.94 -3.04 -1.51
N LEU A 60 21.27 -2.50 -0.34
CA LEU A 60 21.08 -1.08 -0.10
C LEU A 60 22.01 -0.33 -1.05
N TRP A 61 23.21 -0.88 -1.23
CA TRP A 61 24.20 -0.36 -2.15
C TRP A 61 23.65 -0.31 -3.59
N PHE A 62 23.07 -1.43 -4.05
CA PHE A 62 22.39 -1.48 -5.35
C PHE A 62 21.35 -0.37 -5.43
N LEU A 63 20.53 -0.26 -4.39
CA LEU A 63 19.42 0.68 -4.40
C LEU A 63 19.91 2.15 -4.47
N ARG A 64 21.08 2.45 -3.90
CA ARG A 64 21.72 3.77 -4.07
C ARG A 64 22.19 4.04 -5.49
N GLY A 65 22.33 2.98 -6.31
CA GLY A 65 22.85 3.10 -7.66
C GLY A 65 24.33 3.43 -7.74
N ASP A 66 25.11 2.98 -6.75
CA ASP A 66 26.56 3.19 -6.73
C ASP A 66 27.28 2.23 -7.65
N SER A 67 28.36 2.71 -8.26
CA SER A 67 29.22 1.85 -9.06
C SER A 67 30.52 1.58 -8.30
N ASN A 68 30.76 2.37 -7.26
CA ASN A 68 32.00 2.30 -6.47
C ASN A 68 31.83 1.61 -5.11
N ILE A 69 32.79 0.74 -4.77
CA ILE A 69 32.69 -0.06 -3.54
C ILE A 69 32.86 0.72 -2.24
N GLY A 70 33.25 1.99 -2.33
CA GLY A 70 33.52 2.79 -1.15
C GLY A 70 32.50 2.63 -0.03
N TRP A 71 31.23 2.86 -0.35
CA TRP A 71 30.18 2.81 0.65
C TRP A 71 30.04 1.42 1.27
N LEU A 72 30.12 0.38 0.44
CA LEU A 72 30.08 -0.99 0.94
C LEU A 72 31.23 -1.22 1.90
N HIS A 73 32.39 -0.69 1.52
CA HIS A 73 33.61 -0.82 2.29
C HIS A 73 33.45 -0.18 3.68
N GLU A 74 32.89 1.02 3.71
CA GLU A 74 32.68 1.72 4.97
C GLU A 74 31.78 0.96 5.95
N HIS A 75 30.87 0.13 5.43
CA HIS A 75 30.04 -0.70 6.29
C HIS A 75 30.61 -2.11 6.53
N GLY A 76 31.89 -2.29 6.23
CA GLY A 76 32.59 -3.53 6.49
C GLY A 76 32.33 -4.69 5.54
N VAL A 77 31.70 -4.42 4.41
CA VAL A 77 31.37 -5.46 3.45
C VAL A 77 32.37 -5.50 2.28
N THR A 78 33.06 -6.63 2.15
CA THR A 78 34.18 -6.74 1.20
C THR A 78 33.95 -7.69 0.03
N ILE A 79 32.71 -8.13 -0.17
CA ILE A 79 32.41 -9.12 -1.20
C ILE A 79 32.72 -8.69 -2.65
N TRP A 80 32.84 -7.38 -2.88
CA TRP A 80 33.09 -6.90 -4.23
C TRP A 80 34.51 -6.35 -4.41
N ASP A 81 35.30 -6.41 -3.33
CA ASP A 81 36.62 -5.79 -3.30
C ASP A 81 37.58 -6.28 -4.42
N GLU A 82 37.65 -7.59 -4.64
CA GLU A 82 38.55 -8.13 -5.65
C GLU A 82 38.42 -7.42 -6.99
N TRP A 83 37.17 -7.27 -7.42
CA TRP A 83 36.82 -6.82 -8.77
C TRP A 83 36.90 -5.33 -9.04
N ALA A 84 37.13 -4.53 -8.01
CA ALA A 84 37.15 -3.08 -8.18
C ALA A 84 38.47 -2.60 -8.77
N SER A 85 38.47 -1.45 -9.43
CA SER A 85 39.73 -0.83 -9.78
C SER A 85 40.42 -0.35 -8.51
N ASP A 86 41.51 0.38 -8.66
CA ASP A 86 42.22 0.90 -7.49
C ASP A 86 41.57 2.18 -6.97
N THR A 87 40.70 2.78 -7.78
CA THR A 87 39.92 3.91 -7.32
C THR A 87 38.57 3.46 -6.76
N GLY A 88 38.32 2.15 -6.80
CA GLY A 88 37.09 1.60 -6.28
C GLY A 88 36.01 1.25 -7.31
N GLU A 89 36.17 1.72 -8.55
CA GLU A 89 35.15 1.52 -9.59
C GLU A 89 34.89 0.07 -10.06
N LEU A 90 33.62 -0.25 -10.30
CA LEU A 90 33.24 -1.56 -10.85
C LEU A 90 32.60 -1.43 -12.25
N GLY A 91 32.36 -0.21 -12.68
CA GLY A 91 31.65 0.01 -13.94
C GLY A 91 30.14 0.08 -13.75
N PRO A 92 29.38 0.19 -14.86
CA PRO A 92 27.92 0.37 -14.74
C PRO A 92 27.20 -0.93 -14.38
N ILE A 93 27.47 -1.46 -13.20
CA ILE A 93 26.86 -2.73 -12.82
C ILE A 93 25.45 -2.56 -12.22
N TYR A 94 24.98 -3.63 -11.59
CA TYR A 94 23.61 -3.77 -11.12
C TYR A 94 22.90 -2.45 -10.76
N GLY A 95 23.36 -1.78 -9.71
CA GLY A 95 22.72 -0.58 -9.22
C GLY A 95 22.67 0.56 -10.21
N VAL A 96 23.73 0.77 -10.97
CA VAL A 96 23.72 1.79 -12.01
C VAL A 96 22.60 1.53 -13.01
N GLN A 97 22.39 0.26 -13.36
CA GLN A 97 21.38 -0.08 -14.34
C GLN A 97 19.98 -0.01 -13.71
N TRP A 98 19.86 -0.41 -12.45
CA TRP A 98 18.57 -0.39 -11.77
C TRP A 98 18.03 1.04 -11.69
N ARG A 99 18.94 1.99 -11.46
CA ARG A 99 18.54 3.33 -11.05
C ARG A 99 18.72 4.37 -12.14
N SER A 100 19.58 4.08 -13.12
CA SER A 100 19.94 5.05 -14.12
C SER A 100 20.45 4.42 -15.41
N TRP A 101 19.65 3.51 -15.93
CA TRP A 101 19.90 2.93 -17.25
C TRP A 101 19.91 4.04 -18.30
N PRO A 102 21.05 4.25 -18.97
CA PRO A 102 21.21 5.33 -19.97
C PRO A 102 20.49 5.01 -21.27
N ALA A 103 19.40 5.71 -21.58
CA ALA A 103 18.75 5.59 -22.87
C ALA A 103 19.48 6.47 -23.90
N PRO A 104 19.37 6.12 -25.20
CA PRO A 104 20.06 6.85 -26.28
C PRO A 104 19.75 8.35 -26.27
N SER A 105 18.58 8.69 -25.72
CA SER A 105 18.10 10.07 -25.64
C SER A 105 18.87 10.94 -24.64
N GLY A 106 19.68 10.32 -23.79
CA GLY A 106 20.41 11.06 -22.77
C GLY A 106 19.68 11.07 -21.45
N GLU A 107 18.51 10.46 -21.42
CA GLU A 107 17.78 10.26 -20.17
C GLU A 107 18.28 9.02 -19.44
N HIS A 108 18.25 9.07 -18.12
CA HIS A 108 18.55 7.92 -17.30
C HIS A 108 17.24 7.46 -16.73
N ILE A 109 16.98 6.16 -16.86
CA ILE A 109 15.70 5.58 -16.45
C ILE A 109 15.84 4.86 -15.12
N ASP A 110 15.07 5.31 -14.14
CA ASP A 110 15.00 4.69 -12.82
C ASP A 110 13.98 3.55 -12.85
N GLN A 111 14.45 2.34 -13.14
CA GLN A 111 13.58 1.18 -13.26
C GLN A 111 12.90 0.79 -11.94
N ILE A 112 13.60 1.03 -10.83
CA ILE A 112 13.03 0.68 -9.51
C ILE A 112 11.81 1.57 -9.19
N SER A 113 11.93 2.87 -9.42
CA SER A 113 10.79 3.75 -9.22
C SER A 113 9.66 3.40 -10.17
N ALA A 114 10.02 3.10 -11.42
CA ALA A 114 9.03 2.78 -12.45
C ALA A 114 8.24 1.52 -12.07
N ALA A 115 8.96 0.56 -11.53
CA ALA A 115 8.36 -0.71 -11.15
C ALA A 115 7.39 -0.50 -10.00
N LEU A 116 7.87 0.21 -8.97
CA LEU A 116 7.03 0.50 -7.83
C LEU A 116 5.80 1.28 -8.27
N ASP A 117 6.00 2.22 -9.19
CA ASP A 117 4.90 3.06 -9.70
C ASP A 117 3.83 2.19 -10.37
N LEU A 118 4.27 1.15 -11.09
CA LEU A 118 3.34 0.21 -11.69
C LEU A 118 2.63 -0.67 -10.65
N LEU A 119 3.33 -1.06 -9.58
CA LEU A 119 2.71 -1.92 -8.57
C LEU A 119 1.55 -1.18 -7.89
N ARG A 120 1.72 0.14 -7.76
CA ARG A 120 0.74 1.00 -7.11
C ARG A 120 -0.44 1.36 -8.00
N THR A 121 -0.19 1.70 -9.26
CA THR A 121 -1.22 2.20 -10.19
C THR A 121 -1.79 1.18 -11.19
N ASP A 122 -1.04 0.10 -11.46
CA ASP A 122 -1.48 -0.92 -12.41
C ASP A 122 -0.83 -2.28 -12.09
N PRO A 123 -1.25 -2.91 -10.98
CA PRO A 123 -0.69 -4.17 -10.44
C PRO A 123 -0.91 -5.35 -11.38
N ASP A 124 -1.91 -5.26 -12.25
CA ASP A 124 -2.17 -6.36 -13.17
C ASP A 124 -1.25 -6.35 -14.41
N SER A 125 -0.37 -5.35 -14.48
CA SER A 125 0.56 -5.20 -15.59
C SER A 125 1.51 -6.41 -15.74
N ARG A 126 1.71 -6.82 -16.98
CA ARG A 126 2.60 -7.91 -17.32
C ARG A 126 4.00 -7.40 -17.73
N ARG A 127 4.25 -6.13 -17.42
CA ARG A 127 5.47 -5.43 -17.82
C ARG A 127 6.26 -4.88 -16.63
N ILE A 128 5.98 -5.36 -15.42
CA ILE A 128 6.71 -4.86 -14.24
C ILE A 128 8.09 -5.52 -14.16
N ILE A 129 9.01 -5.00 -14.96
CA ILE A 129 10.32 -5.58 -15.18
C ILE A 129 11.47 -4.63 -14.80
N VAL A 130 12.50 -5.21 -14.20
CA VAL A 130 13.78 -4.54 -14.02
C VAL A 130 14.87 -5.42 -14.67
N SER A 131 15.67 -4.83 -15.55
CA SER A 131 16.77 -5.56 -16.16
C SER A 131 18.08 -4.88 -15.90
N ALA A 132 19.06 -5.69 -15.47
CA ALA A 132 20.42 -5.21 -15.34
C ALA A 132 21.24 -5.60 -16.59
N TRP A 133 20.63 -6.34 -17.52
CA TRP A 133 21.34 -6.81 -18.72
C TRP A 133 21.34 -5.76 -19.85
N ASN A 134 22.23 -4.79 -19.69
CA ASN A 134 22.37 -3.71 -20.65
C ASN A 134 23.43 -4.09 -21.69
N VAL A 135 22.96 -4.71 -22.77
CA VAL A 135 23.83 -5.25 -23.79
C VAL A 135 24.92 -4.26 -24.15
N GLY A 136 24.56 -2.99 -24.25
CA GLY A 136 25.49 -1.95 -24.66
C GLY A 136 26.55 -1.60 -23.64
N GLU A 137 26.34 -2.00 -22.38
CA GLU A 137 27.29 -1.63 -21.33
C GLU A 137 28.00 -2.79 -20.62
N ILE A 138 27.66 -4.03 -20.98
CA ILE A 138 28.32 -5.22 -20.42
C ILE A 138 29.86 -5.14 -20.39
N GLU A 139 30.46 -4.70 -21.49
CA GLU A 139 31.91 -4.72 -21.63
C GLU A 139 32.65 -3.79 -20.68
N ARG A 140 31.95 -2.76 -20.21
CA ARG A 140 32.56 -1.83 -19.25
C ARG A 140 32.36 -2.31 -17.80
N MET A 141 31.59 -3.35 -17.58
CA MET A 141 31.39 -3.86 -16.22
C MET A 141 32.53 -4.79 -15.82
N ALA A 142 32.83 -4.84 -14.53
CA ALA A 142 33.88 -5.73 -14.03
C ALA A 142 33.46 -7.18 -14.20
N LEU A 143 32.17 -7.45 -14.06
CA LEU A 143 31.59 -8.75 -14.28
C LEU A 143 30.20 -8.55 -14.86
N PRO A 144 29.82 -9.36 -15.85
CA PRO A 144 28.45 -9.17 -16.33
C PRO A 144 27.49 -9.55 -15.22
N PRO A 145 26.28 -8.96 -15.19
CA PRO A 145 25.36 -9.32 -14.10
C PRO A 145 25.09 -10.85 -14.03
N CYS A 146 25.03 -11.42 -12.84
CA CYS A 146 24.63 -12.82 -12.72
C CYS A 146 23.11 -12.86 -12.55
N HIS A 147 22.60 -12.05 -11.62
CA HIS A 147 21.16 -11.91 -11.42
C HIS A 147 20.71 -10.77 -12.35
N ALA A 148 20.18 -11.17 -13.50
CA ALA A 148 20.21 -10.33 -14.68
C ALA A 148 18.93 -9.55 -14.93
N PHE A 149 17.82 -10.10 -14.49
CA PHE A 149 16.56 -9.68 -15.02
C PHE A 149 15.51 -10.17 -14.03
N PHE A 150 14.60 -9.30 -13.61
CA PHE A 150 13.55 -9.73 -12.71
C PHE A 150 12.18 -9.11 -12.97
N GLN A 151 11.12 -9.82 -12.61
CA GLN A 151 9.76 -9.41 -12.93
C GLN A 151 8.86 -9.58 -11.70
N PHE A 152 8.01 -8.58 -11.44
CA PHE A 152 7.01 -8.67 -10.39
C PHE A 152 5.63 -9.01 -10.92
N TYR A 153 4.83 -9.58 -10.03
CA TYR A 153 3.50 -10.09 -10.32
C TYR A 153 2.64 -9.86 -9.07
N VAL A 154 1.36 -9.53 -9.27
CA VAL A 154 0.44 -9.35 -8.15
C VAL A 154 -0.81 -10.20 -8.30
N ALA A 155 -1.19 -10.91 -7.24
CA ALA A 155 -2.41 -11.71 -7.27
C ALA A 155 -3.09 -11.61 -5.91
N ASP A 156 -4.29 -11.03 -5.92
CA ASP A 156 -5.06 -10.88 -4.70
C ASP A 156 -4.25 -10.20 -3.60
N GLY A 157 -3.65 -9.07 -3.95
CA GLY A 157 -2.96 -8.25 -2.96
C GLY A 157 -1.59 -8.76 -2.57
N ARG A 158 -1.13 -9.85 -3.21
CA ARG A 158 0.15 -10.46 -2.89
C ARG A 158 1.17 -10.30 -3.99
N LEU A 159 2.37 -9.88 -3.61
CA LEU A 159 3.45 -9.64 -4.57
C LEU A 159 4.41 -10.83 -4.71
N SER A 160 4.54 -11.32 -5.94
CA SER A 160 5.51 -12.35 -6.27
C SER A 160 6.61 -11.77 -7.16
N CYS A 161 7.80 -12.36 -7.07
CA CYS A 161 8.94 -11.87 -7.81
C CYS A 161 9.62 -13.06 -8.43
N GLN A 162 9.90 -12.98 -9.71
CA GLN A 162 10.74 -13.99 -10.34
C GLN A 162 12.03 -13.37 -10.87
N LEU A 163 13.13 -14.06 -10.60
CA LEU A 163 14.46 -13.64 -11.00
C LEU A 163 15.01 -14.65 -11.99
N TYR A 164 15.60 -14.15 -13.09
CA TYR A 164 16.39 -14.96 -14.01
C TYR A 164 17.86 -14.71 -13.71
N GLN A 165 18.52 -15.71 -13.16
CA GLN A 165 19.95 -15.65 -12.86
C GLN A 165 20.72 -16.54 -13.87
N ARG A 166 21.47 -15.91 -14.78
CA ARG A 166 22.08 -16.60 -15.91
C ARG A 166 23.23 -17.51 -15.47
N SER A 167 23.79 -17.20 -14.32
CA SER A 167 24.98 -17.87 -13.80
C SER A 167 24.93 -17.90 -12.28
N ALA A 168 25.02 -19.10 -11.73
CA ALA A 168 24.64 -19.36 -10.35
C ALA A 168 25.71 -20.18 -9.65
N ASP A 169 26.61 -19.52 -8.93
CA ASP A 169 27.56 -20.22 -8.06
C ASP A 169 26.76 -20.69 -6.83
N LEU A 170 26.40 -21.97 -6.79
CA LEU A 170 25.38 -22.47 -5.88
C LEU A 170 25.75 -22.42 -4.41
N PHE A 171 27.02 -22.74 -4.11
CA PHE A 171 27.45 -22.69 -2.71
C PHE A 171 27.65 -21.24 -2.23
N LEU A 172 28.34 -20.44 -3.03
CA LEU A 172 28.76 -19.11 -2.59
C LEU A 172 27.69 -18.07 -2.83
N GLY A 173 27.41 -17.77 -4.09
CA GLY A 173 26.58 -16.64 -4.46
C GLY A 173 25.11 -16.84 -4.25
N VAL A 174 24.60 -18.01 -4.65
CA VAL A 174 23.14 -18.24 -4.60
C VAL A 174 22.48 -18.00 -3.22
N PRO A 175 23.04 -18.54 -2.11
CA PRO A 175 22.41 -18.19 -0.82
C PRO A 175 22.27 -16.67 -0.59
N PHE A 176 23.24 -15.89 -1.05
CA PHE A 176 23.17 -14.43 -0.96
C PHE A 176 22.04 -13.87 -1.86
N ASN A 177 21.98 -14.38 -3.08
CA ASN A 177 21.03 -13.93 -4.11
C ASN A 177 19.57 -14.17 -3.70
N ILE A 178 19.33 -15.34 -3.09
CA ILE A 178 18.00 -15.68 -2.64
C ILE A 178 17.57 -14.68 -1.55
N ALA A 179 18.42 -14.47 -0.55
CA ALA A 179 18.07 -13.60 0.56
C ALA A 179 17.90 -12.17 0.05
N SER A 180 18.78 -11.77 -0.87
CA SER A 180 18.77 -10.42 -1.42
C SER A 180 17.42 -10.12 -2.06
N TYR A 181 17.00 -10.98 -2.97
CA TYR A 181 15.73 -10.81 -3.68
C TYR A 181 14.48 -11.00 -2.79
N ALA A 182 14.55 -11.89 -1.80
CA ALA A 182 13.44 -11.97 -0.86
C ALA A 182 13.30 -10.65 -0.06
N LEU A 183 14.42 -10.14 0.45
CA LEU A 183 14.48 -8.82 1.07
C LEU A 183 13.91 -7.72 0.15
N LEU A 184 14.34 -7.72 -1.11
CA LEU A 184 13.87 -6.74 -2.07
C LEU A 184 12.35 -6.85 -2.21
N THR A 185 11.84 -8.07 -2.21
CA THR A 185 10.42 -8.27 -2.41
C THR A 185 9.59 -7.74 -1.25
N HIS A 186 10.14 -7.92 -0.04
CA HIS A 186 9.56 -7.33 1.17
C HIS A 186 9.53 -5.81 1.11
N MET A 187 10.65 -5.21 0.71
CA MET A 187 10.73 -3.75 0.61
C MET A 187 9.74 -3.19 -0.43
N MET A 188 9.72 -3.81 -1.61
CA MET A 188 8.81 -3.43 -2.68
C MET A 188 7.35 -3.61 -2.22
N ALA A 189 7.05 -4.72 -1.54
CA ALA A 189 5.69 -4.97 -1.09
C ALA A 189 5.26 -3.90 -0.09
N ALA A 190 6.12 -3.62 0.86
CA ALA A 190 5.86 -2.63 1.90
C ALA A 190 5.56 -1.28 1.25
N GLN A 191 6.37 -0.91 0.26
CA GLN A 191 6.22 0.39 -0.39
C GLN A 191 5.03 0.46 -1.32
N ALA A 192 4.51 -0.69 -1.72
CA ALA A 192 3.38 -0.73 -2.67
C ALA A 192 2.04 -1.02 -1.97
N GLY A 193 2.08 -1.29 -0.68
CA GLY A 193 0.88 -1.67 0.05
C GLY A 193 0.36 -3.04 -0.30
N LEU A 194 1.28 -3.97 -0.49
CA LEU A 194 0.96 -5.37 -0.77
C LEU A 194 1.60 -6.28 0.28
N SER A 195 1.12 -7.51 0.35
CA SER A 195 1.79 -8.53 1.16
C SER A 195 2.63 -9.43 0.23
N VAL A 196 3.54 -10.23 0.80
CA VAL A 196 4.46 -11.02 -0.02
C VAL A 196 3.85 -12.35 -0.49
N GLY A 197 4.18 -12.73 -1.71
CA GLY A 197 3.72 -13.97 -2.26
C GLY A 197 4.90 -14.90 -2.43
N GLU A 198 5.19 -15.24 -3.67
CA GLU A 198 6.24 -16.19 -3.98
C GLU A 198 7.49 -15.50 -4.51
N PHE A 199 8.61 -16.07 -4.15
CA PHE A 199 9.82 -15.77 -4.87
C PHE A 199 10.18 -16.99 -5.73
N ILE A 200 10.30 -16.79 -7.03
CA ILE A 200 10.67 -17.85 -7.96
C ILE A 200 12.06 -17.50 -8.49
N TRP A 201 12.99 -18.43 -8.29
CA TRP A 201 14.37 -18.31 -8.78
C TRP A 201 14.55 -19.23 -9.97
N THR A 202 14.87 -18.63 -11.09
CA THR A 202 15.07 -19.39 -12.33
C THR A 202 16.51 -19.21 -12.78
N GLY A 203 17.24 -20.30 -12.88
CA GLY A 203 18.65 -20.20 -13.19
C GLY A 203 19.04 -20.73 -14.56
N GLY A 204 20.04 -20.11 -15.16
CA GLY A 204 20.61 -20.63 -16.38
C GLY A 204 21.64 -21.69 -16.00
N ASP A 205 22.93 -21.31 -16.09
CA ASP A 205 24.01 -22.18 -15.70
C ASP A 205 24.12 -22.29 -14.18
N CYS A 206 23.62 -23.41 -13.64
CA CYS A 206 23.63 -23.66 -12.21
C CYS A 206 24.77 -24.61 -11.82
N HIS A 207 25.81 -24.08 -11.17
CA HIS A 207 27.02 -24.89 -10.94
C HIS A 207 27.49 -25.00 -9.49
N ILE A 208 28.09 -26.15 -9.19
CA ILE A 208 28.94 -26.32 -8.03
C ILE A 208 30.43 -26.37 -8.44
N TYR A 209 31.21 -25.47 -7.89
CA TYR A 209 32.63 -25.48 -8.14
C TYR A 209 33.29 -26.72 -7.55
N ASP A 210 34.23 -27.29 -8.31
CA ASP A 210 34.96 -28.51 -7.90
C ASP A 210 35.62 -28.41 -6.53
N ASN A 211 35.96 -27.19 -6.10
CA ASN A 211 36.61 -27.01 -4.81
C ASN A 211 35.64 -26.68 -3.68
N HIS A 212 34.36 -27.01 -3.86
CA HIS A 212 33.33 -26.76 -2.83
C HIS A 212 32.61 -28.05 -2.48
N VAL A 213 32.96 -29.14 -3.15
CA VAL A 213 32.34 -30.44 -2.95
C VAL A 213 32.26 -30.91 -1.48
N GLU A 214 33.36 -30.79 -0.72
CA GLU A 214 33.32 -31.16 0.69
C GLU A 214 32.38 -30.21 1.45
N GLN A 215 32.54 -28.90 1.25
CA GLN A 215 31.70 -27.94 1.95
C GLN A 215 30.22 -28.27 1.69
N VAL A 216 29.90 -28.57 0.43
CA VAL A 216 28.53 -28.95 0.07
C VAL A 216 28.06 -30.23 0.76
N ARG A 217 28.84 -31.30 0.66
CA ARG A 217 28.42 -32.53 1.30
C ARG A 217 28.13 -32.34 2.79
N LEU A 218 28.90 -31.46 3.44
CA LEU A 218 28.71 -31.21 4.86
C LEU A 218 27.39 -30.52 5.07
N GLN A 219 27.07 -29.59 4.18
CA GLN A 219 25.86 -28.80 4.33
C GLN A 219 24.60 -29.65 4.14
N LEU A 220 24.68 -30.57 3.18
CA LEU A 220 23.59 -31.50 2.88
C LEU A 220 23.37 -32.54 3.99
N SER A 221 24.33 -32.67 4.91
CA SER A 221 24.21 -33.64 5.98
C SER A 221 23.47 -33.06 7.18
N ARG A 222 23.11 -31.79 7.06
CA ARG A 222 22.48 -31.08 8.16
C ARG A 222 20.96 -30.96 8.02
N GLU A 223 20.26 -31.11 9.14
CA GLU A 223 18.81 -31.03 9.18
C GLU A 223 18.40 -29.56 9.20
N PRO A 224 17.55 -29.16 8.23
CA PRO A 224 17.05 -27.79 8.14
C PRO A 224 16.22 -27.40 9.37
N ARG A 225 16.20 -26.10 9.67
CA ARG A 225 15.47 -25.61 10.82
C ARG A 225 14.45 -24.56 10.40
N PRO A 226 13.57 -24.16 11.31
CA PRO A 226 12.56 -23.14 10.99
C PRO A 226 13.17 -21.87 10.39
N TYR A 227 12.64 -21.40 9.27
CA TYR A 227 13.09 -20.13 8.70
C TYR A 227 12.87 -18.98 9.67
N PRO A 228 13.73 -17.95 9.61
CA PRO A 228 13.50 -16.76 10.44
C PRO A 228 12.37 -15.87 9.88
N LYS A 229 12.05 -14.78 10.57
CA LYS A 229 11.00 -13.89 10.14
C LYS A 229 11.58 -12.50 9.87
N LEU A 230 11.17 -11.88 8.77
CA LEU A 230 11.69 -10.58 8.40
C LEU A 230 10.78 -9.46 8.89
N LEU A 231 11.35 -8.45 9.54
CA LEU A 231 10.57 -7.26 9.86
C LEU A 231 11.28 -6.02 9.36
N LEU A 232 10.48 -5.01 9.04
CA LEU A 232 10.95 -3.77 8.45
C LEU A 232 10.36 -2.58 9.19
N ALA A 233 11.18 -1.59 9.49
CA ALA A 233 10.64 -0.34 10.00
C ALA A 233 9.94 0.41 8.87
N ASP A 234 9.11 1.36 9.27
CA ASP A 234 8.34 2.15 8.32
C ASP A 234 9.19 3.26 7.69
N ARG A 235 9.10 3.42 6.37
CA ARG A 235 9.82 4.49 5.65
C ARG A 235 8.94 5.06 4.53
N ASP A 236 9.25 6.29 4.12
CA ASP A 236 8.55 7.04 3.06
C ASP A 236 8.82 6.50 1.65
N SER A 237 9.97 5.87 1.49
CA SER A 237 10.52 5.57 0.19
C SER A 237 11.45 4.35 0.31
N ILE A 238 11.54 3.55 -0.75
CA ILE A 238 12.44 2.39 -0.72
C ILE A 238 13.90 2.84 -0.56
N PHE A 239 14.19 4.01 -1.11
CA PHE A 239 15.54 4.58 -1.07
C PHE A 239 15.96 5.12 0.30
N GLU A 240 15.02 5.16 1.24
CA GLU A 240 15.31 5.59 2.61
C GLU A 240 15.53 4.46 3.65
N TYR A 241 15.28 3.21 3.29
CA TYR A 241 15.61 2.12 4.21
C TYR A 241 17.09 2.16 4.56
N THR A 242 17.40 1.83 5.80
CA THR A 242 18.77 1.66 6.26
C THR A 242 18.93 0.28 6.84
N TYR A 243 20.18 -0.13 7.06
CA TYR A 243 20.47 -1.41 7.66
C TYR A 243 19.69 -1.61 8.94
N GLU A 244 19.62 -0.55 9.75
CA GLU A 244 18.94 -0.57 11.03
C GLU A 244 17.42 -0.68 10.91
N ASP A 245 16.87 -0.53 9.72
CA ASP A 245 15.41 -0.65 9.55
C ASP A 245 14.99 -2.10 9.37
N ILE A 246 15.98 -2.99 9.40
CA ILE A 246 15.75 -4.38 9.13
C ILE A 246 16.07 -5.27 10.33
N VAL A 247 15.11 -6.13 10.67
CA VAL A 247 15.35 -7.16 11.68
C VAL A 247 15.03 -8.57 11.17
N VAL A 248 15.91 -9.51 11.50
CA VAL A 248 15.70 -10.91 11.20
C VAL A 248 15.49 -11.61 12.53
N LYS A 249 14.27 -12.07 12.75
CA LYS A 249 13.89 -12.63 14.06
C LYS A 249 14.01 -14.14 14.02
N ASN A 250 14.51 -14.73 15.10
CA ASN A 250 14.55 -16.19 15.24
C ASN A 250 15.34 -16.90 14.15
N TYR A 251 16.54 -16.39 13.87
CA TYR A 251 17.43 -17.00 12.90
C TYR A 251 18.34 -17.91 13.68
N ASP A 252 18.27 -19.20 13.40
CA ASP A 252 18.97 -20.15 14.23
C ASP A 252 19.70 -21.16 13.36
N PRO A 253 20.75 -20.72 12.64
CA PRO A 253 21.40 -21.57 11.63
C PRO A 253 22.40 -22.53 12.23
N HIS A 254 22.70 -23.60 11.49
CA HIS A 254 23.87 -24.44 11.77
C HIS A 254 25.11 -23.56 11.57
N PRO A 255 26.28 -24.03 12.03
CA PRO A 255 27.47 -23.19 11.94
C PRO A 255 27.80 -22.75 10.52
N ALA A 256 28.59 -21.68 10.40
CA ALA A 256 29.05 -21.18 9.11
C ALA A 256 29.96 -22.20 8.46
N ILE A 257 29.99 -22.21 7.13
CA ILE A 257 30.90 -23.06 6.40
C ILE A 257 31.76 -22.17 5.52
N LYS A 258 33.03 -22.03 5.88
CA LYS A 258 33.97 -21.18 5.16
C LYS A 258 34.20 -21.59 3.70
N ALA A 259 34.24 -20.61 2.81
CA ALA A 259 34.59 -20.85 1.42
C ALA A 259 36.09 -21.09 1.32
N PRO A 260 36.47 -22.06 0.48
CA PRO A 260 37.87 -22.43 0.23
C PRO A 260 38.68 -21.31 -0.41
N VAL A 261 39.96 -21.25 -0.04
CA VAL A 261 40.91 -20.28 -0.56
C VAL A 261 41.76 -20.88 -1.69
N MET B 1 5.00 -37.15 -23.34
CA MET B 1 5.53 -35.86 -22.92
C MET B 1 4.79 -34.71 -23.57
N THR B 2 3.89 -34.10 -22.79
CA THR B 2 3.14 -32.93 -23.21
C THR B 2 3.22 -31.79 -22.17
N PRO B 3 4.37 -31.11 -22.13
CA PRO B 3 4.52 -30.00 -21.18
C PRO B 3 3.54 -28.88 -21.49
N TYR B 4 3.31 -28.58 -22.76
CA TYR B 4 2.37 -27.52 -23.09
C TYR B 4 0.94 -27.78 -22.61
N GLU B 5 0.38 -28.92 -22.99
CA GLU B 5 -1.00 -29.25 -22.60
C GLU B 5 -1.12 -29.42 -21.09
N ASP B 6 -0.07 -29.90 -20.44
CA ASP B 6 -0.13 -30.04 -18.98
C ASP B 6 -0.26 -28.65 -18.38
N LEU B 7 0.59 -27.74 -18.83
CA LEU B 7 0.59 -26.39 -18.30
C LEU B 7 -0.76 -25.73 -18.61
N LEU B 8 -1.25 -25.94 -19.82
CA LEU B 8 -2.52 -25.38 -20.23
C LEU B 8 -3.62 -25.83 -19.25
N ARG B 9 -3.63 -27.13 -18.97
CA ARG B 9 -4.61 -27.71 -18.08
C ARG B 9 -4.47 -27.11 -16.67
N PHE B 10 -3.22 -26.95 -16.26
CA PHE B 10 -2.88 -26.51 -14.92
C PHE B 10 -3.34 -25.08 -14.66
N VAL B 11 -3.14 -24.17 -15.62
CA VAL B 11 -3.62 -22.79 -15.47
C VAL B 11 -5.15 -22.76 -15.46
N LEU B 12 -5.77 -23.48 -16.39
CA LEU B 12 -7.23 -23.57 -16.44
C LEU B 12 -7.85 -24.00 -15.11
N GLU B 13 -7.20 -24.95 -14.44
CA GLU B 13 -7.73 -25.53 -13.22
C GLU B 13 -7.38 -24.78 -11.96
N THR B 14 -6.19 -24.17 -11.91
CA THR B 14 -5.67 -23.59 -10.66
C THR B 14 -5.20 -22.15 -10.80
N GLY B 15 -5.37 -21.56 -11.97
CA GLY B 15 -4.92 -20.19 -12.14
C GLY B 15 -5.90 -19.18 -11.53
N THR B 16 -5.41 -18.00 -11.16
CA THR B 16 -6.25 -17.04 -10.50
C THR B 16 -6.88 -16.05 -11.52
N PRO B 17 -8.18 -15.74 -11.34
CA PRO B 17 -8.89 -14.81 -12.23
C PRO B 17 -8.25 -13.44 -12.14
N LYS B 18 -8.07 -12.75 -13.26
CA LYS B 18 -7.21 -11.57 -13.27
C LYS B 18 -7.49 -10.65 -14.45
N SER B 19 -7.68 -9.37 -14.15
CA SER B 19 -7.88 -8.35 -15.19
C SER B 19 -6.60 -8.02 -15.96
N ASP B 20 -6.76 -7.44 -17.15
CA ASP B 20 -5.60 -7.15 -17.97
C ASP B 20 -5.80 -5.99 -18.94
N ARG B 21 -4.67 -5.56 -19.51
CA ARG B 21 -4.57 -4.47 -20.48
C ARG B 21 -5.59 -4.47 -21.62
N THR B 22 -5.75 -5.61 -22.30
CA THR B 22 -6.67 -5.68 -23.44
C THR B 22 -8.13 -5.53 -23.02
N GLY B 23 -8.40 -5.64 -21.72
CA GLY B 23 -9.76 -5.60 -21.19
C GLY B 23 -10.51 -6.93 -21.24
N THR B 24 -9.90 -7.92 -21.89
CA THR B 24 -10.53 -9.22 -22.13
C THR B 24 -10.83 -10.00 -20.85
N GLY B 25 -9.87 -10.02 -19.93
CA GLY B 25 -9.94 -10.85 -18.74
C GLY B 25 -9.22 -12.17 -18.94
N THR B 26 -8.46 -12.60 -17.92
CA THR B 26 -7.71 -13.84 -18.01
C THR B 26 -7.82 -14.69 -16.77
N ARG B 27 -7.28 -15.91 -16.85
CA ARG B 27 -6.95 -16.73 -15.69
C ARG B 27 -5.45 -17.02 -15.77
N SER B 28 -4.75 -16.88 -14.66
CA SER B 28 -3.30 -16.66 -14.73
C SER B 28 -2.48 -17.33 -13.62
N LEU B 29 -1.27 -17.77 -13.98
CA LEU B 29 -0.26 -18.22 -13.03
C LEU B 29 1.06 -17.49 -13.32
N PHE B 30 1.95 -17.43 -12.33
CA PHE B 30 3.23 -16.76 -12.50
C PHE B 30 4.38 -17.76 -12.38
N GLY B 31 5.45 -17.55 -13.15
CA GLY B 31 6.64 -18.37 -13.04
C GLY B 31 6.57 -19.85 -13.39
N GLN B 32 5.92 -20.20 -14.50
CA GLN B 32 5.76 -21.62 -14.89
C GLN B 32 6.78 -22.04 -15.96
N GLN B 33 7.18 -23.31 -15.91
CA GLN B 33 8.23 -23.78 -16.80
C GLN B 33 7.75 -24.95 -17.65
N MET B 34 8.24 -25.05 -18.89
CA MET B 34 8.11 -26.26 -19.71
C MET B 34 9.48 -26.68 -20.23
N ARG B 35 9.74 -27.98 -20.29
CA ARG B 35 10.98 -28.49 -20.88
C ARG B 35 10.68 -29.43 -22.01
N TYR B 36 11.40 -29.27 -23.11
CA TYR B 36 11.31 -30.17 -24.25
C TYR B 36 12.67 -30.74 -24.56
N ASP B 37 12.75 -32.05 -24.77
CA ASP B 37 13.98 -32.65 -25.27
C ASP B 37 13.94 -32.59 -26.78
N LEU B 38 14.75 -31.73 -27.38
CA LEU B 38 14.65 -31.46 -28.82
C LEU B 38 15.20 -32.62 -29.63
N SER B 39 15.93 -33.50 -28.97
CA SER B 39 16.46 -34.66 -29.64
C SER B 39 15.37 -35.71 -29.77
N ALA B 40 14.29 -35.56 -29.01
CA ALA B 40 13.21 -36.55 -29.08
C ALA B 40 12.18 -36.21 -30.17
N GLY B 41 12.15 -34.94 -30.57
CA GLY B 41 11.18 -34.48 -31.55
C GLY B 41 11.06 -32.98 -31.59
N PHE B 42 10.53 -32.46 -32.68
CA PHE B 42 10.33 -31.02 -32.82
C PHE B 42 8.96 -30.63 -32.23
N PRO B 43 8.95 -29.72 -31.23
CA PRO B 43 7.76 -29.41 -30.43
C PRO B 43 6.78 -28.53 -31.18
N LEU B 44 6.38 -28.95 -32.38
CA LEU B 44 5.24 -28.32 -33.04
C LEU B 44 4.01 -29.08 -32.58
N LEU B 45 3.14 -28.43 -31.82
CA LEU B 45 1.99 -29.13 -31.20
C LEU B 45 1.15 -29.94 -32.18
N THR B 46 0.64 -31.08 -31.72
CA THR B 46 -0.23 -31.90 -32.58
C THR B 46 -1.67 -31.87 -32.11
N THR B 47 -1.93 -31.24 -30.97
CA THR B 47 -3.28 -31.20 -30.45
C THR B 47 -4.16 -30.17 -31.17
N LYS B 48 -3.51 -29.35 -32.00
CA LYS B 48 -4.17 -28.50 -32.99
C LYS B 48 -3.15 -28.20 -34.07
N LYS B 49 -3.64 -27.86 -35.27
CA LYS B 49 -2.77 -27.49 -36.39
C LYS B 49 -2.17 -26.11 -36.16
N VAL B 50 -0.86 -26.04 -36.09
CA VAL B 50 -0.18 -24.77 -35.88
C VAL B 50 0.37 -24.27 -37.21
N HIS B 51 0.09 -23.02 -37.59
CA HIS B 51 0.59 -22.50 -38.87
C HIS B 51 2.10 -22.30 -38.84
N PHE B 52 2.87 -23.38 -39.10
CA PHE B 52 4.31 -23.31 -39.02
C PHE B 52 4.91 -22.30 -39.99
N LYS B 53 4.27 -22.11 -41.13
CA LYS B 53 4.77 -21.17 -42.11
C LYS B 53 4.86 -19.77 -41.49
N SER B 54 3.81 -19.34 -40.81
CA SER B 54 3.86 -18.06 -40.11
C SER B 54 5.04 -18.05 -39.13
N VAL B 55 5.20 -19.16 -38.41
CA VAL B 55 6.27 -19.29 -37.42
C VAL B 55 7.64 -19.13 -38.02
N ALA B 56 7.89 -19.80 -39.14
CA ALA B 56 9.22 -19.79 -39.75
C ALA B 56 9.56 -18.43 -40.36
N TYR B 57 8.59 -17.84 -41.06
CA TYR B 57 8.82 -16.54 -41.69
C TYR B 57 9.01 -15.47 -40.64
N GLU B 58 8.25 -15.53 -39.56
CA GLU B 58 8.47 -14.62 -38.44
C GLU B 58 9.92 -14.71 -37.94
N LEU B 59 10.42 -15.93 -37.76
CA LEU B 59 11.79 -16.10 -37.26
C LEU B 59 12.81 -15.58 -38.25
N LEU B 60 12.62 -15.87 -39.54
CA LEU B 60 13.55 -15.41 -40.55
C LEU B 60 13.53 -13.88 -40.58
N TRP B 61 12.34 -13.35 -40.33
CA TRP B 61 12.12 -11.90 -40.32
C TRP B 61 12.89 -11.22 -39.14
N PHE B 62 12.79 -11.80 -37.94
CA PHE B 62 13.62 -11.41 -36.79
C PHE B 62 15.11 -11.41 -37.16
N LEU B 63 15.58 -12.53 -37.74
CA LEU B 63 16.99 -12.70 -38.10
C LEU B 63 17.47 -11.65 -39.10
N ARG B 64 16.58 -11.22 -39.98
CA ARG B 64 16.89 -10.15 -40.93
C ARG B 64 17.11 -8.80 -40.24
N GLY B 65 16.58 -8.66 -39.02
CA GLY B 65 16.76 -7.45 -38.25
C GLY B 65 15.74 -6.39 -38.63
N ASP B 66 14.62 -6.81 -39.23
CA ASP B 66 13.63 -5.89 -39.78
C ASP B 66 12.70 -5.34 -38.72
N SER B 67 12.24 -4.11 -38.93
CA SER B 67 11.31 -3.46 -38.05
C SER B 67 10.00 -3.22 -38.81
N ASN B 68 10.03 -3.52 -40.11
CA ASN B 68 8.87 -3.27 -40.98
C ASN B 68 8.18 -4.56 -41.42
N ILE B 69 6.85 -4.61 -41.26
CA ILE B 69 6.07 -5.79 -41.59
C ILE B 69 6.19 -6.19 -43.06
N GLY B 70 6.78 -5.31 -43.86
CA GLY B 70 6.80 -5.50 -45.31
C GLY B 70 7.17 -6.90 -45.75
N TRP B 71 8.43 -7.26 -45.54
CA TRP B 71 8.94 -8.55 -45.96
C TRP B 71 8.02 -9.68 -45.51
N LEU B 72 7.41 -9.53 -44.33
CA LEU B 72 6.49 -10.53 -43.79
C LEU B 72 5.19 -10.60 -44.58
N HIS B 73 4.63 -9.43 -44.87
CA HIS B 73 3.39 -9.31 -45.62
C HIS B 73 3.55 -9.97 -46.98
N GLU B 74 4.65 -9.65 -47.66
CA GLU B 74 4.91 -10.17 -48.98
C GLU B 74 4.88 -11.69 -49.02
N HIS B 75 5.19 -12.32 -47.88
CA HIS B 75 5.22 -13.78 -47.80
C HIS B 75 3.94 -14.38 -47.21
N GLY B 76 2.86 -13.60 -47.24
CA GLY B 76 1.55 -14.07 -46.83
C GLY B 76 1.37 -14.27 -45.33
N VAL B 77 2.20 -13.60 -44.54
CA VAL B 77 2.13 -13.64 -43.07
C VAL B 77 1.60 -12.31 -42.51
N THR B 78 0.56 -12.38 -41.67
CA THR B 78 -0.25 -11.24 -41.29
C THR B 78 -0.32 -11.01 -39.78
N ILE B 79 0.42 -11.80 -39.01
CA ILE B 79 0.29 -11.75 -37.56
C ILE B 79 0.74 -10.43 -36.91
N TRP B 80 1.50 -9.62 -37.62
CA TRP B 80 1.94 -8.34 -37.05
C TRP B 80 1.30 -7.11 -37.70
N ASP B 81 0.52 -7.33 -38.75
CA ASP B 81 -0.16 -6.25 -39.47
C ASP B 81 -0.98 -5.33 -38.55
N GLU B 82 -1.73 -5.93 -37.63
CA GLU B 82 -2.58 -5.18 -36.74
C GLU B 82 -1.84 -4.16 -35.87
N TRP B 83 -0.56 -4.39 -35.62
CA TRP B 83 0.20 -3.53 -34.71
C TRP B 83 1.03 -2.48 -35.42
N ALA B 84 1.02 -2.52 -36.74
CA ALA B 84 1.91 -1.68 -37.53
C ALA B 84 1.36 -0.28 -37.78
N SER B 85 2.27 0.65 -37.99
CA SER B 85 1.91 2.01 -38.35
C SER B 85 1.40 2.04 -39.80
N ASP B 86 0.96 3.22 -40.25
CA ASP B 86 0.58 3.42 -41.64
C ASP B 86 1.70 3.01 -42.61
N THR B 87 2.95 3.21 -42.20
CA THR B 87 4.12 2.80 -43.00
C THR B 87 4.44 1.32 -42.81
N GLY B 88 3.77 0.66 -41.87
CA GLY B 88 4.04 -0.74 -41.57
C GLY B 88 5.19 -0.96 -40.59
N GLU B 89 5.51 0.11 -39.85
CA GLU B 89 6.63 0.11 -38.92
C GLU B 89 6.17 -0.31 -37.54
N LEU B 90 6.99 -1.09 -36.85
CA LEU B 90 6.67 -1.54 -35.49
C LEU B 90 7.59 -0.90 -34.44
N GLY B 91 8.51 -0.05 -34.88
CA GLY B 91 9.54 0.45 -34.00
C GLY B 91 10.60 -0.63 -33.79
N PRO B 92 11.49 -0.43 -32.80
CA PRO B 92 12.70 -1.24 -32.60
C PRO B 92 12.45 -2.53 -31.81
N ILE B 93 11.70 -3.44 -32.40
CA ILE B 93 11.25 -4.62 -31.67
C ILE B 93 12.24 -5.77 -31.85
N TYR B 94 11.82 -7.00 -31.55
CA TYR B 94 12.71 -8.17 -31.51
C TYR B 94 13.93 -8.07 -32.42
N GLY B 95 13.70 -8.10 -33.73
CA GLY B 95 14.76 -8.24 -34.71
C GLY B 95 15.79 -7.14 -34.68
N VAL B 96 15.34 -5.92 -34.39
CA VAL B 96 16.20 -4.76 -34.37
C VAL B 96 17.13 -4.86 -33.18
N GLN B 97 16.63 -5.40 -32.07
CA GLN B 97 17.47 -5.53 -30.88
C GLN B 97 18.45 -6.69 -31.05
N TRP B 98 17.99 -7.75 -31.71
CA TRP B 98 18.79 -8.97 -31.90
C TRP B 98 20.00 -8.69 -32.76
N ARG B 99 19.79 -7.94 -33.83
CA ARG B 99 20.82 -7.66 -34.83
C ARG B 99 21.53 -6.33 -34.67
N SER B 100 20.89 -5.38 -33.99
CA SER B 100 21.50 -4.04 -33.93
C SER B 100 21.10 -3.18 -32.74
N TRP B 101 21.42 -3.69 -31.55
CA TRP B 101 21.22 -2.98 -30.29
C TRP B 101 22.14 -1.77 -30.20
N PRO B 102 21.56 -0.59 -30.02
CA PRO B 102 22.36 0.63 -30.01
C PRO B 102 23.10 0.85 -28.69
N ALA B 103 24.44 0.82 -28.71
CA ALA B 103 25.24 1.13 -27.52
C ALA B 103 25.48 2.64 -27.39
N PRO B 104 25.74 3.12 -26.16
CA PRO B 104 25.84 4.57 -25.98
C PRO B 104 27.01 5.15 -26.77
N SER B 105 27.89 4.28 -27.25
CA SER B 105 29.04 4.70 -28.05
C SER B 105 28.69 5.05 -29.50
N GLY B 106 27.48 4.67 -29.92
CA GLY B 106 27.09 4.82 -31.32
C GLY B 106 27.18 3.49 -32.05
N GLU B 107 27.94 2.56 -31.50
CA GLU B 107 28.06 1.23 -32.10
C GLU B 107 26.73 0.46 -32.03
N HIS B 108 26.47 -0.37 -33.04
CA HIS B 108 25.30 -1.24 -33.05
C HIS B 108 25.73 -2.69 -32.88
N ILE B 109 25.13 -3.38 -31.92
CA ILE B 109 25.56 -4.71 -31.53
C ILE B 109 24.70 -5.83 -32.12
N ASP B 110 25.32 -6.67 -32.94
CA ASP B 110 24.68 -7.85 -33.48
C ASP B 110 24.75 -9.02 -32.47
N GLN B 111 23.80 -9.07 -31.54
CA GLN B 111 23.78 -10.12 -30.54
C GLN B 111 23.75 -11.53 -31.14
N ILE B 112 23.10 -11.70 -32.29
CA ILE B 112 22.97 -13.04 -32.84
C ILE B 112 24.36 -13.51 -33.22
N SER B 113 25.12 -12.65 -33.87
CA SER B 113 26.48 -13.02 -34.28
C SER B 113 27.39 -13.25 -33.06
N ALA B 114 27.21 -12.43 -32.03
CA ALA B 114 28.02 -12.54 -30.82
C ALA B 114 27.74 -13.86 -30.07
N ALA B 115 26.47 -14.28 -30.01
CA ALA B 115 26.13 -15.54 -29.38
C ALA B 115 26.71 -16.72 -30.17
N LEU B 116 26.62 -16.64 -31.49
CA LEU B 116 27.10 -17.71 -32.36
C LEU B 116 28.59 -17.87 -32.20
N ASP B 117 29.27 -16.72 -32.18
CA ASP B 117 30.69 -16.67 -31.95
C ASP B 117 31.08 -17.38 -30.65
N LEU B 118 30.36 -17.07 -29.57
CA LEU B 118 30.62 -17.72 -28.28
C LEU B 118 30.36 -19.23 -28.36
N LEU B 119 29.26 -19.63 -28.98
CA LEU B 119 28.95 -21.04 -29.15
C LEU B 119 30.07 -21.76 -29.89
N ARG B 120 30.69 -21.10 -30.86
CA ARG B 120 31.78 -21.69 -31.62
C ARG B 120 33.17 -21.67 -30.94
N THR B 121 33.53 -20.58 -30.28
CA THR B 121 34.88 -20.47 -29.74
C THR B 121 35.00 -20.60 -28.22
N ASP B 122 33.90 -20.41 -27.51
CA ASP B 122 33.90 -20.52 -26.06
C ASP B 122 32.59 -21.13 -25.58
N PRO B 123 32.28 -22.36 -26.00
CA PRO B 123 30.94 -22.92 -25.75
C PRO B 123 30.62 -23.08 -24.26
N ASP B 124 31.63 -23.04 -23.41
CA ASP B 124 31.42 -23.17 -21.96
C ASP B 124 30.99 -21.85 -21.30
N SER B 125 31.04 -20.75 -22.06
CA SER B 125 30.68 -19.44 -21.54
C SER B 125 29.33 -19.50 -20.88
N ARG B 126 29.20 -18.76 -19.79
CA ARG B 126 27.92 -18.64 -19.09
C ARG B 126 27.30 -17.29 -19.45
N ARG B 127 27.83 -16.66 -20.49
CA ARG B 127 27.36 -15.32 -20.88
C ARG B 127 26.71 -15.28 -22.26
N ILE B 128 26.27 -16.45 -22.76
CA ILE B 128 25.71 -16.55 -24.10
C ILE B 128 24.24 -16.16 -24.08
N ILE B 129 24.00 -14.85 -24.09
CA ILE B 129 22.69 -14.27 -23.88
C ILE B 129 22.28 -13.42 -25.06
N VAL B 130 21.00 -13.42 -25.39
CA VAL B 130 20.43 -12.43 -26.32
C VAL B 130 19.23 -11.79 -25.62
N SER B 131 19.20 -10.45 -25.61
CA SER B 131 18.11 -9.75 -24.92
C SER B 131 17.39 -8.78 -25.87
N ALA B 132 16.07 -8.86 -25.93
CA ALA B 132 15.27 -7.86 -26.63
C ALA B 132 14.80 -6.80 -25.64
N TRP B 133 14.95 -7.09 -24.35
CA TRP B 133 14.49 -6.14 -23.35
C TRP B 133 15.40 -4.93 -23.20
N ASN B 134 15.32 -4.02 -24.16
CA ASN B 134 16.13 -2.80 -24.15
C ASN B 134 15.33 -1.70 -23.47
N VAL B 135 15.64 -1.45 -22.21
CA VAL B 135 14.82 -0.57 -21.39
C VAL B 135 14.66 0.79 -22.06
N GLY B 136 15.76 1.36 -22.55
CA GLY B 136 15.75 2.66 -23.17
C GLY B 136 14.92 2.83 -24.44
N GLU B 137 14.45 1.74 -25.04
CA GLU B 137 13.74 1.77 -26.34
C GLU B 137 12.37 1.11 -26.34
N ILE B 138 11.99 0.51 -25.22
CA ILE B 138 10.64 -0.05 -25.07
C ILE B 138 9.51 0.92 -25.50
N GLU B 139 9.57 2.16 -25.04
CA GLU B 139 8.47 3.08 -25.34
C GLU B 139 8.26 3.28 -26.86
N ARG B 140 9.32 3.05 -27.64
CA ARG B 140 9.25 3.26 -29.09
C ARG B 140 8.66 2.05 -29.80
N MET B 141 8.48 0.98 -29.05
CA MET B 141 8.03 -0.26 -29.65
C MET B 141 6.50 -0.34 -29.71
N ALA B 142 5.98 -0.86 -30.81
CA ALA B 142 4.56 -1.14 -30.93
C ALA B 142 4.04 -1.91 -29.71
N LEU B 143 4.75 -2.97 -29.34
CA LEU B 143 4.44 -3.81 -28.19
C LEU B 143 5.75 -4.19 -27.50
N PRO B 144 5.77 -4.18 -26.15
CA PRO B 144 6.99 -4.63 -25.50
C PRO B 144 7.23 -6.09 -25.81
N PRO B 145 8.50 -6.52 -25.81
CA PRO B 145 8.86 -7.90 -26.18
C PRO B 145 8.25 -8.86 -25.19
N CYS B 146 7.59 -9.89 -25.70
CA CYS B 146 7.03 -10.94 -24.86
C CYS B 146 8.09 -11.99 -24.57
N HIS B 147 8.66 -12.58 -25.62
CA HIS B 147 9.81 -13.47 -25.48
C HIS B 147 11.02 -12.56 -25.38
N ALA B 148 11.48 -12.36 -24.14
CA ALA B 148 12.24 -11.14 -23.83
C ALA B 148 13.73 -11.28 -23.85
N PHE B 149 14.19 -12.50 -23.56
CA PHE B 149 15.53 -12.73 -23.07
C PHE B 149 15.79 -14.24 -23.19
N PHE B 150 16.89 -14.63 -23.83
CA PHE B 150 17.22 -16.05 -23.91
C PHE B 150 18.72 -16.35 -23.81
N GLN B 151 19.03 -17.57 -23.36
CA GLN B 151 20.40 -17.99 -23.06
C GLN B 151 20.65 -19.38 -23.65
N PHE B 152 21.87 -19.58 -24.15
CA PHE B 152 22.33 -20.87 -24.59
C PHE B 152 23.33 -21.51 -23.62
N TYR B 153 23.42 -22.83 -23.72
CA TYR B 153 24.21 -23.62 -22.82
C TYR B 153 24.67 -24.85 -23.60
N VAL B 154 25.90 -25.29 -23.35
CA VAL B 154 26.43 -26.41 -24.10
C VAL B 154 26.97 -27.49 -23.16
N ALA B 155 26.57 -28.73 -23.36
CA ALA B 155 27.19 -29.82 -22.62
C ALA B 155 27.28 -31.05 -23.51
N ASP B 156 28.48 -31.62 -23.58
CA ASP B 156 28.70 -32.84 -24.35
C ASP B 156 28.27 -32.61 -25.78
N GLY B 157 28.63 -31.47 -26.35
CA GLY B 157 28.33 -31.19 -27.75
C GLY B 157 26.85 -31.06 -28.06
N ARG B 158 26.09 -30.70 -27.03
CA ARG B 158 24.65 -30.64 -27.10
C ARG B 158 24.25 -29.24 -26.67
N LEU B 159 23.46 -28.57 -27.53
CA LEU B 159 23.05 -27.18 -27.30
C LEU B 159 21.64 -27.09 -26.71
N SER B 160 21.54 -26.43 -25.57
CA SER B 160 20.27 -26.13 -24.93
C SER B 160 19.97 -24.63 -24.97
N CYS B 161 18.67 -24.29 -24.89
CA CYS B 161 18.28 -22.90 -24.90
C CYS B 161 17.16 -22.70 -23.89
N GLN B 162 17.29 -21.67 -23.07
CA GLN B 162 16.22 -21.28 -22.17
C GLN B 162 15.71 -19.91 -22.56
N LEU B 163 14.39 -19.81 -22.68
CA LEU B 163 13.71 -18.56 -22.97
C LEU B 163 12.98 -18.03 -21.74
N TYR B 164 13.20 -16.75 -21.43
CA TYR B 164 12.36 -16.08 -20.47
C TYR B 164 11.29 -15.31 -21.22
N GLN B 165 10.04 -15.75 -21.05
CA GLN B 165 8.90 -15.08 -21.69
C GLN B 165 8.06 -14.38 -20.61
N ARG B 166 8.15 -13.04 -20.58
CA ARG B 166 7.57 -12.26 -19.48
C ARG B 166 6.05 -12.33 -19.51
N SER B 167 5.51 -12.56 -20.69
CA SER B 167 4.07 -12.60 -20.84
C SER B 167 3.66 -13.57 -21.94
N ALA B 168 2.69 -14.41 -21.62
CA ALA B 168 2.39 -15.55 -22.46
C ALA B 168 0.89 -15.80 -22.59
N ASP B 169 0.35 -15.44 -23.74
CA ASP B 169 -0.98 -15.87 -24.13
C ASP B 169 -0.92 -17.36 -24.44
N LEU B 170 -1.27 -18.20 -23.48
CA LEU B 170 -1.04 -19.64 -23.63
C LEU B 170 -1.70 -20.25 -24.85
N PHE B 171 -2.91 -19.82 -25.17
CA PHE B 171 -3.60 -20.40 -26.30
C PHE B 171 -3.02 -19.95 -27.65
N LEU B 172 -2.87 -18.65 -27.84
CA LEU B 172 -2.50 -18.13 -29.16
C LEU B 172 -0.98 -17.97 -29.36
N GLY B 173 -0.32 -17.25 -28.47
CA GLY B 173 1.09 -16.93 -28.65
C GLY B 173 2.06 -18.09 -28.42
N VAL B 174 1.91 -18.76 -27.29
CA VAL B 174 2.89 -19.75 -26.83
C VAL B 174 3.17 -20.91 -27.83
N PRO B 175 2.12 -21.47 -28.46
CA PRO B 175 2.43 -22.49 -29.46
C PRO B 175 3.38 -21.99 -30.57
N PHE B 176 3.21 -20.74 -31.03
CA PHE B 176 4.20 -20.16 -31.94
C PHE B 176 5.58 -20.04 -31.28
N ASN B 177 5.61 -19.45 -30.07
CA ASN B 177 6.86 -19.18 -29.37
C ASN B 177 7.71 -20.44 -29.18
N ILE B 178 7.07 -21.53 -28.74
CA ILE B 178 7.73 -22.83 -28.59
C ILE B 178 8.41 -23.28 -29.90
N ALA B 179 7.63 -23.30 -30.99
CA ALA B 179 8.17 -23.70 -32.28
C ALA B 179 9.30 -22.79 -32.74
N SER B 180 9.12 -21.49 -32.52
CA SER B 180 10.07 -20.51 -32.99
C SER B 180 11.43 -20.66 -32.32
N TYR B 181 11.43 -20.87 -31.01
CA TYR B 181 12.68 -20.99 -30.29
C TYR B 181 13.30 -22.36 -30.51
N ALA B 182 12.48 -23.38 -30.71
CA ALA B 182 13.01 -24.70 -30.99
C ALA B 182 13.70 -24.63 -32.34
N LEU B 183 13.07 -23.92 -33.27
CA LEU B 183 13.63 -23.73 -34.60
C LEU B 183 14.98 -22.98 -34.59
N LEU B 184 15.03 -21.89 -33.84
CA LEU B 184 16.26 -21.10 -33.76
C LEU B 184 17.38 -21.91 -33.14
N THR B 185 17.06 -22.70 -32.11
CA THR B 185 18.02 -23.58 -31.45
C THR B 185 18.65 -24.58 -32.45
N HIS B 186 17.84 -25.16 -33.33
CA HIS B 186 18.36 -26.00 -34.42
C HIS B 186 19.30 -25.24 -35.32
N MET B 187 18.96 -24.00 -35.65
CA MET B 187 19.81 -23.20 -36.54
C MET B 187 21.15 -22.91 -35.89
N MET B 188 21.10 -22.49 -34.62
CA MET B 188 22.32 -22.17 -33.90
C MET B 188 23.16 -23.42 -33.75
N ALA B 189 22.52 -24.56 -33.46
CA ALA B 189 23.24 -25.83 -33.31
C ALA B 189 24.03 -26.17 -34.57
N ALA B 190 23.36 -26.06 -35.73
CA ALA B 190 23.96 -26.48 -37.01
C ALA B 190 25.13 -25.60 -37.36
N GLN B 191 24.97 -24.31 -37.08
CA GLN B 191 25.94 -23.27 -37.36
C GLN B 191 27.17 -23.36 -36.45
N ALA B 192 27.00 -23.98 -35.29
CA ALA B 192 28.12 -24.13 -34.38
C ALA B 192 28.65 -25.57 -34.35
N GLY B 193 28.12 -26.42 -35.22
CA GLY B 193 28.55 -27.81 -35.24
C GLY B 193 28.17 -28.57 -33.97
N LEU B 194 27.01 -28.21 -33.41
CA LEU B 194 26.46 -28.89 -32.25
C LEU B 194 25.17 -29.66 -32.55
N SER B 195 24.83 -30.66 -31.72
CA SER B 195 23.52 -31.28 -31.84
C SER B 195 22.56 -30.58 -30.87
N VAL B 196 21.26 -30.85 -30.97
CA VAL B 196 20.28 -30.14 -30.15
C VAL B 196 20.07 -30.82 -28.78
N GLY B 197 19.79 -30.02 -27.76
CA GLY B 197 19.54 -30.54 -26.44
C GLY B 197 18.14 -30.23 -25.94
N GLU B 198 18.05 -29.41 -24.90
CA GLU B 198 16.77 -29.06 -24.33
C GLU B 198 16.37 -27.65 -24.71
N PHE B 199 15.08 -27.46 -24.95
CA PHE B 199 14.51 -26.13 -24.95
C PHE B 199 13.71 -25.99 -23.64
N ILE B 200 14.13 -25.03 -22.82
CA ILE B 200 13.47 -24.71 -21.58
C ILE B 200 12.69 -23.40 -21.73
N TRP B 201 11.37 -23.49 -21.56
CA TRP B 201 10.50 -22.32 -21.62
C TRP B 201 10.14 -21.88 -20.23
N THR B 202 10.58 -20.69 -19.85
CA THR B 202 10.25 -20.12 -18.54
C THR B 202 9.39 -18.89 -18.68
N GLY B 203 8.18 -18.99 -18.15
CA GLY B 203 7.22 -17.91 -18.29
C GLY B 203 7.05 -17.03 -17.05
N GLY B 204 6.70 -15.77 -17.29
CA GLY B 204 6.29 -14.88 -16.23
C GLY B 204 4.79 -15.01 -16.02
N ASP B 205 4.03 -14.03 -16.50
CA ASP B 205 2.58 -14.08 -16.40
C ASP B 205 2.05 -15.06 -17.47
N CYS B 206 1.64 -16.26 -17.05
CA CYS B 206 1.09 -17.25 -17.98
C CYS B 206 -0.42 -17.32 -17.85
N HIS B 207 -1.11 -16.93 -18.92
CA HIS B 207 -2.55 -16.74 -18.86
C HIS B 207 -3.37 -17.41 -19.96
N ILE B 208 -4.60 -17.75 -19.60
CA ILE B 208 -5.59 -18.14 -20.59
C ILE B 208 -6.62 -17.01 -20.68
N TYR B 209 -6.83 -16.51 -21.90
CA TYR B 209 -7.79 -15.44 -22.08
C TYR B 209 -9.20 -16.00 -21.89
N ASP B 210 -10.04 -15.21 -21.21
CA ASP B 210 -11.41 -15.60 -20.95
C ASP B 210 -12.15 -16.08 -22.21
N ASN B 211 -11.90 -15.41 -23.34
CA ASN B 211 -12.53 -15.79 -24.59
C ASN B 211 -11.95 -17.07 -25.24
N HIS B 212 -10.94 -17.69 -24.62
CA HIS B 212 -10.31 -18.91 -25.17
C HIS B 212 -10.67 -20.19 -24.43
N VAL B 213 -11.51 -20.10 -23.41
CA VAL B 213 -11.73 -21.25 -22.53
C VAL B 213 -12.32 -22.47 -23.24
N GLU B 214 -13.32 -22.22 -24.08
CA GLU B 214 -13.99 -23.25 -24.84
C GLU B 214 -13.03 -23.90 -25.85
N GLN B 215 -12.19 -23.10 -26.48
CA GLN B 215 -11.20 -23.65 -27.41
C GLN B 215 -10.15 -24.47 -26.66
N VAL B 216 -9.83 -24.02 -25.44
CA VAL B 216 -8.81 -24.69 -24.64
C VAL B 216 -9.29 -26.08 -24.26
N ARG B 217 -10.53 -26.17 -23.79
CA ARG B 217 -11.14 -27.45 -23.45
C ARG B 217 -11.15 -28.43 -24.64
N LEU B 218 -11.47 -27.95 -25.84
CA LEU B 218 -11.43 -28.79 -27.03
C LEU B 218 -10.03 -29.37 -27.18
N GLN B 219 -9.01 -28.50 -27.14
CA GLN B 219 -7.64 -28.92 -27.35
C GLN B 219 -7.21 -29.97 -26.30
N LEU B 220 -7.66 -29.78 -25.05
CA LEU B 220 -7.30 -30.66 -23.93
C LEU B 220 -7.98 -32.02 -24.04
N SER B 221 -9.10 -32.06 -24.74
CA SER B 221 -9.84 -33.29 -24.97
C SER B 221 -9.19 -34.24 -26.00
N ARG B 222 -8.18 -33.77 -26.71
CA ARG B 222 -7.60 -34.58 -27.80
C ARG B 222 -6.32 -35.29 -27.39
N GLU B 223 -6.14 -36.53 -27.85
CA GLU B 223 -4.94 -37.31 -27.57
C GLU B 223 -3.79 -36.93 -28.51
N PRO B 224 -2.63 -36.52 -27.93
CA PRO B 224 -1.44 -36.13 -28.70
C PRO B 224 -0.92 -37.25 -29.58
N ARG B 225 -0.36 -36.86 -30.72
CA ARG B 225 0.26 -37.79 -31.65
C ARG B 225 1.78 -37.55 -31.65
N PRO B 226 2.57 -38.49 -32.20
CA PRO B 226 4.02 -38.31 -32.19
C PRO B 226 4.43 -36.95 -32.74
N TYR B 227 5.46 -36.33 -32.17
CA TYR B 227 5.99 -35.08 -32.71
C TYR B 227 6.65 -35.32 -34.07
N PRO B 228 6.63 -34.31 -34.93
CA PRO B 228 7.29 -34.36 -36.24
C PRO B 228 8.81 -34.23 -36.09
N LYS B 229 9.53 -34.30 -37.20
CA LYS B 229 10.99 -34.12 -37.19
C LYS B 229 11.39 -32.89 -38.00
N LEU B 230 12.25 -32.04 -37.42
CA LEU B 230 12.81 -30.92 -38.16
C LEU B 230 14.00 -31.31 -39.07
N LEU B 231 13.93 -30.90 -40.34
CA LEU B 231 14.99 -31.14 -41.29
C LEU B 231 15.44 -29.81 -41.88
N LEU B 232 16.68 -29.43 -41.58
CA LEU B 232 17.20 -28.12 -41.94
C LEU B 232 18.31 -28.27 -42.99
N ALA B 233 18.13 -27.68 -44.16
CA ALA B 233 19.17 -27.73 -45.21
C ALA B 233 20.44 -27.00 -44.80
N ASP B 234 21.57 -27.37 -45.40
CA ASP B 234 22.86 -26.77 -45.05
C ASP B 234 22.99 -25.32 -45.55
N ARG B 235 23.50 -24.44 -44.70
CA ARG B 235 23.87 -23.08 -45.10
C ARG B 235 25.14 -22.74 -44.35
N ASP B 236 25.97 -21.88 -44.92
CA ASP B 236 27.20 -21.46 -44.23
C ASP B 236 26.96 -20.27 -43.31
N SER B 237 25.71 -19.82 -43.19
CA SER B 237 25.39 -18.68 -42.32
C SER B 237 23.92 -18.72 -41.85
N ILE B 238 23.69 -18.44 -40.57
CA ILE B 238 22.32 -18.45 -40.04
C ILE B 238 21.43 -17.46 -40.80
N PHE B 239 22.06 -16.40 -41.30
CA PHE B 239 21.37 -15.32 -41.99
C PHE B 239 21.02 -15.67 -43.43
N GLU B 240 21.44 -16.84 -43.87
CA GLU B 240 21.18 -17.26 -45.23
C GLU B 240 20.12 -18.34 -45.26
N TYR B 241 19.59 -18.73 -44.12
CA TYR B 241 18.49 -19.68 -44.15
C TYR B 241 17.33 -19.02 -44.87
N THR B 242 16.62 -19.83 -45.68
CA THR B 242 15.36 -19.43 -46.30
C THR B 242 14.26 -20.39 -45.85
N TYR B 243 13.02 -20.05 -46.16
CA TYR B 243 11.87 -20.87 -45.81
C TYR B 243 12.00 -22.25 -46.43
N GLU B 244 12.51 -22.27 -47.66
CA GLU B 244 12.66 -23.49 -48.42
C GLU B 244 13.61 -24.48 -47.73
N ASP B 245 14.60 -23.95 -47.00
CA ASP B 245 15.54 -24.77 -46.23
C ASP B 245 14.87 -25.52 -45.05
N ILE B 246 13.67 -25.11 -44.67
CA ILE B 246 13.04 -25.58 -43.44
C ILE B 246 11.90 -26.54 -43.71
N VAL B 247 12.09 -27.79 -43.36
CA VAL B 247 11.10 -28.82 -43.64
C VAL B 247 10.66 -29.52 -42.36
N VAL B 248 9.36 -29.77 -42.27
CA VAL B 248 8.82 -30.43 -41.11
C VAL B 248 8.26 -31.73 -41.60
N LYS B 249 8.88 -32.83 -41.19
CA LYS B 249 8.47 -34.15 -41.65
C LYS B 249 7.53 -34.84 -40.66
N ASN B 250 6.49 -35.47 -41.21
CA ASN B 250 5.53 -36.27 -40.45
C ASN B 250 4.73 -35.51 -39.40
N TYR B 251 4.26 -34.33 -39.77
CA TYR B 251 3.42 -33.55 -38.91
C TYR B 251 1.99 -33.97 -39.18
N ASP B 252 1.34 -34.52 -38.15
CA ASP B 252 0.02 -35.12 -38.29
C ASP B 252 -0.94 -34.63 -37.18
N PRO B 253 -1.26 -33.33 -37.18
CA PRO B 253 -2.07 -32.74 -36.11
C PRO B 253 -3.58 -32.89 -36.27
N HIS B 254 -4.28 -32.72 -35.14
CA HIS B 254 -5.72 -32.53 -35.13
C HIS B 254 -6.03 -31.22 -35.84
N PRO B 255 -7.30 -30.99 -36.17
CA PRO B 255 -7.66 -29.82 -36.98
C PRO B 255 -7.34 -28.50 -36.28
N ALA B 256 -7.16 -27.43 -37.04
CA ALA B 256 -6.89 -26.12 -36.44
C ALA B 256 -8.09 -25.67 -35.59
N ILE B 257 -7.81 -24.88 -34.56
CA ILE B 257 -8.87 -24.30 -33.74
C ILE B 257 -8.73 -22.78 -33.82
N LYS B 258 -9.63 -22.13 -34.54
CA LYS B 258 -9.54 -20.69 -34.78
C LYS B 258 -9.64 -19.81 -33.52
N ALA B 259 -8.84 -18.75 -33.49
CA ALA B 259 -8.90 -17.70 -32.46
C ALA B 259 -10.20 -16.91 -32.55
N PRO B 260 -11.08 -17.08 -31.56
CA PRO B 260 -12.40 -16.45 -31.55
C PRO B 260 -12.33 -14.93 -31.74
N VAL B 261 -13.44 -14.34 -32.19
CA VAL B 261 -13.51 -12.91 -32.47
C VAL B 261 -13.47 -12.08 -31.19
N MET C 1 -6.40 38.11 20.88
CA MET C 1 -7.14 36.90 21.20
C MET C 1 -7.97 36.44 20.00
N THR C 2 -7.30 36.13 18.89
CA THR C 2 -7.96 35.79 17.64
C THR C 2 -7.63 34.36 17.18
N PRO C 3 -8.12 33.35 17.92
CA PRO C 3 -7.80 31.93 17.62
C PRO C 3 -8.25 31.53 16.22
N TYR C 4 -9.45 31.94 15.83
CA TYR C 4 -9.94 31.66 14.48
C TYR C 4 -9.00 32.23 13.42
N GLU C 5 -8.81 33.54 13.42
CA GLU C 5 -7.92 34.17 12.45
C GLU C 5 -6.48 33.61 12.49
N ASP C 6 -5.99 33.26 13.68
CA ASP C 6 -4.68 32.61 13.80
C ASP C 6 -4.59 31.27 13.02
N LEU C 7 -5.64 30.46 13.14
CA LEU C 7 -5.72 29.18 12.46
C LEU C 7 -5.85 29.35 10.95
N LEU C 8 -6.78 30.21 10.55
CA LEU C 8 -6.99 30.50 9.14
C LEU C 8 -5.63 30.81 8.48
N ARG C 9 -4.89 31.75 9.09
CA ARG C 9 -3.57 32.12 8.59
C ARG C 9 -2.56 30.98 8.68
N PHE C 10 -2.63 30.18 9.72
CA PHE C 10 -1.68 29.08 9.88
C PHE C 10 -1.88 28.08 8.75
N VAL C 11 -3.12 27.72 8.47
CA VAL C 11 -3.44 26.80 7.39
C VAL C 11 -3.02 27.33 6.01
N LEU C 12 -3.36 28.58 5.70
CA LEU C 12 -2.94 29.22 4.45
C LEU C 12 -1.42 29.14 4.26
N GLU C 13 -0.68 29.35 5.35
CA GLU C 13 0.78 29.39 5.26
C GLU C 13 1.46 28.02 5.25
N THR C 14 0.94 27.06 6.03
CA THR C 14 1.62 25.79 6.22
C THR C 14 0.83 24.58 5.73
N GLY C 15 -0.41 24.80 5.34
CA GLY C 15 -1.25 23.70 4.94
C GLY C 15 -0.74 22.95 3.72
N THR C 16 -1.20 21.71 3.58
CA THR C 16 -0.86 20.88 2.45
C THR C 16 -1.92 21.02 1.36
N PRO C 17 -1.49 21.15 0.09
CA PRO C 17 -2.46 21.27 -1.00
C PRO C 17 -3.10 19.90 -1.19
N LYS C 18 -4.39 19.85 -1.46
CA LYS C 18 -5.10 18.59 -1.39
C LYS C 18 -6.30 18.56 -2.34
N SER C 19 -6.77 17.37 -2.66
CA SER C 19 -8.00 17.22 -3.41
C SER C 19 -9.15 16.91 -2.46
N ASP C 20 -10.37 16.99 -2.95
CA ASP C 20 -11.50 16.67 -2.10
C ASP C 20 -12.71 16.14 -2.88
N ARG C 21 -13.77 15.89 -2.13
CA ARG C 21 -15.00 15.29 -2.64
C ARG C 21 -15.68 16.23 -3.63
N THR C 22 -15.65 17.53 -3.31
CA THR C 22 -16.30 18.54 -4.14
C THR C 22 -15.60 18.75 -5.48
N GLY C 23 -14.34 18.33 -5.56
CA GLY C 23 -13.56 18.50 -6.77
C GLY C 23 -13.07 19.92 -6.96
N THR C 24 -13.13 20.72 -5.91
CA THR C 24 -12.68 22.10 -5.98
C THR C 24 -11.19 22.24 -5.66
N GLY C 25 -10.74 21.56 -4.61
CA GLY C 25 -9.35 21.66 -4.18
C GLY C 25 -9.16 22.45 -2.88
N THR C 26 -8.24 21.99 -2.03
CA THR C 26 -8.02 22.65 -0.75
C THR C 26 -6.54 22.76 -0.36
N ARG C 27 -6.31 23.58 0.66
CA ARG C 27 -5.08 23.61 1.42
C ARG C 27 -5.57 23.25 2.82
N SER C 28 -4.86 22.33 3.48
CA SER C 28 -5.41 21.68 4.63
C SER C 28 -4.39 21.28 5.70
N LEU C 29 -4.78 21.41 6.97
CA LEU C 29 -4.01 20.90 8.11
C LEU C 29 -4.86 19.91 8.88
N PHE C 30 -4.24 18.99 9.61
CA PHE C 30 -4.99 18.04 10.41
C PHE C 30 -4.80 18.25 11.92
N GLY C 31 -5.88 18.07 12.67
CA GLY C 31 -5.85 18.13 14.13
C GLY C 31 -5.48 19.46 14.79
N GLN C 32 -6.20 20.52 14.44
CA GLN C 32 -5.92 21.83 14.99
C GLN C 32 -6.97 22.26 16.03
N GLN C 33 -6.57 23.13 16.94
CA GLN C 33 -7.44 23.46 18.07
C GLN C 33 -7.55 24.95 18.33
N MET C 34 -8.74 25.39 18.75
CA MET C 34 -8.95 26.78 19.13
C MET C 34 -9.60 26.82 20.52
N ARG C 35 -9.25 27.83 21.31
CA ARG C 35 -9.86 28.01 22.62
C ARG C 35 -10.46 29.40 22.77
N TYR C 36 -11.69 29.47 23.26
CA TYR C 36 -12.32 30.75 23.57
C TYR C 36 -12.76 30.76 25.02
N ASP C 37 -12.32 31.76 25.76
CA ASP C 37 -12.87 32.04 27.09
C ASP C 37 -14.19 32.80 26.92
N LEU C 38 -15.29 32.07 26.88
CA LEU C 38 -16.61 32.65 26.65
C LEU C 38 -17.00 33.73 27.66
N SER C 39 -16.31 33.75 28.80
CA SER C 39 -16.63 34.70 29.85
C SER C 39 -16.05 36.05 29.49
N ALA C 40 -15.06 36.04 28.59
CA ALA C 40 -14.45 37.29 28.10
C ALA C 40 -15.20 37.86 26.91
N GLY C 41 -16.08 37.07 26.31
CA GLY C 41 -16.87 37.51 25.17
C GLY C 41 -17.43 36.39 24.31
N PHE C 42 -18.42 36.72 23.49
CA PHE C 42 -19.02 35.75 22.58
C PHE C 42 -18.24 35.75 21.27
N PRO C 43 -17.87 34.55 20.76
CA PRO C 43 -16.99 34.40 19.59
C PRO C 43 -17.72 34.49 18.26
N LEU C 44 -18.52 35.53 18.11
CA LEU C 44 -19.07 35.86 16.80
C LEU C 44 -18.05 36.80 16.16
N LEU C 45 -17.45 36.34 15.05
CA LEU C 45 -16.30 37.00 14.44
C LEU C 45 -16.59 38.42 14.04
N THR C 46 -15.59 39.29 14.20
CA THR C 46 -15.73 40.68 13.82
C THR C 46 -15.00 41.06 12.51
N THR C 47 -14.12 40.20 12.04
CA THR C 47 -13.37 40.45 10.81
C THR C 47 -14.24 40.29 9.55
N LYS C 48 -15.41 39.71 9.71
CA LYS C 48 -16.48 39.82 8.69
C LYS C 48 -17.81 39.77 9.43
N LYS C 49 -18.86 40.32 8.85
CA LYS C 49 -20.18 40.20 9.45
C LYS C 49 -20.66 38.76 9.30
N VAL C 50 -20.95 38.11 10.42
CA VAL C 50 -21.49 36.77 10.37
C VAL C 50 -23.00 36.77 10.54
N HIS C 51 -23.70 36.25 9.54
CA HIS C 51 -25.16 36.17 9.61
C HIS C 51 -25.63 35.31 10.77
N PHE C 52 -25.66 35.90 11.97
CA PHE C 52 -26.05 35.21 13.20
C PHE C 52 -27.51 34.70 13.21
N LYS C 53 -28.36 35.25 12.35
CA LYS C 53 -29.76 34.80 12.29
C LYS C 53 -29.86 33.33 11.88
N SER C 54 -29.16 33.00 10.81
CA SER C 54 -29.11 31.63 10.33
C SER C 54 -28.47 30.73 11.39
N VAL C 55 -27.41 31.21 12.03
CA VAL C 55 -26.78 30.50 13.13
C VAL C 55 -27.81 30.13 14.20
N ALA C 56 -28.48 31.14 14.73
CA ALA C 56 -29.40 30.93 15.83
C ALA C 56 -30.57 30.03 15.45
N TYR C 57 -31.11 30.22 14.26
CA TYR C 57 -32.28 29.44 13.88
C TYR C 57 -31.91 27.99 13.62
N GLU C 58 -30.73 27.78 13.03
CA GLU C 58 -30.25 26.43 12.76
C GLU C 58 -30.00 25.68 14.03
N LEU C 59 -29.54 26.37 15.08
CA LEU C 59 -29.34 25.71 16.37
C LEU C 59 -30.66 25.28 17.04
N LEU C 60 -31.67 26.14 16.97
CA LEU C 60 -32.99 25.82 17.52
C LEU C 60 -33.64 24.69 16.72
N TRP C 61 -33.34 24.68 15.42
CA TRP C 61 -33.75 23.64 14.49
C TRP C 61 -33.16 22.29 14.91
N PHE C 62 -31.90 22.31 15.35
CA PHE C 62 -31.25 21.10 15.88
C PHE C 62 -31.97 20.63 17.13
N LEU C 63 -32.15 21.54 18.07
CA LEU C 63 -32.84 21.24 19.32
C LEU C 63 -34.26 20.70 19.14
N ARG C 64 -34.84 20.90 17.95
CA ARG C 64 -36.19 20.38 17.66
C ARG C 64 -36.20 18.90 17.19
N GLY C 65 -35.02 18.34 16.91
CA GLY C 65 -34.93 17.00 16.37
C GLY C 65 -35.59 16.91 15.01
N ASP C 66 -35.49 17.97 14.23
CA ASP C 66 -36.18 18.09 12.96
C ASP C 66 -35.29 17.63 11.80
N SER C 67 -35.87 16.96 10.81
CA SER C 67 -35.09 16.47 9.68
C SER C 67 -35.55 17.02 8.32
N ASN C 68 -36.43 18.02 8.32
CA ASN C 68 -36.88 18.69 7.09
C ASN C 68 -36.47 20.15 7.08
N ILE C 69 -36.01 20.63 5.94
CA ILE C 69 -35.65 22.04 5.79
C ILE C 69 -36.85 22.97 6.00
N GLY C 70 -38.04 22.39 6.21
CA GLY C 70 -39.27 23.15 6.27
C GLY C 70 -39.32 24.28 7.28
N TRP C 71 -39.05 23.95 8.54
CA TRP C 71 -39.11 24.94 9.62
C TRP C 71 -38.07 26.04 9.44
N LEU C 72 -36.87 25.67 8.98
CA LEU C 72 -35.80 26.64 8.73
C LEU C 72 -36.18 27.62 7.64
N HIS C 73 -36.81 27.13 6.58
CA HIS C 73 -37.29 27.97 5.49
C HIS C 73 -38.23 29.04 6.01
N GLU C 74 -39.22 28.61 6.78
CA GLU C 74 -40.20 29.51 7.37
C GLU C 74 -39.56 30.73 8.02
N HIS C 75 -38.30 30.61 8.40
CA HIS C 75 -37.66 31.72 9.11
C HIS C 75 -36.57 32.42 8.31
N GLY C 76 -36.55 32.18 7.00
CA GLY C 76 -35.68 32.90 6.10
C GLY C 76 -34.26 32.34 6.05
N VAL C 77 -34.12 31.09 6.48
CA VAL C 77 -32.82 30.43 6.54
C VAL C 77 -32.70 29.33 5.51
N THR C 78 -31.78 29.51 4.56
CA THR C 78 -31.61 28.59 3.45
C THR C 78 -30.30 27.78 3.51
N ILE C 79 -29.59 27.88 4.63
CA ILE C 79 -28.28 27.25 4.84
C ILE C 79 -28.22 25.80 4.35
N TRP C 80 -29.34 25.09 4.46
CA TRP C 80 -29.47 23.75 3.89
C TRP C 80 -30.42 23.78 2.68
N ASP C 81 -31.25 22.75 2.55
CA ASP C 81 -32.24 22.69 1.46
C ASP C 81 -31.58 22.45 0.11
N GLU C 82 -30.37 22.95 -0.05
CA GLU C 82 -29.55 22.66 -1.23
C GLU C 82 -29.14 21.19 -1.24
N TRP C 83 -29.07 20.59 -0.06
CA TRP C 83 -28.79 19.17 0.09
C TRP C 83 -30.09 18.43 0.35
N ALA C 84 -31.19 19.18 0.42
CA ALA C 84 -32.49 18.60 0.73
C ALA C 84 -33.12 17.90 -0.46
N SER C 85 -34.12 17.08 -0.19
CA SER C 85 -34.80 16.29 -1.21
C SER C 85 -35.94 17.08 -1.83
N ASP C 86 -36.82 16.39 -2.55
CA ASP C 86 -38.01 17.02 -3.12
C ASP C 86 -38.94 17.47 -1.99
N THR C 87 -39.23 16.56 -1.07
CA THR C 87 -40.12 16.83 0.05
C THR C 87 -39.43 17.62 1.17
N GLY C 88 -38.15 17.93 0.97
CA GLY C 88 -37.41 18.69 1.95
C GLY C 88 -36.62 17.85 2.94
N GLU C 89 -36.69 16.53 2.82
CA GLU C 89 -35.98 15.63 3.73
C GLU C 89 -34.47 15.63 3.53
N LEU C 90 -33.74 15.61 4.64
CA LEU C 90 -32.28 15.63 4.61
C LEU C 90 -31.69 14.37 5.27
N GLY C 91 -32.57 13.55 5.85
CA GLY C 91 -32.15 12.31 6.48
C GLY C 91 -32.02 12.46 7.97
N PRO C 92 -31.58 11.40 8.68
CA PRO C 92 -31.43 11.50 10.14
C PRO C 92 -30.19 12.32 10.50
N ILE C 93 -30.34 13.66 10.52
CA ILE C 93 -29.23 14.59 10.74
C ILE C 93 -29.04 14.95 12.21
N TYR C 94 -28.06 15.83 12.47
CA TYR C 94 -27.69 16.27 13.82
C TYR C 94 -28.84 16.28 14.83
N GLY C 95 -29.84 17.11 14.58
CA GLY C 95 -30.94 17.25 15.51
C GLY C 95 -31.63 15.93 15.81
N VAL C 96 -31.65 15.03 14.82
CA VAL C 96 -32.31 13.75 15.00
C VAL C 96 -31.53 12.92 16.00
N GLN C 97 -30.21 12.83 15.76
CA GLN C 97 -29.32 12.06 16.62
C GLN C 97 -29.23 12.64 18.02
N TRP C 98 -29.23 13.97 18.12
CA TRP C 98 -29.25 14.65 19.43
C TRP C 98 -30.51 14.32 20.21
N ARG C 99 -31.62 14.14 19.51
CA ARG C 99 -32.87 14.01 20.22
C ARG C 99 -33.53 12.64 20.09
N SER C 100 -33.13 11.87 19.09
CA SER C 100 -33.78 10.59 18.86
C SER C 100 -32.88 9.58 18.15
N TRP C 101 -31.65 9.44 18.65
CA TRP C 101 -30.73 8.38 18.26
C TRP C 101 -31.39 7.04 18.54
N PRO C 102 -31.67 6.29 17.48
CA PRO C 102 -32.23 4.94 17.62
C PRO C 102 -31.16 3.99 18.13
N ALA C 103 -31.40 3.40 19.30
CA ALA C 103 -30.62 2.25 19.71
C ALA C 103 -31.15 1.06 18.93
N PRO C 104 -30.36 -0.02 18.81
CA PRO C 104 -30.91 -1.21 18.15
C PRO C 104 -32.03 -1.80 18.99
N SER C 105 -32.08 -1.37 20.25
CA SER C 105 -32.94 -1.93 21.28
C SER C 105 -33.51 -0.80 22.12
N GLY C 106 -34.71 -1.00 22.65
CA GLY C 106 -35.31 0.02 23.50
C GLY C 106 -35.65 1.32 22.77
N GLU C 107 -36.03 2.31 23.56
CA GLU C 107 -36.55 3.56 23.01
C GLU C 107 -35.50 4.39 22.26
N HIS C 108 -35.98 5.29 21.42
CA HIS C 108 -35.12 6.30 20.82
C HIS C 108 -34.38 7.02 21.95
N ILE C 109 -33.07 7.25 21.79
CA ILE C 109 -32.31 7.92 22.84
C ILE C 109 -32.18 9.43 22.61
N ASP C 110 -32.24 10.20 23.69
CA ASP C 110 -32.18 11.66 23.60
C ASP C 110 -31.15 12.27 24.54
N GLN C 111 -30.07 12.79 23.95
CA GLN C 111 -28.84 13.06 24.70
C GLN C 111 -28.75 14.44 25.34
N ILE C 112 -29.50 15.41 24.81
CA ILE C 112 -29.46 16.76 25.36
C ILE C 112 -30.00 16.75 26.78
N SER C 113 -31.18 16.15 26.94
CA SER C 113 -31.78 15.93 28.24
C SER C 113 -30.77 15.27 29.20
N ALA C 114 -30.31 14.07 28.85
CA ALA C 114 -29.41 13.33 29.71
C ALA C 114 -28.21 14.17 30.12
N ALA C 115 -27.69 14.95 29.17
CA ALA C 115 -26.51 15.77 29.44
C ALA C 115 -26.81 16.86 30.46
N LEU C 116 -27.98 17.50 30.35
CA LEU C 116 -28.35 18.53 31.29
C LEU C 116 -28.62 17.91 32.64
N ASP C 117 -29.29 16.75 32.64
CA ASP C 117 -29.52 16.02 33.88
C ASP C 117 -28.18 15.75 34.60
N LEU C 118 -27.16 15.32 33.85
CA LEU C 118 -25.85 15.12 34.45
C LEU C 118 -25.19 16.44 34.90
N LEU C 119 -25.41 17.52 34.15
CA LEU C 119 -24.86 18.82 34.56
C LEU C 119 -25.43 19.26 35.91
N ARG C 120 -26.70 18.96 36.17
CA ARG C 120 -27.33 19.28 37.44
C ARG C 120 -27.03 18.24 38.54
N THR C 121 -27.15 16.96 38.20
CA THR C 121 -27.03 15.88 39.19
C THR C 121 -25.61 15.42 39.52
N ASP C 122 -24.72 15.47 38.52
CA ASP C 122 -23.37 14.92 38.67
C ASP C 122 -22.35 15.68 37.81
N PRO C 123 -22.07 16.96 38.19
CA PRO C 123 -21.27 17.93 37.46
C PRO C 123 -19.82 17.47 37.32
N ASP C 124 -19.42 16.49 38.12
CA ASP C 124 -18.06 15.99 38.08
C ASP C 124 -17.93 14.79 37.14
N SER C 125 -19.05 14.39 36.54
CA SER C 125 -19.07 13.26 35.62
C SER C 125 -18.12 13.47 34.45
N ARG C 126 -17.42 12.41 34.07
CA ARG C 126 -16.54 12.46 32.93
C ARG C 126 -17.20 11.91 31.67
N ARG C 127 -18.52 11.73 31.76
CA ARG C 127 -19.31 11.09 30.72
C ARG C 127 -20.34 12.02 30.08
N ILE C 128 -20.13 13.33 30.20
CA ILE C 128 -21.13 14.28 29.73
C ILE C 128 -20.99 14.56 28.25
N ILE C 129 -21.61 13.70 27.44
CA ILE C 129 -21.30 13.66 26.01
C ILE C 129 -22.56 13.65 25.17
N VAL C 130 -22.47 14.27 24.00
CA VAL C 130 -23.51 14.20 22.98
C VAL C 130 -22.87 13.90 21.63
N SER C 131 -23.44 12.96 20.88
CA SER C 131 -22.85 12.52 19.63
C SER C 131 -23.82 12.44 18.46
N ALA C 132 -23.43 13.03 17.33
CA ALA C 132 -24.20 12.94 16.11
C ALA C 132 -23.70 11.77 15.25
N TRP C 133 -22.54 11.22 15.59
CA TRP C 133 -21.94 10.24 14.71
C TRP C 133 -22.52 8.84 14.89
N ASN C 134 -23.68 8.64 14.27
CA ASN C 134 -24.37 7.38 14.35
C ASN C 134 -23.98 6.51 13.16
N VAL C 135 -23.02 5.63 13.39
CA VAL C 135 -22.38 4.86 12.35
C VAL C 135 -23.36 4.14 11.44
N GLY C 136 -24.42 3.57 12.02
CA GLY C 136 -25.41 2.84 11.26
C GLY C 136 -26.47 3.68 10.56
N GLU C 137 -26.30 4.99 10.55
CA GLU C 137 -27.30 5.91 9.95
C GLU C 137 -26.67 6.97 9.02
N ILE C 138 -25.33 7.08 9.06
CA ILE C 138 -24.59 7.94 8.14
C ILE C 138 -25.05 7.82 6.68
N GLU C 139 -25.23 6.58 6.23
CA GLU C 139 -25.64 6.29 4.86
C GLU C 139 -26.96 6.97 4.44
N ARG C 140 -27.78 7.34 5.42
CA ARG C 140 -29.10 7.91 5.15
C ARG C 140 -29.08 9.43 5.14
N MET C 141 -28.09 10.02 5.81
CA MET C 141 -27.99 11.46 5.93
C MET C 141 -27.53 12.09 4.63
N ALA C 142 -27.97 13.32 4.37
CA ALA C 142 -27.61 14.02 3.14
C ALA C 142 -26.14 14.41 3.14
N LEU C 143 -25.62 14.70 4.33
CA LEU C 143 -24.18 14.84 4.57
C LEU C 143 -23.90 14.20 5.91
N PRO C 144 -22.73 13.59 6.07
CA PRO C 144 -22.36 13.12 7.43
C PRO C 144 -22.09 14.33 8.31
N PRO C 145 -22.34 14.21 9.62
CA PRO C 145 -22.10 15.30 10.57
C PRO C 145 -20.67 15.85 10.50
N CYS C 146 -20.54 17.17 10.47
CA CYS C 146 -19.24 17.83 10.47
C CYS C 146 -18.83 18.10 11.90
N HIS C 147 -19.73 18.70 12.67
CA HIS C 147 -19.59 18.76 14.12
C HIS C 147 -20.21 17.47 14.66
N ALA C 148 -19.35 16.53 15.02
CA ALA C 148 -19.76 15.15 15.21
C ALA C 148 -20.10 14.78 16.65
N PHE C 149 -19.48 15.46 17.59
CA PHE C 149 -19.25 14.92 18.91
C PHE C 149 -18.86 16.07 19.84
N PHE C 150 -19.55 16.20 20.97
CA PHE C 150 -19.14 17.20 21.95
C PHE C 150 -19.32 16.78 23.40
N GLN C 151 -18.47 17.34 24.26
CA GLN C 151 -18.37 16.96 25.65
C GLN C 151 -18.47 18.20 26.52
N PHE C 152 -19.14 18.07 27.65
CA PHE C 152 -19.18 19.15 28.65
C PHE C 152 -18.30 18.87 29.87
N TYR C 153 -17.95 19.93 30.58
CA TYR C 153 -17.01 19.89 31.69
C TYR C 153 -17.30 21.07 32.63
N VAL C 154 -17.25 20.81 33.93
CA VAL C 154 -17.57 21.82 34.94
C VAL C 154 -16.45 21.97 35.96
N ALA C 155 -16.12 23.20 36.33
CA ALA C 155 -15.07 23.43 37.31
C ALA C 155 -15.28 24.75 38.05
N ASP C 156 -15.41 24.67 39.37
CA ASP C 156 -15.66 25.86 40.18
C ASP C 156 -16.78 26.71 39.59
N GLY C 157 -17.93 26.09 39.35
CA GLY C 157 -19.11 26.82 38.92
C GLY C 157 -19.14 27.24 37.45
N ARG C 158 -18.07 26.96 36.70
CA ARG C 158 -17.97 27.33 35.28
C ARG C 158 -18.21 26.15 34.31
N LEU C 159 -18.96 26.38 33.23
CA LEU C 159 -19.17 25.33 32.21
C LEU C 159 -18.29 25.49 30.97
N SER C 160 -17.54 24.44 30.64
CA SER C 160 -16.77 24.41 29.39
C SER C 160 -17.36 23.39 28.44
N CYS C 161 -17.02 23.50 27.17
CA CYS C 161 -17.53 22.60 26.15
C CYS C 161 -16.46 22.32 25.10
N GLN C 162 -16.28 21.06 24.71
CA GLN C 162 -15.37 20.77 23.63
C GLN C 162 -16.10 20.11 22.48
N LEU C 163 -15.89 20.64 21.29
CA LEU C 163 -16.39 20.06 20.05
C LEU C 163 -15.31 19.33 19.24
N TYR C 164 -15.67 18.16 18.74
CA TYR C 164 -14.90 17.50 17.69
C TYR C 164 -15.59 17.69 16.34
N GLN C 165 -14.90 18.36 15.43
CA GLN C 165 -15.43 18.63 14.10
C GLN C 165 -14.53 17.95 13.07
N ARG C 166 -15.02 16.89 12.44
CA ARG C 166 -14.19 15.98 11.65
C ARG C 166 -13.73 16.62 10.35
N SER C 167 -14.50 17.61 9.91
CA SER C 167 -14.23 18.30 8.66
C SER C 167 -14.65 19.76 8.83
N ALA C 168 -13.75 20.68 8.55
CA ALA C 168 -13.97 22.09 8.80
C ALA C 168 -13.65 22.98 7.59
N ASP C 169 -14.69 23.33 6.83
CA ASP C 169 -14.59 24.39 5.82
C ASP C 169 -14.33 25.71 6.56
N LEU C 170 -13.07 26.13 6.58
CA LEU C 170 -12.66 27.21 7.49
C LEU C 170 -13.26 28.59 7.18
N PHE C 171 -13.37 28.96 5.91
CA PHE C 171 -13.94 30.27 5.62
C PHE C 171 -15.46 30.30 5.77
N LEU C 172 -16.13 29.25 5.30
CA LEU C 172 -17.58 29.24 5.21
C LEU C 172 -18.32 28.63 6.42
N GLY C 173 -18.02 27.38 6.76
CA GLY C 173 -18.76 26.70 7.82
C GLY C 173 -18.38 27.03 9.26
N VAL C 174 -17.09 27.24 9.49
CA VAL C 174 -16.54 27.33 10.85
C VAL C 174 -16.99 28.56 11.67
N PRO C 175 -16.98 29.76 11.07
CA PRO C 175 -17.57 30.89 11.81
C PRO C 175 -18.98 30.53 12.35
N PHE C 176 -19.77 29.86 11.52
CA PHE C 176 -21.08 29.37 11.97
C PHE C 176 -21.00 28.37 13.14
N ASN C 177 -20.24 27.27 12.93
CA ASN C 177 -20.00 26.25 13.95
C ASN C 177 -19.56 26.78 15.33
N ILE C 178 -18.65 27.74 15.33
CA ILE C 178 -18.12 28.33 16.55
C ILE C 178 -19.22 29.07 17.34
N ALA C 179 -19.87 30.03 16.67
CA ALA C 179 -20.93 30.80 17.31
C ALA C 179 -22.04 29.86 17.77
N SER C 180 -22.31 28.83 16.96
CA SER C 180 -23.41 27.90 17.24
C SER C 180 -23.17 27.11 18.53
N TYR C 181 -22.00 26.48 18.65
CA TYR C 181 -21.64 25.77 19.87
C TYR C 181 -21.47 26.68 21.10
N ALA C 182 -20.88 27.86 20.92
CA ALA C 182 -20.83 28.87 21.98
C ALA C 182 -22.25 29.23 22.49
N LEU C 183 -23.18 29.44 21.56
CA LEU C 183 -24.57 29.72 21.93
C LEU C 183 -25.14 28.55 22.72
N LEU C 184 -24.82 27.33 22.31
CA LEU C 184 -25.35 26.16 22.99
C LEU C 184 -24.81 26.10 24.43
N THR C 185 -23.55 26.47 24.60
CA THR C 185 -22.90 26.45 25.91
C THR C 185 -23.54 27.46 26.86
N HIS C 186 -23.94 28.60 26.33
CA HIS C 186 -24.70 29.58 27.13
C HIS C 186 -26.04 29.02 27.60
N MET C 187 -26.79 28.43 26.68
CA MET C 187 -28.08 27.83 27.03
C MET C 187 -27.93 26.76 28.10
N MET C 188 -27.11 25.75 27.80
CA MET C 188 -26.86 24.67 28.74
C MET C 188 -26.42 25.18 30.09
N ALA C 189 -25.61 26.24 30.11
CA ALA C 189 -25.10 26.77 31.36
C ALA C 189 -26.23 27.38 32.18
N ALA C 190 -27.06 28.19 31.53
CA ALA C 190 -28.22 28.80 32.20
C ALA C 190 -29.20 27.75 32.73
N GLN C 191 -29.47 26.70 31.95
CA GLN C 191 -30.41 25.67 32.37
C GLN C 191 -29.87 24.80 33.51
N ALA C 192 -28.57 24.88 33.75
CA ALA C 192 -27.95 24.08 34.82
C ALA C 192 -27.49 24.98 35.95
N GLY C 193 -27.75 26.27 35.80
CA GLY C 193 -27.33 27.25 36.78
C GLY C 193 -25.82 27.41 36.92
N LEU C 194 -25.08 27.40 35.81
CA LEU C 194 -23.63 27.62 35.82
C LEU C 194 -23.28 28.90 35.06
N SER C 195 -22.08 29.41 35.30
CA SER C 195 -21.54 30.48 34.47
C SER C 195 -20.84 29.82 33.27
N VAL C 196 -20.41 30.62 32.29
CA VAL C 196 -19.71 30.04 31.14
C VAL C 196 -18.20 29.94 31.38
N GLY C 197 -17.58 28.95 30.74
CA GLY C 197 -16.15 28.78 30.81
C GLY C 197 -15.50 28.91 29.44
N GLU C 198 -14.87 27.81 29.02
CA GLU C 198 -14.18 27.75 27.74
C GLU C 198 -14.99 27.00 26.71
N PHE C 199 -14.98 27.50 25.48
CA PHE C 199 -15.35 26.65 24.35
C PHE C 199 -14.07 26.20 23.63
N ILE C 200 -13.85 24.89 23.55
CA ILE C 200 -12.67 24.37 22.86
C ILE C 200 -13.06 23.72 21.54
N TRP C 201 -12.58 24.32 20.44
CA TRP C 201 -12.82 23.79 19.10
C TRP C 201 -11.65 22.91 18.65
N THR C 202 -11.95 21.64 18.41
CA THR C 202 -10.94 20.69 17.95
C THR C 202 -11.33 20.16 16.59
N GLY C 203 -10.48 20.38 15.59
CA GLY C 203 -10.79 19.94 14.24
C GLY C 203 -9.98 18.78 13.68
N GLY C 204 -10.65 18.00 12.83
CA GLY C 204 -10.04 16.97 12.03
C GLY C 204 -9.39 17.53 10.79
N ASP C 205 -10.03 17.37 9.63
CA ASP C 205 -9.51 18.02 8.42
C ASP C 205 -9.91 19.50 8.40
N CYS C 206 -8.95 20.36 8.69
CA CYS C 206 -9.13 21.80 8.68
C CYS C 206 -8.62 22.38 7.36
N HIS C 207 -9.56 22.88 6.55
CA HIS C 207 -9.22 23.25 5.17
C HIS C 207 -9.74 24.60 4.72
N ILE C 208 -8.98 25.21 3.82
CA ILE C 208 -9.39 26.43 3.11
C ILE C 208 -9.59 25.98 1.69
N TYR C 209 -10.77 26.26 1.15
CA TYR C 209 -11.07 25.87 -0.22
C TYR C 209 -10.34 26.79 -1.18
N ASP C 210 -9.97 26.27 -2.34
CA ASP C 210 -9.13 27.00 -3.29
C ASP C 210 -9.78 28.29 -3.80
N ASN C 211 -11.09 28.28 -3.93
CA ASN C 211 -11.79 29.47 -4.39
C ASN C 211 -12.12 30.43 -3.24
N HIS C 212 -11.56 30.22 -2.05
CA HIS C 212 -11.80 31.19 -0.98
C HIS C 212 -10.55 32.00 -0.64
N VAL C 213 -9.47 31.77 -1.36
CA VAL C 213 -8.21 32.39 -0.96
C VAL C 213 -8.26 33.93 -0.91
N GLU C 214 -8.78 34.57 -1.97
CA GLU C 214 -8.85 36.03 -1.96
C GLU C 214 -9.64 36.53 -0.75
N GLN C 215 -10.75 35.87 -0.41
CA GLN C 215 -11.64 36.31 0.68
C GLN C 215 -11.00 36.19 2.06
N VAL C 216 -10.29 35.08 2.27
CA VAL C 216 -9.49 34.87 3.47
C VAL C 216 -8.41 35.98 3.61
N ARG C 217 -7.70 36.25 2.52
CA ARG C 217 -6.70 37.30 2.52
C ARG C 217 -7.28 38.67 2.87
N LEU C 218 -8.49 38.95 2.36
CA LEU C 218 -9.19 40.21 2.67
C LEU C 218 -9.52 40.28 4.16
N GLN C 219 -10.00 39.15 4.70
CA GLN C 219 -10.40 39.06 6.10
C GLN C 219 -9.21 39.08 7.05
N LEU C 220 -8.09 38.50 6.61
CA LEU C 220 -6.87 38.51 7.42
C LEU C 220 -6.21 39.89 7.42
N SER C 221 -6.54 40.72 6.44
CA SER C 221 -6.02 42.09 6.43
C SER C 221 -6.81 43.04 7.33
N ARG C 222 -7.82 42.53 8.02
CA ARG C 222 -8.65 43.38 8.85
C ARG C 222 -8.32 43.28 10.34
N GLU C 223 -8.43 44.42 11.01
CA GLU C 223 -8.13 44.54 12.43
C GLU C 223 -9.31 44.07 13.28
N PRO C 224 -9.07 43.08 14.15
CA PRO C 224 -10.13 42.54 15.03
C PRO C 224 -10.63 43.62 15.98
N ARG C 225 -11.92 43.56 16.29
CA ARG C 225 -12.55 44.48 17.22
C ARG C 225 -12.98 43.66 18.41
N PRO C 226 -13.45 44.33 19.47
CA PRO C 226 -13.90 43.58 20.64
C PRO C 226 -15.02 42.63 20.28
N TYR C 227 -15.19 41.55 21.04
CA TYR C 227 -16.28 40.63 20.81
C TYR C 227 -17.56 41.16 21.43
N PRO C 228 -18.70 40.73 20.89
CA PRO C 228 -20.00 41.14 21.44
C PRO C 228 -20.30 40.36 22.71
N LYS C 229 -21.37 40.75 23.40
CA LYS C 229 -21.84 40.05 24.59
C LYS C 229 -23.13 39.34 24.23
N LEU C 230 -23.34 38.17 24.84
CA LEU C 230 -24.56 37.39 24.67
C LEU C 230 -25.41 37.35 25.94
N LEU C 231 -26.69 37.64 25.80
CA LEU C 231 -27.64 37.60 26.91
C LEU C 231 -28.82 36.72 26.58
N LEU C 232 -29.14 35.78 27.47
CA LEU C 232 -30.30 34.92 27.27
C LEU C 232 -31.51 35.31 28.11
N ALA C 233 -32.66 35.51 27.46
CA ALA C 233 -33.93 35.64 28.19
C ALA C 233 -34.17 34.37 29.01
N ASP C 234 -35.00 34.46 30.04
CA ASP C 234 -35.23 33.32 30.93
C ASP C 234 -36.22 32.30 30.38
N ARG C 235 -35.90 31.01 30.56
CA ARG C 235 -36.83 29.93 30.22
C ARG C 235 -36.65 28.76 31.19
N ASP C 236 -37.62 27.86 31.19
CA ASP C 236 -37.58 26.69 32.07
C ASP C 236 -37.06 25.45 31.36
N SER C 237 -37.09 25.45 30.03
CA SER C 237 -36.56 24.33 29.25
C SER C 237 -35.71 24.83 28.10
N ILE C 238 -34.65 24.09 27.78
CA ILE C 238 -33.80 24.41 26.63
C ILE C 238 -34.67 24.48 25.39
N PHE C 239 -35.54 23.48 25.24
CA PHE C 239 -36.44 23.38 24.10
C PHE C 239 -37.42 24.54 23.95
N GLU C 240 -37.47 25.44 24.94
CA GLU C 240 -38.43 26.55 24.89
C GLU C 240 -37.84 27.87 24.37
N TYR C 241 -36.51 27.98 24.43
CA TYR C 241 -35.82 29.14 23.89
C TYR C 241 -36.34 29.41 22.47
N THR C 242 -36.56 30.67 22.13
CA THR C 242 -36.89 31.03 20.75
C THR C 242 -35.87 32.05 20.26
N TYR C 243 -36.03 32.51 19.03
CA TYR C 243 -35.04 33.44 18.49
C TYR C 243 -35.08 34.75 19.25
N GLU C 244 -36.29 35.11 19.72
CA GLU C 244 -36.48 36.39 20.40
CA GLU C 244 -36.48 36.40 20.41
C GLU C 244 -35.75 36.43 21.74
N ASP C 245 -35.64 35.29 22.40
CA ASP C 245 -34.88 35.22 23.66
C ASP C 245 -33.39 35.54 23.47
N ILE C 246 -32.89 35.51 22.24
CA ILE C 246 -31.44 35.68 22.04
C ILE C 246 -31.04 37.11 21.66
N VAL C 247 -30.24 37.74 22.52
CA VAL C 247 -29.76 39.10 22.27
C VAL C 247 -28.24 39.20 22.16
N VAL C 248 -27.77 39.85 21.10
CA VAL C 248 -26.33 40.02 20.88
C VAL C 248 -25.94 41.50 20.97
N LYS C 249 -25.25 41.85 22.04
CA LYS C 249 -24.96 43.24 22.33
C LYS C 249 -23.60 43.70 21.81
N ASN C 250 -23.59 44.87 21.17
CA ASN C 250 -22.36 45.54 20.77
C ASN C 250 -21.59 44.77 19.72
N TYR C 251 -22.31 44.10 18.82
CA TYR C 251 -21.66 43.44 17.69
C TYR C 251 -21.34 44.48 16.63
N ASP C 252 -20.04 44.71 16.40
CA ASP C 252 -19.59 45.73 15.46
C ASP C 252 -18.57 45.21 14.45
N PRO C 253 -19.06 44.43 13.47
CA PRO C 253 -18.24 43.70 12.50
C PRO C 253 -17.71 44.55 11.34
N HIS C 254 -16.67 44.05 10.68
CA HIS C 254 -16.27 44.55 9.37
C HIS C 254 -17.31 44.06 8.36
N PRO C 255 -17.34 44.66 7.16
CA PRO C 255 -18.38 44.31 6.18
C PRO C 255 -18.45 42.81 5.93
N ALA C 256 -19.62 42.34 5.50
CA ALA C 256 -19.80 40.93 5.14
C ALA C 256 -18.91 40.56 3.95
N ILE C 257 -18.56 39.28 3.84
CA ILE C 257 -17.71 38.82 2.74
C ILE C 257 -18.35 37.65 1.98
N LYS C 258 -18.90 37.93 0.80
CA LYS C 258 -19.63 36.93 0.03
C LYS C 258 -18.78 35.75 -0.41
N ALA C 259 -19.33 34.55 -0.22
CA ALA C 259 -18.74 33.33 -0.76
C ALA C 259 -18.84 33.35 -2.28
N PRO C 260 -17.83 32.77 -2.98
CA PRO C 260 -17.91 32.66 -4.44
C PRO C 260 -18.86 31.56 -4.91
N VAL C 261 -19.42 31.72 -6.11
CA VAL C 261 -20.30 30.72 -6.71
C VAL C 261 -19.50 29.56 -7.31
N MET D 1 11.86 16.19 23.03
CA MET D 1 10.43 16.19 22.67
C MET D 1 9.59 15.33 23.62
N THR D 2 8.88 15.97 24.53
CA THR D 2 8.16 15.24 25.59
C THR D 2 6.71 15.70 25.81
N PRO D 3 5.87 15.58 24.78
CA PRO D 3 4.44 15.96 24.83
C PRO D 3 3.74 15.43 26.07
N TYR D 4 3.84 14.12 26.34
CA TYR D 4 3.22 13.55 27.52
C TYR D 4 3.70 14.07 28.88
N GLU D 5 5.00 14.05 29.10
CA GLU D 5 5.53 14.59 30.35
C GLU D 5 5.16 16.09 30.50
N ASP D 6 5.20 16.86 29.42
CA ASP D 6 4.77 18.26 29.48
C ASP D 6 3.31 18.39 30.00
N LEU D 7 2.39 17.62 29.40
CA LEU D 7 0.98 17.64 29.78
C LEU D 7 0.82 17.19 31.22
N LEU D 8 1.57 16.17 31.59
CA LEU D 8 1.54 15.62 32.94
C LEU D 8 1.97 16.70 33.96
N ARG D 9 3.07 17.37 33.66
CA ARG D 9 3.57 18.44 34.51
C ARG D 9 2.57 19.59 34.65
N PHE D 10 1.94 19.96 33.54
CA PHE D 10 1.01 21.07 33.48
C PHE D 10 -0.26 20.79 34.29
N VAL D 11 -0.79 19.58 34.17
CA VAL D 11 -1.97 19.21 34.94
C VAL D 11 -1.64 19.12 36.41
N LEU D 12 -0.42 18.72 36.72
CA LEU D 12 0.00 18.59 38.09
C LEU D 12 0.12 19.97 38.72
N GLU D 13 0.52 20.96 37.92
CA GLU D 13 0.79 22.32 38.43
C GLU D 13 -0.43 23.22 38.43
N THR D 14 -1.29 23.06 37.42
CA THR D 14 -2.44 23.94 37.24
C THR D 14 -3.79 23.19 37.29
N GLY D 15 -3.75 21.87 37.52
CA GLY D 15 -4.96 21.08 37.62
C GLY D 15 -5.86 21.53 38.74
N THR D 16 -7.17 21.55 38.51
CA THR D 16 -8.12 21.95 39.55
C THR D 16 -8.59 20.73 40.34
N PRO D 17 -8.57 20.82 41.68
CA PRO D 17 -9.03 19.72 42.53
C PRO D 17 -10.46 19.33 42.18
N LYS D 18 -10.72 18.04 42.03
CA LYS D 18 -12.02 17.60 41.54
C LYS D 18 -12.40 16.20 42.07
N SER D 19 -13.66 16.03 42.42
CA SER D 19 -14.15 14.76 42.91
C SER D 19 -14.39 13.90 41.68
N ASP D 20 -14.58 12.59 41.86
CA ASP D 20 -14.85 11.73 40.70
C ASP D 20 -15.58 10.43 41.05
N ARG D 21 -15.99 9.72 40.01
CA ARG D 21 -16.75 8.47 40.14
C ARG D 21 -16.15 7.47 41.15
N THR D 22 -14.84 7.28 41.08
CA THR D 22 -14.18 6.25 41.87
C THR D 22 -14.13 6.55 43.37
N GLY D 23 -14.14 7.82 43.75
CA GLY D 23 -14.05 8.20 45.15
C GLY D 23 -12.62 8.55 45.55
N THR D 24 -11.72 8.45 44.58
CA THR D 24 -10.29 8.63 44.81
C THR D 24 -9.88 10.11 44.97
N GLY D 25 -10.53 10.99 44.21
CA GLY D 25 -10.10 12.38 44.08
C GLY D 25 -9.12 12.54 42.91
N THR D 26 -9.25 13.62 42.14
CA THR D 26 -8.30 13.90 41.07
C THR D 26 -7.90 15.37 41.00
N ARG D 27 -6.87 15.64 40.22
CA ARG D 27 -6.43 16.98 39.83
C ARG D 27 -6.64 17.00 38.32
N SER D 28 -7.26 18.05 37.79
CA SER D 28 -7.83 17.92 36.44
C SER D 28 -7.85 19.20 35.57
N LEU D 29 -7.64 18.99 34.27
CA LEU D 29 -7.80 20.02 33.23
C LEU D 29 -8.66 19.46 32.09
N PHE D 30 -9.16 20.34 31.22
CA PHE D 30 -10.10 19.92 30.17
C PHE D 30 -9.55 20.33 28.79
N GLY D 31 -9.86 19.54 27.77
CA GLY D 31 -9.41 19.82 26.42
C GLY D 31 -7.92 20.11 26.22
N GLN D 32 -7.07 19.12 26.50
CA GLN D 32 -5.63 19.28 26.27
C GLN D 32 -5.25 18.40 25.06
N GLN D 33 -4.21 18.81 24.35
CA GLN D 33 -3.75 18.09 23.16
C GLN D 33 -2.27 17.70 23.26
N MET D 34 -1.91 16.66 22.53
CA MET D 34 -0.54 16.17 22.44
C MET D 34 -0.30 15.78 20.97
N ARG D 35 0.86 16.11 20.42
CA ARG D 35 1.17 15.61 19.08
C ARG D 35 2.50 14.87 19.04
N TYR D 36 2.49 13.72 18.38
CA TYR D 36 3.70 12.98 18.13
C TYR D 36 3.95 12.83 16.63
N ASP D 37 5.15 13.21 16.20
CA ASP D 37 5.59 12.88 14.85
C ASP D 37 6.10 11.43 14.87
N LEU D 38 5.27 10.50 14.40
CA LEU D 38 5.63 9.07 14.43
C LEU D 38 6.86 8.70 13.60
N SER D 39 7.18 9.49 12.57
CA SER D 39 8.37 9.19 11.77
C SER D 39 9.63 9.43 12.59
N ALA D 40 9.52 10.22 13.66
CA ALA D 40 10.67 10.53 14.51
C ALA D 40 10.92 9.44 15.57
N GLY D 41 9.94 8.58 15.78
CA GLY D 41 10.07 7.50 16.76
C GLY D 41 8.76 7.01 17.33
N PHE D 42 8.81 5.79 17.89
CA PHE D 42 7.63 5.21 18.49
C PHE D 42 7.43 5.69 19.92
N PRO D 43 6.26 6.27 20.20
CA PRO D 43 5.98 6.94 21.49
C PRO D 43 5.70 5.97 22.64
N LEU D 44 6.60 5.02 22.87
CA LEU D 44 6.55 4.22 24.07
C LEU D 44 7.43 4.94 25.12
N LEU D 45 6.81 5.50 26.16
CA LEU D 45 7.52 6.35 27.11
C LEU D 45 8.78 5.68 27.64
N THR D 46 9.83 6.50 27.83
CA THR D 46 11.11 6.07 28.40
C THR D 46 11.34 6.63 29.82
N THR D 47 10.41 7.46 30.31
CA THR D 47 10.52 8.02 31.65
C THR D 47 9.99 7.00 32.70
N LYS D 48 9.34 5.95 32.23
CA LYS D 48 9.09 4.75 33.03
C LYS D 48 8.94 3.59 32.04
N LYS D 49 9.19 2.36 32.49
CA LYS D 49 8.97 1.17 31.68
C LYS D 49 7.47 0.90 31.51
N VAL D 50 6.99 1.10 30.28
CA VAL D 50 5.63 0.70 29.90
C VAL D 50 5.62 -0.76 29.42
N HIS D 51 4.72 -1.56 29.98
CA HIS D 51 4.60 -2.95 29.59
C HIS D 51 3.97 -3.09 28.21
N PHE D 52 4.81 -2.95 27.18
CA PHE D 52 4.33 -2.97 25.80
C PHE D 52 3.54 -4.23 25.45
N LYS D 53 3.93 -5.36 26.05
CA LYS D 53 3.20 -6.61 25.83
C LYS D 53 1.70 -6.45 26.05
N SER D 54 1.33 -5.84 27.18
CA SER D 54 -0.09 -5.64 27.49
C SER D 54 -0.73 -4.70 26.48
N VAL D 55 -0.01 -3.62 26.13
CA VAL D 55 -0.51 -2.67 25.15
C VAL D 55 -0.88 -3.35 23.86
N ALA D 56 0.02 -4.20 23.37
CA ALA D 56 -0.12 -4.82 22.08
C ALA D 56 -1.23 -5.88 22.09
N TYR D 57 -1.21 -6.78 23.07
CA TYR D 57 -2.28 -7.76 23.15
C TYR D 57 -3.65 -7.06 23.32
N GLU D 58 -3.72 -6.00 24.13
CA GLU D 58 -4.97 -5.28 24.21
C GLU D 58 -5.44 -4.84 22.82
N LEU D 59 -4.55 -4.30 22.01
CA LEU D 59 -4.93 -3.84 20.67
C LEU D 59 -5.35 -5.00 19.78
N LEU D 60 -4.61 -6.11 19.86
CA LEU D 60 -4.94 -7.27 19.00
C LEU D 60 -6.32 -7.78 19.41
N TRP D 61 -6.62 -7.62 20.69
CA TRP D 61 -7.91 -8.00 21.29
C TRP D 61 -9.06 -7.13 20.76
N PHE D 62 -8.85 -5.82 20.73
CA PHE D 62 -9.79 -4.91 20.09
C PHE D 62 -10.07 -5.34 18.66
N LEU D 63 -9.02 -5.65 17.92
CA LEU D 63 -9.14 -5.93 16.48
C LEU D 63 -9.95 -7.19 16.21
N ARG D 64 -9.92 -8.12 17.17
CA ARG D 64 -10.74 -9.33 17.17
C ARG D 64 -12.24 -9.07 17.31
N GLY D 65 -12.58 -7.91 17.88
CA GLY D 65 -13.97 -7.51 18.08
C GLY D 65 -14.60 -8.26 19.25
N ASP D 66 -13.84 -8.38 20.32
CA ASP D 66 -14.12 -9.33 21.38
C ASP D 66 -14.66 -8.63 22.62
N SER D 67 -15.60 -9.27 23.30
CA SER D 67 -16.19 -8.73 24.53
C SER D 67 -15.68 -9.39 25.80
N ASN D 68 -15.09 -10.57 25.68
CA ASN D 68 -14.64 -11.35 26.84
C ASN D 68 -13.13 -11.31 27.10
N ILE D 69 -12.72 -11.21 28.36
CA ILE D 69 -11.29 -11.10 28.64
C ILE D 69 -10.49 -12.43 28.53
N GLY D 70 -11.17 -13.52 28.18
CA GLY D 70 -10.55 -14.83 28.07
C GLY D 70 -9.27 -14.91 27.24
N TRP D 71 -9.32 -14.33 26.05
CA TRP D 71 -8.15 -14.30 25.16
C TRP D 71 -6.97 -13.47 25.74
N LEU D 72 -7.24 -12.38 26.45
CA LEU D 72 -6.18 -11.66 27.14
C LEU D 72 -5.50 -12.55 28.19
N HIS D 73 -6.34 -13.31 28.90
CA HIS D 73 -5.86 -14.27 29.89
C HIS D 73 -4.97 -15.36 29.28
N GLU D 74 -5.40 -15.96 28.17
CA GLU D 74 -4.59 -16.96 27.49
C GLU D 74 -3.19 -16.42 27.22
N HIS D 75 -3.09 -15.10 27.13
CA HIS D 75 -1.82 -14.48 26.81
C HIS D 75 -1.21 -13.76 28.02
N GLY D 76 -1.77 -14.01 29.19
CA GLY D 76 -1.22 -13.51 30.44
C GLY D 76 -1.46 -12.02 30.73
N VAL D 77 -2.51 -11.47 30.15
CA VAL D 77 -2.81 -10.05 30.29
C VAL D 77 -3.98 -9.83 31.24
N THR D 78 -3.72 -9.19 32.38
CA THR D 78 -4.74 -9.06 33.43
C THR D 78 -5.30 -7.63 33.63
N ILE D 79 -4.98 -6.72 32.71
CA ILE D 79 -5.34 -5.31 32.90
C ILE D 79 -6.84 -5.02 32.95
N TRP D 80 -7.68 -5.86 32.38
CA TRP D 80 -9.12 -5.60 32.42
C TRP D 80 -9.90 -6.37 33.49
N ASP D 81 -9.17 -6.99 34.42
CA ASP D 81 -9.74 -7.98 35.33
C ASP D 81 -10.76 -7.39 36.28
N GLU D 82 -10.52 -6.17 36.73
CA GLU D 82 -11.34 -5.53 37.77
C GLU D 82 -12.75 -5.17 37.29
N TRP D 83 -13.00 -5.17 35.99
CA TRP D 83 -14.30 -4.72 35.46
C TRP D 83 -15.10 -5.85 34.79
N ALA D 84 -14.46 -7.00 34.60
CA ALA D 84 -15.14 -8.10 33.94
C ALA D 84 -16.09 -8.81 34.88
N SER D 85 -17.11 -9.44 34.30
CA SER D 85 -18.08 -10.19 35.06
C SER D 85 -17.49 -11.55 35.41
N ASP D 86 -18.30 -12.40 36.04
CA ASP D 86 -17.86 -13.71 36.50
C ASP D 86 -17.41 -14.56 35.33
N THR D 87 -18.18 -14.49 34.25
CA THR D 87 -17.93 -15.26 33.04
C THR D 87 -16.85 -14.66 32.12
N GLY D 88 -16.25 -13.55 32.55
CA GLY D 88 -15.29 -12.79 31.75
C GLY D 88 -15.79 -11.59 30.94
N GLU D 89 -17.10 -11.32 30.93
CA GLU D 89 -17.69 -10.32 30.01
C GLU D 89 -17.52 -8.86 30.40
N LEU D 90 -17.40 -7.99 29.39
CA LEU D 90 -17.32 -6.54 29.59
C LEU D 90 -18.43 -5.75 28.88
N GLY D 91 -19.36 -6.46 28.24
CA GLY D 91 -20.37 -5.82 27.41
C GLY D 91 -19.79 -5.43 26.05
N PRO D 92 -20.57 -4.70 25.23
CA PRO D 92 -20.18 -4.32 23.85
C PRO D 92 -19.13 -3.20 23.75
N ILE D 93 -17.97 -3.38 24.37
CA ILE D 93 -17.01 -2.29 24.43
C ILE D 93 -16.17 -2.12 23.15
N TYR D 94 -15.12 -1.31 23.24
CA TYR D 94 -14.29 -0.97 22.08
C TYR D 94 -14.30 -1.96 20.90
N GLY D 95 -13.83 -3.20 21.12
CA GLY D 95 -13.66 -4.15 20.04
C GLY D 95 -14.93 -4.47 19.28
N VAL D 96 -15.98 -4.72 20.03
CA VAL D 96 -17.29 -4.99 19.47
C VAL D 96 -17.74 -3.82 18.59
N GLN D 97 -17.52 -2.59 19.06
CA GLN D 97 -17.99 -1.42 18.31
C GLN D 97 -17.15 -1.17 17.06
N TRP D 98 -15.86 -1.49 17.13
CA TRP D 98 -14.94 -1.30 16.00
C TRP D 98 -15.22 -2.25 14.84
N ARG D 99 -15.54 -3.50 15.17
CA ARG D 99 -15.63 -4.57 14.19
C ARG D 99 -17.06 -4.88 13.80
N SER D 100 -17.99 -4.67 14.73
CA SER D 100 -19.37 -5.09 14.51
C SER D 100 -20.41 -4.16 15.17
N TRP D 101 -20.34 -2.88 14.83
CA TRP D 101 -21.31 -1.89 15.28
C TRP D 101 -22.67 -2.29 14.79
N PRO D 102 -23.64 -2.44 15.70
CA PRO D 102 -25.02 -2.81 15.33
C PRO D 102 -25.86 -1.63 14.78
N ALA D 103 -26.36 -1.83 13.57
CA ALA D 103 -27.25 -0.90 12.93
C ALA D 103 -28.69 -1.43 12.98
N PRO D 104 -29.68 -0.53 12.90
CA PRO D 104 -31.08 -0.93 12.97
C PRO D 104 -31.43 -2.01 11.95
N SER D 105 -30.76 -1.97 10.79
CA SER D 105 -30.98 -2.96 9.74
C SER D 105 -30.81 -4.38 10.30
N GLY D 106 -29.95 -4.51 11.30
CA GLY D 106 -29.58 -5.82 11.80
C GLY D 106 -28.19 -6.14 11.28
N GLU D 107 -27.75 -5.38 10.29
CA GLU D 107 -26.41 -5.52 9.76
C GLU D 107 -25.39 -5.08 10.80
N HIS D 108 -24.14 -5.47 10.61
CA HIS D 108 -23.08 -5.11 11.54
C HIS D 108 -21.95 -4.50 10.77
N ILE D 109 -21.43 -3.40 11.28
CA ILE D 109 -20.51 -2.61 10.51
C ILE D 109 -19.10 -2.80 11.02
N ASP D 110 -18.25 -3.34 10.16
CA ASP D 110 -16.85 -3.45 10.48
C ASP D 110 -16.17 -2.13 10.11
N GLN D 111 -16.03 -1.24 11.10
CA GLN D 111 -15.49 0.10 10.87
C GLN D 111 -13.99 0.11 10.53
N ILE D 112 -13.25 -0.84 11.08
CA ILE D 112 -11.83 -0.95 10.79
C ILE D 112 -11.64 -1.26 9.32
N SER D 113 -12.39 -2.24 8.83
CA SER D 113 -12.30 -2.64 7.43
C SER D 113 -12.71 -1.47 6.55
N ALA D 114 -13.74 -0.73 6.97
CA ALA D 114 -14.25 0.37 6.15
C ALA D 114 -13.28 1.54 6.12
N ALA D 115 -12.62 1.80 7.23
CA ALA D 115 -11.61 2.86 7.24
C ALA D 115 -10.45 2.47 6.34
N LEU D 116 -10.01 1.22 6.47
CA LEU D 116 -8.91 0.71 5.65
C LEU D 116 -9.26 0.84 4.18
N ASP D 117 -10.50 0.50 3.85
CA ASP D 117 -11.04 0.71 2.51
C ASP D 117 -10.85 2.15 2.00
N LEU D 118 -11.26 3.13 2.80
CA LEU D 118 -11.16 4.52 2.42
C LEU D 118 -9.70 4.89 2.20
N LEU D 119 -8.81 4.34 3.03
CA LEU D 119 -7.41 4.76 2.98
C LEU D 119 -6.79 4.35 1.64
N ARG D 120 -7.19 3.19 1.16
CA ARG D 120 -6.64 2.64 -0.06
C ARG D 120 -7.26 3.28 -1.28
N THR D 121 -8.56 3.55 -1.23
CA THR D 121 -9.28 3.99 -2.44
C THR D 121 -9.68 5.47 -2.48
N ASP D 122 -9.80 6.10 -1.32
CA ASP D 122 -10.18 7.52 -1.21
C ASP D 122 -9.41 8.22 -0.07
N PRO D 123 -8.07 8.27 -0.18
CA PRO D 123 -7.18 8.76 0.90
C PRO D 123 -7.53 10.17 1.32
N ASP D 124 -8.02 10.96 0.38
CA ASP D 124 -8.37 12.37 0.62
C ASP D 124 -9.67 12.52 1.40
N SER D 125 -10.46 11.45 1.47
CA SER D 125 -11.70 11.48 2.24
C SER D 125 -11.54 12.11 3.63
N ARG D 126 -12.49 12.97 3.99
CA ARG D 126 -12.57 13.60 5.31
C ARG D 126 -13.51 12.82 6.21
N ARG D 127 -13.92 11.63 5.76
CA ARG D 127 -14.87 10.81 6.48
C ARG D 127 -14.28 9.52 7.06
N ILE D 128 -12.95 9.44 7.13
CA ILE D 128 -12.28 8.24 7.65
C ILE D 128 -12.30 8.16 9.20
N ILE D 129 -13.43 7.67 9.70
CA ILE D 129 -13.76 7.73 11.12
C ILE D 129 -14.10 6.36 11.70
N VAL D 130 -13.65 6.13 12.93
CA VAL D 130 -14.08 4.96 13.68
C VAL D 130 -14.57 5.43 15.05
N SER D 131 -15.76 4.98 15.44
CA SER D 131 -16.33 5.42 16.71
C SER D 131 -16.70 4.26 17.61
N ALA D 132 -16.28 4.36 18.87
CA ALA D 132 -16.67 3.40 19.89
C ALA D 132 -17.82 3.97 20.73
N TRP D 133 -18.15 5.25 20.53
CA TRP D 133 -19.21 5.86 21.34
C TRP D 133 -20.60 5.54 20.78
N ASN D 134 -21.06 4.33 21.06
CA ASN D 134 -22.36 3.87 20.62
C ASN D 134 -23.46 4.18 21.65
N VAL D 135 -24.06 5.36 21.52
CA VAL D 135 -25.04 5.85 22.48
C VAL D 135 -26.07 4.79 22.85
N GLY D 136 -26.48 3.99 21.88
CA GLY D 136 -27.49 2.95 22.09
C GLY D 136 -27.08 1.79 22.98
N GLU D 137 -25.76 1.60 23.15
CA GLU D 137 -25.20 0.46 23.90
C GLU D 137 -24.38 0.83 25.15
N ILE D 138 -24.05 2.11 25.33
CA ILE D 138 -23.22 2.52 26.48
C ILE D 138 -23.61 1.82 27.78
N GLU D 139 -24.89 1.89 28.13
CA GLU D 139 -25.38 1.31 29.39
C GLU D 139 -25.04 -0.18 29.60
N ARG D 140 -24.91 -0.94 28.52
CA ARG D 140 -24.54 -2.34 28.67
C ARG D 140 -23.03 -2.51 28.95
N MET D 141 -22.26 -1.43 28.83
CA MET D 141 -20.80 -1.55 29.01
C MET D 141 -20.34 -1.49 30.46
N ALA D 142 -19.38 -2.33 30.80
CA ALA D 142 -18.74 -2.27 32.12
C ALA D 142 -18.15 -0.88 32.36
N LEU D 143 -17.54 -0.31 31.34
CA LEU D 143 -17.09 1.09 31.38
C LEU D 143 -17.39 1.76 30.06
N PRO D 144 -17.80 3.03 30.10
CA PRO D 144 -17.94 3.73 28.83
C PRO D 144 -16.56 3.94 28.22
N PRO D 145 -16.48 3.95 26.89
CA PRO D 145 -15.18 4.08 26.20
C PRO D 145 -14.46 5.35 26.64
N CYS D 146 -13.20 5.24 27.03
CA CYS D 146 -12.39 6.42 27.31
C CYS D 146 -11.80 6.95 26.01
N HIS D 147 -11.10 6.08 25.28
CA HIS D 147 -10.68 6.45 23.92
C HIS D 147 -11.89 6.15 23.01
N ALA D 148 -12.53 7.20 22.53
CA ALA D 148 -13.92 7.06 22.10
C ALA D 148 -14.18 7.20 20.61
N PHE D 149 -13.29 7.89 19.92
CA PHE D 149 -13.57 8.36 18.59
C PHE D 149 -12.20 8.64 17.98
N PHE D 150 -11.92 8.07 16.83
CA PHE D 150 -10.70 8.46 16.13
C PHE D 150 -10.90 8.65 14.64
N GLN D 151 -9.96 9.37 14.05
CA GLN D 151 -10.03 9.75 12.66
C GLN D 151 -8.65 9.65 12.02
N PHE D 152 -8.62 9.21 10.76
CA PHE D 152 -7.41 9.17 9.94
C PHE D 152 -7.36 10.29 8.89
N TYR D 153 -6.14 10.60 8.45
CA TYR D 153 -5.89 11.69 7.51
C TYR D 153 -4.64 11.33 6.73
N VAL D 154 -4.64 11.64 5.44
CA VAL D 154 -3.52 11.30 4.56
C VAL D 154 -3.02 12.56 3.89
N ALA D 155 -1.72 12.78 3.96
CA ALA D 155 -1.10 13.94 3.32
C ALA D 155 0.22 13.50 2.74
N ASP D 156 0.37 13.64 1.43
CA ASP D 156 1.58 13.19 0.75
C ASP D 156 1.97 11.76 1.13
N GLY D 157 1.00 10.83 1.09
CA GLY D 157 1.27 9.43 1.33
C GLY D 157 1.56 9.07 2.79
N ARG D 158 1.32 10.03 3.68
CA ARG D 158 1.64 9.86 5.08
C ARG D 158 0.34 9.81 5.88
N LEU D 159 0.22 8.82 6.76
CA LEU D 159 -1.03 8.62 7.50
C LEU D 159 -0.96 9.20 8.89
N SER D 160 -1.90 10.10 9.18
CA SER D 160 -2.06 10.65 10.51
C SER D 160 -3.30 10.13 11.17
N CYS D 161 -3.32 10.17 12.50
CA CYS D 161 -4.43 9.68 13.29
C CYS D 161 -4.69 10.65 14.42
N GLN D 162 -5.96 10.98 14.63
CA GLN D 162 -6.36 11.77 15.78
C GLN D 162 -7.36 11.03 16.63
N LEU D 163 -7.10 11.02 17.93
CA LEU D 163 -7.93 10.33 18.88
C LEU D 163 -8.59 11.34 19.80
N TYR D 164 -9.90 11.23 19.95
CA TYR D 164 -10.61 11.94 21.02
C TYR D 164 -10.78 11.01 22.21
N GLN D 165 -10.10 11.33 23.28
CA GLN D 165 -10.22 10.54 24.51
C GLN D 165 -11.00 11.36 25.55
N ARG D 166 -12.27 10.99 25.75
CA ARG D 166 -13.20 11.75 26.60
C ARG D 166 -12.75 11.82 28.04
N SER D 167 -12.02 10.80 28.49
CA SER D 167 -11.58 10.69 29.87
C SER D 167 -10.21 10.04 29.96
N ALA D 168 -9.31 10.68 30.70
CA ALA D 168 -7.88 10.34 30.66
C ALA D 168 -7.20 10.26 32.04
N ASP D 169 -6.96 9.04 32.49
CA ASP D 169 -6.10 8.76 33.63
C ASP D 169 -4.64 8.91 33.14
N LEU D 170 -4.05 10.07 33.43
CA LEU D 170 -2.78 10.43 32.85
C LEU D 170 -1.68 9.50 33.29
N PHE D 171 -1.66 9.12 34.56
CA PHE D 171 -0.58 8.23 34.99
C PHE D 171 -0.73 6.77 34.52
N LEU D 172 -1.92 6.18 34.68
CA LEU D 172 -2.08 4.80 34.28
C LEU D 172 -2.47 4.55 32.80
N GLY D 173 -3.63 5.03 32.39
CA GLY D 173 -4.14 4.65 31.10
C GLY D 173 -3.44 5.27 29.88
N VAL D 174 -3.21 6.56 29.97
CA VAL D 174 -2.75 7.34 28.83
C VAL D 174 -1.44 6.83 28.19
N PRO D 175 -0.46 6.41 29.00
CA PRO D 175 0.73 5.85 28.32
C PRO D 175 0.38 4.61 27.51
N PHE D 176 -0.56 3.79 27.99
CA PHE D 176 -1.08 2.69 27.19
C PHE D 176 -1.79 3.20 25.94
N ASN D 177 -2.70 4.13 26.11
CA ASN D 177 -3.49 4.61 24.99
C ASN D 177 -2.63 5.22 23.87
N ILE D 178 -1.60 5.96 24.27
CA ILE D 178 -0.67 6.56 23.32
C ILE D 178 0.02 5.49 22.47
N ALA D 179 0.64 4.52 23.13
CA ALA D 179 1.35 3.48 22.44
C ALA D 179 0.36 2.63 21.61
N SER D 180 -0.85 2.44 22.12
CA SER D 180 -1.84 1.63 21.44
C SER D 180 -2.22 2.22 20.07
N TYR D 181 -2.48 3.52 20.05
CA TYR D 181 -2.92 4.18 18.84
C TYR D 181 -1.79 4.41 17.86
N ALA D 182 -0.60 4.66 18.39
CA ALA D 182 0.59 4.75 17.55
C ALA D 182 0.74 3.42 16.81
N LEU D 183 0.68 2.34 17.56
CA LEU D 183 0.73 1.00 17.01
C LEU D 183 -0.37 0.75 15.96
N LEU D 184 -1.61 1.10 16.29
CA LEU D 184 -2.70 0.92 15.33
C LEU D 184 -2.40 1.67 14.03
N THR D 185 -1.80 2.86 14.16
CA THR D 185 -1.55 3.73 13.04
C THR D 185 -0.51 3.15 12.12
N HIS D 186 0.52 2.53 12.70
CA HIS D 186 1.54 1.76 11.93
C HIS D 186 0.93 0.58 11.16
N MET D 187 0.03 -0.14 11.82
CA MET D 187 -0.58 -1.34 11.24
C MET D 187 -1.42 -0.89 10.05
N MET D 188 -2.17 0.16 10.30
CA MET D 188 -3.11 0.65 9.32
C MET D 188 -2.33 1.21 8.13
N ALA D 189 -1.25 1.93 8.42
CA ALA D 189 -0.35 2.44 7.38
C ALA D 189 0.23 1.29 6.55
N ALA D 190 0.67 0.23 7.24
CA ALA D 190 1.28 -0.87 6.54
C ALA D 190 0.23 -1.45 5.60
N GLN D 191 -0.99 -1.61 6.11
CA GLN D 191 -2.06 -2.23 5.32
C GLN D 191 -2.58 -1.36 4.18
N ALA D 192 -2.25 -0.08 4.20
CA ALA D 192 -2.80 0.85 3.22
C ALA D 192 -1.75 1.29 2.22
N GLY D 193 -0.51 0.81 2.40
CA GLY D 193 0.59 1.26 1.56
C GLY D 193 1.02 2.70 1.84
N LEU D 194 0.83 3.16 3.07
CA LEU D 194 1.27 4.51 3.43
C LEU D 194 2.42 4.43 4.43
N SER D 195 3.14 5.53 4.60
CA SER D 195 4.03 5.68 5.75
C SER D 195 3.31 6.43 6.90
N VAL D 196 3.97 6.57 8.03
CA VAL D 196 3.31 7.16 9.19
C VAL D 196 3.57 8.65 9.25
N GLY D 197 2.57 9.41 9.70
CA GLY D 197 2.70 10.84 9.90
C GLY D 197 2.66 11.16 11.38
N GLU D 198 1.63 11.92 11.77
CA GLU D 198 1.45 12.38 13.13
C GLU D 198 0.38 11.59 13.88
N PHE D 199 0.60 11.41 15.17
CA PHE D 199 -0.47 10.95 16.02
C PHE D 199 -0.88 12.14 16.90
N ILE D 200 -2.12 12.56 16.78
CA ILE D 200 -2.66 13.67 17.58
C ILE D 200 -3.63 13.11 18.64
N TRP D 201 -3.26 13.33 19.91
CA TRP D 201 -4.06 12.92 21.05
C TRP D 201 -4.85 14.12 21.62
N THR D 202 -6.17 14.02 21.67
CA THR D 202 -6.98 15.12 22.20
C THR D 202 -7.84 14.66 23.36
N GLY D 203 -7.58 15.18 24.56
CA GLY D 203 -8.31 14.75 25.72
C GLY D 203 -9.45 15.66 26.13
N GLY D 204 -10.47 15.07 26.73
CA GLY D 204 -11.51 15.83 27.41
C GLY D 204 -11.05 16.04 28.84
N ASP D 205 -11.57 15.22 29.76
CA ASP D 205 -11.18 15.32 31.17
C ASP D 205 -9.84 14.66 31.42
N CYS D 206 -8.80 15.48 31.59
CA CYS D 206 -7.43 15.03 31.76
C CYS D 206 -7.01 15.17 33.22
N HIS D 207 -6.94 14.03 33.91
CA HIS D 207 -6.74 14.02 35.34
C HIS D 207 -5.57 13.15 35.82
N ILE D 208 -4.97 13.61 36.91
CA ILE D 208 -4.06 12.82 37.71
C ILE D 208 -4.81 12.42 38.98
N TYR D 209 -4.92 11.12 39.25
CA TYR D 209 -5.55 10.66 40.50
C TYR D 209 -4.71 11.05 41.72
N ASP D 210 -5.36 11.41 42.82
CA ASP D 210 -4.66 11.84 44.04
C ASP D 210 -3.62 10.83 44.56
N ASN D 211 -3.88 9.54 44.35
CA ASN D 211 -2.93 8.52 44.76
C ASN D 211 -1.87 8.18 43.71
N HIS D 212 -1.74 9.02 42.68
CA HIS D 212 -0.67 8.89 41.67
C HIS D 212 0.37 10.02 41.76
N VAL D 213 0.16 10.95 42.70
CA VAL D 213 1.03 12.12 42.81
C VAL D 213 2.50 11.80 43.03
N GLU D 214 2.80 10.96 44.00
CA GLU D 214 4.20 10.60 44.25
C GLU D 214 4.82 9.92 43.04
N GLN D 215 4.04 9.10 42.35
CA GLN D 215 4.53 8.42 41.15
C GLN D 215 4.81 9.40 40.01
N VAL D 216 3.89 10.34 39.79
CA VAL D 216 4.04 11.31 38.71
C VAL D 216 5.28 12.16 38.94
N ARG D 217 5.44 12.64 40.17
CA ARG D 217 6.52 13.53 40.51
C ARG D 217 7.83 12.85 40.29
N LEU D 218 7.95 11.59 40.73
CA LEU D 218 9.14 10.80 40.44
C LEU D 218 9.41 10.70 38.93
N GLN D 219 8.37 10.37 38.17
CA GLN D 219 8.55 10.27 36.72
C GLN D 219 9.04 11.58 36.08
N LEU D 220 8.53 12.70 36.60
CA LEU D 220 8.84 14.01 36.06
C LEU D 220 10.30 14.42 36.35
N SER D 221 10.94 13.77 37.30
CA SER D 221 12.33 14.05 37.66
C SER D 221 13.34 13.33 36.75
N ARG D 222 12.83 12.53 35.83
CA ARG D 222 13.68 11.70 34.99
C ARG D 222 13.93 12.25 33.57
N GLU D 223 15.17 12.12 33.11
CA GLU D 223 15.57 12.54 31.77
C GLU D 223 15.04 11.59 30.71
N PRO D 224 14.27 12.12 29.76
CA PRO D 224 13.83 11.21 28.69
C PRO D 224 15.03 10.75 27.89
N ARG D 225 14.92 9.55 27.35
CA ARG D 225 15.93 9.00 26.45
C ARG D 225 15.34 8.91 25.05
N PRO D 226 16.15 8.53 24.06
CA PRO D 226 15.65 8.38 22.68
C PRO D 226 14.47 7.41 22.58
N TYR D 227 13.54 7.71 21.68
CA TYR D 227 12.40 6.82 21.43
C TYR D 227 12.87 5.57 20.70
N PRO D 228 12.17 4.45 20.94
CA PRO D 228 12.44 3.19 20.27
C PRO D 228 11.87 3.19 18.84
N LYS D 229 12.15 2.14 18.09
CA LYS D 229 11.70 2.04 16.71
C LYS D 229 10.75 0.85 16.58
N LEU D 230 9.65 1.04 15.86
CA LEU D 230 8.68 -0.01 15.67
C LEU D 230 8.89 -0.69 14.32
N LEU D 231 8.99 -2.03 14.31
CA LEU D 231 9.08 -2.81 13.07
C LEU D 231 7.95 -3.84 13.04
N LEU D 232 7.38 -4.07 11.85
CA LEU D 232 6.30 -5.02 11.69
C LEU D 232 6.68 -6.06 10.68
N ALA D 233 6.35 -7.31 10.94
CA ALA D 233 6.44 -8.34 9.91
C ALA D 233 5.32 -8.13 8.90
N ASP D 234 5.47 -8.70 7.72
CA ASP D 234 4.45 -8.56 6.66
C ASP D 234 3.23 -9.48 6.89
N ARG D 235 2.03 -8.93 6.74
CA ARG D 235 0.80 -9.75 6.79
C ARG D 235 -0.20 -9.23 5.78
N ASP D 236 -0.99 -10.12 5.19
CA ASP D 236 -1.93 -9.65 4.16
C ASP D 236 -3.24 -9.01 4.71
N SER D 237 -3.32 -8.83 6.03
CA SER D 237 -4.55 -8.37 6.66
C SER D 237 -4.29 -7.87 8.06
N ILE D 238 -4.92 -6.76 8.42
CA ILE D 238 -4.73 -6.22 9.74
C ILE D 238 -5.19 -7.23 10.82
N PHE D 239 -6.13 -8.10 10.46
CA PHE D 239 -6.71 -9.03 11.41
C PHE D 239 -5.84 -10.28 11.60
N GLU D 240 -4.74 -10.31 10.86
CA GLU D 240 -3.79 -11.42 10.94
C GLU D 240 -2.45 -11.08 11.61
N TYR D 241 -2.26 -9.84 12.05
CA TYR D 241 -1.09 -9.54 12.88
C TYR D 241 -1.12 -10.37 14.17
N THR D 242 0.04 -10.81 14.63
CA THR D 242 0.15 -11.44 15.94
C THR D 242 1.22 -10.68 16.71
N TYR D 243 1.29 -10.94 18.01
CA TYR D 243 2.25 -10.29 18.87
C TYR D 243 3.65 -10.46 18.30
N GLU D 244 3.92 -11.67 17.81
CA GLU D 244 5.21 -12.02 17.19
C GLU D 244 5.58 -11.16 15.99
N ASP D 245 4.61 -10.56 15.33
CA ASP D 245 4.86 -9.73 14.14
C ASP D 245 5.38 -8.33 14.45
N ILE D 246 5.54 -8.04 15.75
CA ILE D 246 5.82 -6.69 16.22
C ILE D 246 7.08 -6.67 17.06
N VAL D 247 8.09 -5.93 16.62
CA VAL D 247 9.29 -5.72 17.40
C VAL D 247 9.47 -4.25 17.80
N VAL D 248 9.85 -4.00 19.05
CA VAL D 248 10.20 -2.67 19.49
C VAL D 248 11.73 -2.63 19.68
N LYS D 249 12.41 -1.88 18.82
CA LYS D 249 13.87 -1.84 18.84
C LYS D 249 14.45 -0.68 19.69
N ASN D 250 15.52 -0.98 20.41
CA ASN D 250 16.19 0.03 21.23
C ASN D 250 15.27 0.77 22.19
N TYR D 251 14.54 -0.01 22.97
CA TYR D 251 13.73 0.55 24.01
C TYR D 251 14.50 0.54 25.33
N ASP D 252 14.84 1.71 25.85
CA ASP D 252 15.72 1.77 27.02
C ASP D 252 15.15 2.65 28.13
N PRO D 253 14.05 2.21 28.77
CA PRO D 253 13.40 3.13 29.71
C PRO D 253 14.04 3.16 31.07
N HIS D 254 13.76 4.22 31.81
CA HIS D 254 13.87 4.26 33.28
C HIS D 254 13.00 3.15 33.91
N PRO D 255 13.29 2.78 35.17
CA PRO D 255 12.57 1.70 35.83
C PRO D 255 11.05 1.89 35.91
N ALA D 256 10.31 0.79 35.81
CA ALA D 256 8.87 0.78 36.03
C ALA D 256 8.51 1.50 37.34
N ILE D 257 7.32 2.08 37.36
CA ILE D 257 6.79 2.72 38.56
C ILE D 257 5.40 2.14 38.83
N LYS D 258 5.25 1.36 39.89
CA LYS D 258 3.97 0.72 40.16
C LYS D 258 2.99 1.71 40.72
N ALA D 259 1.74 1.62 40.30
CA ALA D 259 0.72 2.46 40.90
C ALA D 259 -0.61 1.74 40.97
N PRO D 260 -1.44 2.11 41.97
CA PRO D 260 -2.78 1.57 42.19
C PRO D 260 -3.86 2.08 41.19
N VAL D 261 -4.67 1.17 40.64
CA VAL D 261 -5.76 1.54 39.73
C VAL D 261 -7.09 1.77 40.48
N ALA D 262 -7.86 2.77 40.03
CA ALA D 262 -9.18 3.07 40.61
C ALA D 262 -10.33 2.35 39.87
N VAL D 263 -11.12 1.58 40.61
CA VAL D 263 -12.14 0.71 40.02
C VAL D 263 -13.45 1.42 39.67
N MET E 1 15.56 27.47 17.65
CA MET E 1 15.75 28.06 16.32
C MET E 1 17.22 28.40 16.09
N THR E 2 17.94 27.48 15.46
CA THR E 2 19.38 27.61 15.28
C THR E 2 19.77 27.40 13.82
N PRO E 3 19.52 28.40 12.97
CA PRO E 3 19.88 28.30 11.56
C PRO E 3 21.39 28.07 11.37
N TYR E 4 22.21 28.71 12.21
CA TYR E 4 23.64 28.65 12.02
C TYR E 4 24.23 27.29 12.37
N GLU E 5 23.88 26.79 13.56
CA GLU E 5 24.37 25.47 13.96
C GLU E 5 23.89 24.43 12.94
N ASP E 6 22.64 24.60 12.51
CA ASP E 6 22.01 23.73 11.53
C ASP E 6 22.80 23.66 10.23
N LEU E 7 23.25 24.81 9.75
CA LEU E 7 24.02 24.86 8.51
C LEU E 7 25.40 24.26 8.71
N LEU E 8 26.03 24.63 9.82
CA LEU E 8 27.31 24.06 10.21
C LEU E 8 27.25 22.55 10.14
N ARG E 9 26.22 22.01 10.79
CA ARG E 9 26.00 20.56 10.84
C ARG E 9 25.90 19.98 9.44
N PHE E 10 25.15 20.66 8.57
CA PHE E 10 24.83 20.17 7.23
C PHE E 10 26.08 20.12 6.35
N VAL E 11 26.92 21.15 6.48
CA VAL E 11 28.13 21.23 5.70
C VAL E 11 29.13 20.22 6.25
N LEU E 12 29.22 20.17 7.57
CA LEU E 12 30.12 19.22 8.24
C LEU E 12 29.87 17.79 7.80
N GLU E 13 28.60 17.47 7.54
CA GLU E 13 28.22 16.09 7.22
C GLU E 13 28.01 15.78 5.72
N THR E 14 27.82 16.80 4.89
CA THR E 14 27.54 16.54 3.49
C THR E 14 28.41 17.34 2.53
N GLY E 15 29.26 18.19 3.09
CA GLY E 15 30.15 19.02 2.29
C GLY E 15 31.14 18.17 1.51
N THR E 16 31.55 18.68 0.36
CA THR E 16 32.57 18.02 -0.44
C THR E 16 33.95 18.50 -0.03
N PRO E 17 34.91 17.57 0.05
CA PRO E 17 36.32 17.98 0.23
C PRO E 17 36.74 18.84 -0.96
N LYS E 18 37.60 19.84 -0.72
CA LYS E 18 37.88 20.84 -1.73
C LYS E 18 39.10 21.66 -1.32
N SER E 19 40.07 21.84 -2.22
CA SER E 19 41.24 22.66 -1.94
CA SER E 19 41.23 22.66 -1.91
C SER E 19 40.88 24.14 -1.99
N ASP E 20 41.78 24.99 -1.48
CA ASP E 20 41.53 26.43 -1.50
C ASP E 20 42.81 27.27 -1.55
N ARG E 21 42.62 28.55 -1.86
CA ARG E 21 43.68 29.56 -1.99
C ARG E 21 44.65 29.57 -0.79
N THR E 22 44.13 29.34 0.40
CA THR E 22 44.94 29.29 1.61
C THR E 22 45.87 28.08 1.61
N GLY E 23 45.51 27.05 0.84
CA GLY E 23 46.19 25.76 0.90
C GLY E 23 45.91 25.02 2.20
N THR E 24 44.73 25.24 2.78
CA THR E 24 44.31 24.62 4.04
C THR E 24 43.41 23.39 3.83
N GLY E 25 42.52 23.46 2.84
CA GLY E 25 41.53 22.42 2.60
C GLY E 25 40.20 22.75 3.28
N THR E 26 39.08 22.51 2.59
CA THR E 26 37.75 22.70 3.16
C THR E 26 36.80 21.54 2.85
N ARG E 27 35.71 21.47 3.62
CA ARG E 27 34.51 20.73 3.24
C ARG E 27 33.52 21.82 2.81
N SER E 28 32.84 21.62 1.69
CA SER E 28 32.17 22.76 1.06
C SER E 28 30.77 22.45 0.54
N LEU E 29 29.87 23.41 0.72
CA LEU E 29 28.57 23.43 0.03
C LEU E 29 28.32 24.81 -0.59
N PHE E 30 27.55 24.81 -1.68
CA PHE E 30 27.23 26.03 -2.46
C PHE E 30 25.75 26.35 -2.33
N GLY E 31 25.42 27.64 -2.16
CA GLY E 31 24.04 28.09 -2.25
C GLY E 31 23.21 27.70 -1.05
N GLN E 32 23.66 28.10 0.12
CA GLN E 32 22.96 27.76 1.34
C GLN E 32 22.46 29.05 1.97
N GLN E 33 21.36 28.95 2.72
CA GLN E 33 20.65 30.13 3.22
C GLN E 33 20.28 29.97 4.69
N MET E 34 20.35 31.07 5.42
CA MET E 34 19.89 31.16 6.80
C MET E 34 18.86 32.29 6.96
N ARG E 35 17.94 32.13 7.90
CA ARG E 35 16.90 33.12 8.17
C ARG E 35 16.78 33.34 9.66
N TYR E 36 16.94 34.59 10.08
CA TYR E 36 16.69 34.98 11.46
C TYR E 36 15.54 35.96 11.55
N ASP E 37 14.62 35.72 12.48
CA ASP E 37 13.63 36.72 12.81
C ASP E 37 14.25 37.61 13.85
N LEU E 38 14.67 38.80 13.41
CA LEU E 38 15.37 39.72 14.30
C LEU E 38 14.53 40.13 15.52
N SER E 39 13.20 40.15 15.37
CA SER E 39 12.31 40.50 16.48
C SER E 39 12.35 39.49 17.63
N ALA E 40 12.66 38.23 17.31
CA ALA E 40 12.72 37.21 18.35
C ALA E 40 14.06 37.19 19.09
N GLY E 41 15.02 37.99 18.65
CA GLY E 41 16.28 38.06 19.35
C GLY E 41 17.50 38.35 18.50
N PHE E 42 18.52 38.92 19.12
CA PHE E 42 19.72 39.30 18.41
C PHE E 42 20.60 38.08 18.15
N PRO E 43 20.92 37.82 16.87
CA PRO E 43 21.66 36.62 16.47
C PRO E 43 23.16 36.68 16.82
N LEU E 44 23.49 36.99 18.06
CA LEU E 44 24.84 36.77 18.56
C LEU E 44 24.88 35.35 19.18
N LEU E 45 25.69 34.47 18.57
CA LEU E 45 25.68 33.05 18.87
C LEU E 45 25.86 32.77 20.35
N THR E 46 25.12 31.80 20.86
CA THR E 46 25.33 31.42 22.26
C THR E 46 26.15 30.14 22.43
N THR E 47 26.28 29.34 21.37
CA THR E 47 26.99 28.05 21.46
C THR E 47 28.49 28.26 21.61
N LYS E 48 28.89 29.51 21.50
CA LYS E 48 30.26 29.94 21.78
CA LYS E 48 30.26 29.93 21.81
C LYS E 48 30.27 31.45 22.02
N LYS E 49 31.14 31.92 22.91
CA LYS E 49 31.23 33.35 23.17
C LYS E 49 31.87 34.06 21.99
N VAL E 50 31.08 34.88 21.30
CA VAL E 50 31.57 35.66 20.17
C VAL E 50 32.03 37.03 20.64
N HIS E 51 33.17 37.51 20.10
CA HIS E 51 33.77 38.77 20.56
C HIS E 51 33.07 40.00 19.96
N PHE E 52 31.89 40.32 20.49
CA PHE E 52 31.00 41.30 19.87
C PHE E 52 31.66 42.68 19.69
N LYS E 53 32.56 43.02 20.61
CA LYS E 53 33.31 44.28 20.54
C LYS E 53 33.99 44.49 19.20
N SER E 54 34.68 43.46 18.71
CA SER E 54 35.35 43.52 17.41
C SER E 54 34.33 43.60 16.27
N VAL E 55 33.21 42.90 16.43
CA VAL E 55 32.12 42.99 15.46
C VAL E 55 31.62 44.43 15.34
N ALA E 56 31.32 45.05 16.48
CA ALA E 56 30.72 46.38 16.49
C ALA E 56 31.69 47.44 15.96
N TYR E 57 32.94 47.39 16.40
CA TYR E 57 33.90 48.36 15.88
C TYR E 57 34.15 48.19 14.38
N GLU E 58 34.21 46.95 13.89
CA GLU E 58 34.35 46.73 12.46
C GLU E 58 33.24 47.44 11.67
N LEU E 59 32.00 47.25 12.09
CA LEU E 59 30.86 47.83 11.42
C LEU E 59 30.96 49.35 11.46
N LEU E 60 31.33 49.91 12.62
CA LEU E 60 31.51 51.36 12.75
C LEU E 60 32.60 51.88 11.81
N TRP E 61 33.67 51.11 11.72
CA TRP E 61 34.78 51.35 10.81
C TRP E 61 34.29 51.44 9.35
N PHE E 62 33.52 50.42 8.92
CA PHE E 62 32.92 50.43 7.59
C PHE E 62 32.12 51.72 7.40
N LEU E 63 31.35 52.10 8.41
CA LEU E 63 30.44 53.24 8.31
C LEU E 63 31.16 54.57 8.14
N ARG E 64 32.39 54.64 8.64
CA ARG E 64 33.23 55.82 8.45
C ARG E 64 33.76 55.90 7.03
N GLY E 65 33.63 54.82 6.27
CA GLY E 65 34.20 54.75 4.94
C GLY E 65 35.71 54.62 4.96
N ASP E 66 36.24 54.06 6.05
CA ASP E 66 37.66 54.02 6.30
C ASP E 66 38.35 52.86 5.55
N SER E 67 39.49 53.15 4.93
CA SER E 67 40.30 52.13 4.24
C SER E 67 41.59 51.75 5.01
N ASN E 68 41.80 52.38 6.16
CA ASN E 68 43.02 52.21 6.94
C ASN E 68 42.71 51.59 8.31
N ILE E 69 43.50 50.60 8.73
CA ILE E 69 43.25 49.93 10.02
C ILE E 69 43.61 50.74 11.26
N GLY E 70 43.85 52.03 11.10
CA GLY E 70 44.22 52.89 12.21
C GLY E 70 43.13 52.99 13.27
N TRP E 71 41.96 53.45 12.85
CA TRP E 71 40.83 53.59 13.74
C TRP E 71 40.53 52.28 14.45
N LEU E 72 40.69 51.16 13.74
CA LEU E 72 40.42 49.86 14.34
C LEU E 72 41.42 49.55 15.44
N HIS E 73 42.67 49.95 15.22
CA HIS E 73 43.74 49.74 16.18
C HIS E 73 43.61 50.51 17.49
N GLU E 74 43.42 51.82 17.39
CA GLU E 74 43.22 52.65 18.57
C GLU E 74 42.17 52.06 19.49
N HIS E 75 41.24 51.29 18.93
CA HIS E 75 40.15 50.73 19.71
C HIS E 75 40.36 49.26 20.05
N GLY E 76 41.56 48.75 19.81
CA GLY E 76 41.93 47.39 20.22
C GLY E 76 41.33 46.27 19.40
N VAL E 77 40.95 46.58 18.15
CA VAL E 77 40.40 45.58 17.26
C VAL E 77 41.46 45.20 16.24
N THR E 78 41.80 43.92 16.22
CA THR E 78 42.94 43.49 15.43
C THR E 78 42.59 42.62 14.22
N ILE E 79 41.30 42.40 13.98
CA ILE E 79 40.91 41.41 12.96
C ILE E 79 41.48 41.63 11.56
N TRP E 80 41.83 42.87 11.22
CA TRP E 80 42.34 43.17 9.89
C TRP E 80 43.86 43.37 9.75
N ASP E 81 44.60 43.10 10.83
CA ASP E 81 46.04 43.39 10.86
C ASP E 81 46.88 42.64 9.81
N GLU E 82 46.74 41.32 9.78
CA GLU E 82 47.44 40.49 8.81
C GLU E 82 47.44 41.02 7.37
N TRP E 83 46.37 41.70 6.97
CA TRP E 83 46.17 42.05 5.55
C TRP E 83 46.58 43.46 5.12
N ALA E 84 46.98 44.30 6.07
CA ALA E 84 47.28 45.70 5.78
C ALA E 84 48.68 45.91 5.25
N SER E 85 48.88 46.96 4.46
CA SER E 85 50.20 47.36 4.02
C SER E 85 51.00 47.83 5.22
N ASP E 86 52.27 48.17 5.00
CA ASP E 86 53.11 48.62 6.12
C ASP E 86 52.60 49.94 6.71
N THR E 87 51.80 50.67 5.96
CA THR E 87 51.27 51.95 6.43
C THR E 87 49.82 51.82 6.88
N GLY E 88 49.32 50.59 6.90
CA GLY E 88 47.99 50.31 7.42
C GLY E 88 46.86 50.37 6.41
N GLU E 89 47.22 50.55 5.14
CA GLU E 89 46.24 50.63 4.05
C GLU E 89 45.70 49.27 3.59
N LEU E 90 44.45 49.23 3.16
CA LEU E 90 43.82 47.98 2.73
C LEU E 90 43.34 48.03 1.29
N GLY E 91 43.39 49.23 0.70
CA GLY E 91 42.75 49.45 -0.58
C GLY E 91 41.32 49.85 -0.34
N PRO E 92 40.52 49.99 -1.42
CA PRO E 92 39.14 50.46 -1.30
C PRO E 92 38.18 49.32 -0.96
N ILE E 93 38.27 48.80 0.27
CA ILE E 93 37.39 47.72 0.67
C ILE E 93 36.04 48.22 1.21
N TYR E 94 35.24 47.28 1.73
CA TYR E 94 33.87 47.53 2.13
C TYR E 94 33.45 49.01 2.40
N GLY E 95 34.04 49.62 3.43
CA GLY E 95 33.68 50.98 3.79
C GLY E 95 33.79 51.98 2.65
N VAL E 96 34.92 51.94 1.94
CA VAL E 96 35.17 52.82 0.83
C VAL E 96 34.08 52.69 -0.24
N GLN E 97 33.69 51.46 -0.53
CA GLN E 97 32.62 51.23 -1.51
C GLN E 97 31.22 51.63 -0.98
N TRP E 98 30.96 51.40 0.31
CA TRP E 98 29.66 51.74 0.89
C TRP E 98 29.38 53.24 0.87
N ARG E 99 30.42 54.03 1.11
CA ARG E 99 30.25 55.43 1.38
C ARG E 99 30.74 56.32 0.27
N SER E 100 31.59 55.78 -0.62
CA SER E 100 32.21 56.59 -1.66
C SER E 100 32.68 55.79 -2.86
N TRP E 101 31.74 55.07 -3.47
CA TRP E 101 31.98 54.33 -4.69
C TRP E 101 32.20 55.33 -5.80
N PRO E 102 33.36 55.27 -6.46
CA PRO E 102 33.70 56.29 -7.46
C PRO E 102 32.95 56.05 -8.76
N ALA E 103 32.09 56.99 -9.13
CA ALA E 103 31.36 56.90 -10.39
C ALA E 103 32.21 57.40 -11.55
N PRO E 104 31.91 56.93 -12.77
CA PRO E 104 32.63 57.37 -13.96
C PRO E 104 32.74 58.90 -14.01
N SER E 105 31.69 59.58 -13.53
CA SER E 105 31.68 61.04 -13.49
C SER E 105 32.82 61.58 -12.64
N GLY E 106 33.38 60.74 -11.79
CA GLY E 106 34.35 61.17 -10.80
C GLY E 106 33.67 61.62 -9.52
N GLU E 107 32.33 61.61 -9.55
CA GLU E 107 31.53 61.82 -8.33
C GLU E 107 31.55 60.57 -7.44
N HIS E 108 31.43 60.74 -6.14
CA HIS E 108 31.44 59.62 -5.22
C HIS E 108 30.04 59.35 -4.67
N ILE E 109 29.64 58.07 -4.70
CA ILE E 109 28.28 57.66 -4.34
C ILE E 109 28.23 57.05 -2.93
N ASP E 110 27.48 57.69 -2.05
CA ASP E 110 27.29 57.21 -0.70
C ASP E 110 26.09 56.30 -0.66
N GLN E 111 26.33 54.99 -0.74
CA GLN E 111 25.25 54.02 -0.85
C GLN E 111 24.45 53.86 0.42
N ILE E 112 25.11 54.02 1.56
CA ILE E 112 24.42 53.93 2.85
C ILE E 112 23.38 55.07 3.01
N SER E 113 23.84 56.30 2.80
CA SER E 113 22.90 57.44 2.78
C SER E 113 21.80 57.24 1.75
N ALA E 114 22.16 56.74 0.57
CA ALA E 114 21.18 56.54 -0.49
C ALA E 114 20.16 55.51 -0.05
N ALA E 115 20.62 54.47 0.65
CA ALA E 115 19.71 53.43 1.12
C ALA E 115 18.71 53.97 2.17
N LEU E 116 19.22 54.73 3.13
CA LEU E 116 18.44 55.17 4.26
C LEU E 116 17.39 56.16 3.73
N ASP E 117 17.78 56.88 2.70
CA ASP E 117 16.94 57.82 1.99
C ASP E 117 15.70 57.15 1.40
N LEU E 118 15.93 56.03 0.71
CA LEU E 118 14.84 55.26 0.14
C LEU E 118 13.97 54.62 1.22
N LEU E 119 14.58 54.15 2.30
CA LEU E 119 13.77 53.57 3.37
C LEU E 119 12.78 54.60 3.94
N ARG E 120 13.19 55.87 3.97
CA ARG E 120 12.33 56.93 4.49
C ARG E 120 11.30 57.44 3.47
N THR E 121 11.75 57.65 2.24
CA THR E 121 10.89 58.22 1.20
C THR E 121 10.20 57.18 0.30
N ASP E 122 10.85 56.06 0.02
CA ASP E 122 10.27 55.06 -0.87
C ASP E 122 10.46 53.61 -0.36
N PRO E 123 9.86 53.28 0.79
CA PRO E 123 10.06 51.98 1.44
C PRO E 123 9.71 50.82 0.53
N ASP E 124 8.86 51.05 -0.47
CA ASP E 124 8.41 49.97 -1.34
C ASP E 124 9.33 49.72 -2.53
N SER E 125 10.33 50.59 -2.70
CA SER E 125 11.31 50.43 -3.78
C SER E 125 12.02 49.08 -3.74
N ARG E 126 12.21 48.47 -4.91
CA ARG E 126 12.86 47.19 -5.01
C ARG E 126 14.33 47.37 -5.34
N ARG E 127 14.83 48.58 -5.11
CA ARG E 127 16.19 48.95 -5.50
C ARG E 127 17.08 49.40 -4.34
N ILE E 128 16.69 49.04 -3.11
CA ILE E 128 17.45 49.45 -1.94
C ILE E 128 18.63 48.51 -1.70
N ILE E 129 19.71 48.77 -2.43
CA ILE E 129 20.84 47.88 -2.55
C ILE E 129 22.14 48.60 -2.20
N VAL E 130 23.00 47.90 -1.49
CA VAL E 130 24.37 48.33 -1.29
C VAL E 130 25.28 47.25 -1.85
N SER E 131 26.23 47.64 -2.68
CA SER E 131 27.19 46.68 -3.22
C SER E 131 28.61 47.10 -2.94
N ALA E 132 29.38 46.16 -2.42
CA ALA E 132 30.81 46.33 -2.23
C ALA E 132 31.62 45.75 -3.39
N TRP E 133 30.95 45.01 -4.30
CA TRP E 133 31.62 44.32 -5.40
C TRP E 133 31.87 45.25 -6.61
N ASN E 134 32.85 46.11 -6.45
CA ASN E 134 33.26 47.03 -7.48
C ASN E 134 34.35 46.38 -8.33
N VAL E 135 33.89 45.80 -9.45
CA VAL E 135 34.70 45.05 -10.39
C VAL E 135 36.06 45.66 -10.72
N GLY E 136 36.08 46.95 -11.05
CA GLY E 136 37.32 47.61 -11.42
C GLY E 136 38.23 47.99 -10.28
N GLU E 137 37.77 47.81 -9.04
CA GLU E 137 38.61 48.15 -7.90
C GLU E 137 39.12 46.91 -7.15
N ILE E 138 38.65 45.72 -7.52
CA ILE E 138 38.89 44.52 -6.72
C ILE E 138 40.37 44.23 -6.58
N GLU E 139 41.09 44.44 -7.68
CA GLU E 139 42.50 44.13 -7.73
C GLU E 139 43.29 45.03 -6.79
N ARG E 140 42.76 46.23 -6.49
CA ARG E 140 43.40 47.15 -5.54
C ARG E 140 43.14 46.78 -4.09
N MET E 141 42.16 45.92 -3.85
CA MET E 141 41.78 45.54 -2.48
C MET E 141 42.65 44.41 -1.91
N ALA E 142 42.97 44.49 -0.62
CA ALA E 142 43.76 43.45 0.06
C ALA E 142 43.11 42.06 -0.05
N LEU E 143 41.78 42.04 0.02
CA LEU E 143 40.96 40.85 -0.12
C LEU E 143 39.69 41.24 -0.88
N PRO E 144 39.26 40.41 -1.85
CA PRO E 144 37.95 40.77 -2.43
C PRO E 144 36.84 40.67 -1.38
N PRO E 145 35.78 41.48 -1.53
CA PRO E 145 34.73 41.47 -0.50
C PRO E 145 34.11 40.07 -0.34
N CYS E 146 33.88 39.63 0.89
CA CYS E 146 33.21 38.38 1.19
C CYS E 146 31.71 38.60 1.31
N HIS E 147 31.31 39.52 2.17
CA HIS E 147 29.93 39.93 2.21
C HIS E 147 29.84 41.05 1.17
N ALA E 148 29.21 40.75 0.03
CA ALA E 148 29.47 41.48 -1.22
C ALA E 148 28.41 42.50 -1.60
N PHE E 149 27.17 42.21 -1.24
CA PHE E 149 26.00 42.78 -1.86
C PHE E 149 24.86 42.51 -0.90
N PHE E 150 24.17 43.54 -0.45
CA PHE E 150 22.99 43.32 0.42
C PHE E 150 21.80 44.23 0.02
N GLN E 151 20.60 43.82 0.43
CA GLN E 151 19.39 44.47 0.00
C GLN E 151 18.45 44.62 1.18
N PHE E 152 17.74 45.75 1.22
CA PHE E 152 16.74 45.93 2.23
C PHE E 152 15.35 45.80 1.62
N TYR E 153 14.38 45.54 2.49
CA TYR E 153 13.02 45.28 2.08
C TYR E 153 12.12 45.70 3.24
N VAL E 154 11.04 46.41 2.93
CA VAL E 154 10.12 46.86 3.97
C VAL E 154 8.72 46.30 3.76
N ALA E 155 8.21 45.58 4.76
CA ALA E 155 6.82 45.14 4.74
C ALA E 155 6.11 45.45 6.08
N ASP E 156 5.03 46.20 6.03
CA ASP E 156 4.28 46.55 7.25
C ASP E 156 5.18 47.15 8.36
N GLY E 157 5.92 48.20 8.02
CA GLY E 157 6.74 48.92 8.99
C GLY E 157 7.89 48.11 9.59
N ARG E 158 8.17 46.96 8.98
CA ARG E 158 9.25 46.11 9.45
C ARG E 158 10.37 45.99 8.39
N LEU E 159 11.59 46.29 8.79
CA LEU E 159 12.74 46.29 7.88
C LEU E 159 13.43 44.93 7.82
N SER E 160 13.51 44.33 6.63
CA SER E 160 14.26 43.09 6.41
C SER E 160 15.56 43.38 5.66
N CYS E 161 16.56 42.53 5.88
CA CYS E 161 17.81 42.61 5.14
C CYS E 161 18.25 41.25 4.61
N GLN E 162 18.63 41.20 3.34
CA GLN E 162 19.21 39.99 2.76
C GLN E 162 20.64 40.24 2.31
N LEU E 163 21.57 39.41 2.78
CA LEU E 163 22.95 39.52 2.34
C LEU E 163 23.36 38.38 1.38
N TYR E 164 24.04 38.75 0.31
CA TYR E 164 24.77 37.77 -0.48
C TYR E 164 26.25 37.73 -0.14
N GLN E 165 26.67 36.63 0.47
CA GLN E 165 28.06 36.42 0.86
C GLN E 165 28.67 35.34 -0.06
N ARG E 166 29.56 35.75 -0.96
CA ARG E 166 30.17 34.87 -1.97
C ARG E 166 31.05 33.77 -1.38
N SER E 167 31.71 34.08 -0.28
CA SER E 167 32.63 33.16 0.33
C SER E 167 32.47 33.22 1.84
N ALA E 168 32.32 32.05 2.47
CA ALA E 168 31.87 31.99 3.85
C ALA E 168 32.68 31.01 4.68
N ASP E 169 33.65 31.54 5.42
CA ASP E 169 34.39 30.77 6.43
C ASP E 169 33.41 30.50 7.61
N LEU E 170 32.82 29.30 7.63
CA LEU E 170 31.68 29.02 8.50
C LEU E 170 31.97 29.15 9.98
N PHE E 171 33.17 28.73 10.39
CA PHE E 171 33.52 28.81 11.81
C PHE E 171 33.99 30.19 12.28
N LEU E 172 34.96 30.79 11.59
CA LEU E 172 35.51 32.08 12.02
C LEU E 172 34.65 33.25 11.63
N GLY E 173 34.53 33.47 10.32
CA GLY E 173 33.94 34.69 9.80
C GLY E 173 32.44 34.84 9.96
N VAL E 174 31.68 33.80 9.62
CA VAL E 174 30.21 33.90 9.58
C VAL E 174 29.53 34.38 10.90
N PRO E 175 29.98 33.89 12.06
CA PRO E 175 29.42 34.45 13.29
C PRO E 175 29.60 35.99 13.38
N PHE E 176 30.73 36.55 12.93
CA PHE E 176 30.86 38.02 12.86
C PHE E 176 29.87 38.57 11.85
N ASN E 177 29.90 38.02 10.64
CA ASN E 177 29.06 38.49 9.55
C ASN E 177 27.58 38.55 9.95
N ILE E 178 27.09 37.49 10.60
CA ILE E 178 25.71 37.42 11.01
C ILE E 178 25.37 38.55 11.98
N ALA E 179 26.22 38.70 13.00
CA ALA E 179 26.00 39.67 14.05
C ALA E 179 26.15 41.08 13.48
N SER E 180 27.05 41.23 12.52
CA SER E 180 27.32 42.53 11.91
C SER E 180 26.13 43.07 11.15
N TYR E 181 25.60 42.26 10.23
CA TYR E 181 24.44 42.67 9.44
C TYR E 181 23.13 42.78 10.26
N ALA E 182 23.02 41.98 11.33
CA ALA E 182 21.93 42.16 12.28
C ALA E 182 22.04 43.55 12.94
N LEU E 183 23.24 43.87 13.41
CA LEU E 183 23.49 45.15 14.02
C LEU E 183 23.13 46.26 13.03
N LEU E 184 23.58 46.11 11.78
CA LEU E 184 23.41 47.16 10.79
C LEU E 184 21.94 47.38 10.52
N THR E 185 21.21 46.28 10.40
CA THR E 185 19.76 46.32 10.17
C THR E 185 19.05 47.09 11.30
N HIS E 186 19.42 46.80 12.55
CA HIS E 186 18.91 47.57 13.68
C HIS E 186 19.19 49.06 13.57
N MET E 187 20.40 49.41 13.15
CA MET E 187 20.80 50.81 13.08
C MET E 187 20.00 51.51 11.98
N MET E 188 19.77 50.80 10.87
CA MET E 188 19.04 51.33 9.73
C MET E 188 17.56 51.46 10.05
N ALA E 189 17.03 50.44 10.71
CA ALA E 189 15.65 50.47 11.20
C ALA E 189 15.42 51.69 12.10
N ALA E 190 16.33 51.95 13.01
CA ALA E 190 16.12 53.02 13.97
C ALA E 190 16.17 54.36 13.23
N GLN E 191 17.09 54.47 12.29
CA GLN E 191 17.27 55.73 11.56
C GLN E 191 16.13 56.00 10.58
N ALA E 192 15.44 54.93 10.19
CA ALA E 192 14.34 55.03 9.24
C ALA E 192 12.99 55.01 9.96
N GLY E 193 13.03 54.77 11.28
CA GLY E 193 11.84 54.75 12.10
C GLY E 193 11.01 53.48 12.00
N LEU E 194 11.68 52.36 11.71
CA LEU E 194 11.02 51.07 11.52
C LEU E 194 11.43 50.09 12.63
N SER E 195 10.68 49.00 12.77
CA SER E 195 11.14 47.92 13.62
C SER E 195 11.85 46.86 12.78
N VAL E 196 12.47 45.89 13.42
CA VAL E 196 13.24 44.92 12.69
C VAL E 196 12.41 43.75 12.22
N GLY E 197 12.70 43.28 11.01
CA GLY E 197 12.08 42.10 10.48
C GLY E 197 13.02 40.93 10.45
N GLU E 198 13.19 40.39 9.25
CA GLU E 198 14.02 39.21 9.02
C GLU E 198 15.41 39.57 8.51
N PHE E 199 16.39 38.81 8.95
CA PHE E 199 17.69 38.77 8.33
C PHE E 199 17.89 37.49 7.55
N ILE E 200 18.09 37.63 6.24
CA ILE E 200 18.37 36.49 5.39
C ILE E 200 19.84 36.51 4.93
N TRP E 201 20.58 35.49 5.36
CA TRP E 201 21.96 35.30 4.94
C TRP E 201 21.92 34.29 3.81
N THR E 202 22.50 34.67 2.68
CA THR E 202 22.59 33.79 1.50
C THR E 202 24.07 33.57 1.13
N GLY E 203 24.50 32.31 1.11
CA GLY E 203 25.90 32.03 0.89
C GLY E 203 26.19 31.51 -0.51
N GLY E 204 27.37 31.87 -1.03
CA GLY E 204 27.94 31.15 -2.14
C GLY E 204 28.69 29.92 -1.61
N ASP E 205 30.02 30.00 -1.65
CA ASP E 205 30.84 28.90 -1.18
C ASP E 205 30.83 28.86 0.36
N CYS E 206 30.05 27.94 0.92
CA CYS E 206 29.96 27.76 2.36
C CYS E 206 30.86 26.62 2.82
N HIS E 207 31.98 26.98 3.44
CA HIS E 207 33.04 26.02 3.77
C HIS E 207 33.40 25.96 5.27
N ILE E 208 33.72 24.76 5.75
CA ILE E 208 34.43 24.56 7.01
C ILE E 208 35.88 24.20 6.65
N TYR E 209 36.84 24.92 7.23
CA TYR E 209 38.25 24.65 6.99
C TYR E 209 38.67 23.37 7.71
N ASP E 210 39.50 22.57 7.06
CA ASP E 210 39.82 21.24 7.60
C ASP E 210 40.44 21.29 9.01
N ASN E 211 41.10 22.39 9.34
CA ASN E 211 41.69 22.55 10.67
C ASN E 211 40.73 23.13 11.73
N HIS E 212 39.46 23.31 11.35
CA HIS E 212 38.43 23.79 12.29
C HIS E 212 37.45 22.68 12.71
N VAL E 213 37.68 21.47 12.23
CA VAL E 213 36.73 20.39 12.45
C VAL E 213 36.52 20.04 13.94
N GLU E 214 37.58 20.08 14.74
CA GLU E 214 37.43 19.82 16.18
C GLU E 214 36.58 20.88 16.89
N GLN E 215 36.95 22.12 16.68
CA GLN E 215 36.26 23.25 17.24
C GLN E 215 34.76 23.17 16.96
N VAL E 216 34.41 22.80 15.72
CA VAL E 216 33.02 22.72 15.27
C VAL E 216 32.25 21.58 15.93
N ARG E 217 32.87 20.42 16.00
CA ARG E 217 32.30 19.29 16.73
C ARG E 217 32.03 19.66 18.17
N LEU E 218 32.94 20.43 18.78
CA LEU E 218 32.76 20.85 20.17
C LEU E 218 31.58 21.83 20.29
N GLN E 219 31.46 22.75 19.35
CA GLN E 219 30.37 23.72 19.40
C GLN E 219 29.01 23.08 19.14
N LEU E 220 28.98 22.14 18.19
CA LEU E 220 27.75 21.43 17.85
C LEU E 220 27.26 20.50 18.93
N SER E 221 28.08 20.33 19.97
CA SER E 221 27.72 19.45 21.05
C SER E 221 27.05 20.25 22.16
N ARG E 222 27.11 21.57 22.08
CA ARG E 222 26.62 22.39 23.19
C ARG E 222 25.17 22.82 22.99
N GLU E 223 24.39 22.88 24.07
CA GLU E 223 22.98 23.26 23.93
C GLU E 223 22.77 24.78 23.80
N PRO E 224 22.01 25.21 22.78
CA PRO E 224 21.72 26.62 22.51
C PRO E 224 20.93 27.25 23.66
N ARG E 225 21.14 28.55 23.86
CA ARG E 225 20.47 29.30 24.91
C ARG E 225 19.71 30.46 24.30
N PRO E 226 18.92 31.18 25.10
CA PRO E 226 18.23 32.34 24.52
C PRO E 226 19.18 33.40 23.94
N TYR E 227 18.79 33.95 22.79
CA TYR E 227 19.55 35.04 22.20
C TYR E 227 19.43 36.27 23.09
N PRO E 228 20.47 37.11 23.09
CA PRO E 228 20.38 38.35 23.86
C PRO E 228 19.44 39.33 23.14
N LYS E 229 19.19 40.47 23.76
CA LYS E 229 18.44 41.52 23.09
C LYS E 229 19.42 42.61 22.68
N LEU E 230 19.14 43.32 21.59
CA LEU E 230 19.95 44.49 21.26
C LEU E 230 19.26 45.82 21.56
N LEU E 231 19.96 46.69 22.27
CA LEU E 231 19.46 48.03 22.59
C LEU E 231 20.36 49.10 21.99
N LEU E 232 19.77 50.17 21.46
CA LEU E 232 20.55 51.21 20.79
C LEU E 232 20.22 52.57 21.37
N ALA E 233 21.25 53.31 21.81
CA ALA E 233 21.07 54.70 22.26
C ALA E 233 20.66 55.58 21.08
N ASP E 234 19.83 56.58 21.33
CA ASP E 234 19.36 57.48 20.25
C ASP E 234 20.47 58.28 19.58
N ARG E 235 20.42 58.36 18.25
CA ARG E 235 21.28 59.27 17.50
C ARG E 235 20.46 59.80 16.33
N ASP E 236 20.86 60.93 15.77
CA ASP E 236 20.12 61.51 14.64
C ASP E 236 20.72 61.12 13.30
N SER E 237 21.80 60.37 13.33
CA SER E 237 22.40 59.88 12.10
C SER E 237 23.08 58.56 12.39
N ILE E 238 23.04 57.66 11.41
CA ILE E 238 23.72 56.37 11.54
C ILE E 238 25.22 56.60 11.66
N PHE E 239 25.72 57.64 10.99
CA PHE E 239 27.14 57.99 11.07
C PHE E 239 27.56 58.57 12.44
N GLU E 240 26.56 58.82 13.31
CA GLU E 240 26.84 59.29 14.67
C GLU E 240 26.86 58.21 15.79
N TYR E 241 26.46 56.97 15.47
CA TYR E 241 26.55 55.90 16.46
C TYR E 241 27.98 55.69 16.93
N THR E 242 28.12 55.41 18.22
CA THR E 242 29.40 55.03 18.82
C THR E 242 29.27 53.66 19.47
N TYR E 243 30.40 53.07 19.83
CA TYR E 243 30.40 51.83 20.58
C TYR E 243 29.53 51.92 21.83
N GLU E 244 29.59 53.05 22.52
CA GLU E 244 28.83 53.28 23.75
C GLU E 244 27.32 53.33 23.53
N ASP E 245 26.90 53.65 22.31
CA ASP E 245 25.48 53.67 22.00
C ASP E 245 24.90 52.26 21.99
N ILE E 246 25.76 51.26 21.94
CA ILE E 246 25.33 49.88 21.73
C ILE E 246 25.30 49.02 22.98
N VAL E 247 24.19 48.33 23.20
CA VAL E 247 24.03 47.46 24.35
C VAL E 247 23.51 46.11 23.93
N VAL E 248 24.26 45.06 24.25
CA VAL E 248 23.78 43.70 24.13
C VAL E 248 23.42 43.25 25.54
N LYS E 249 22.15 43.03 25.80
CA LYS E 249 21.72 42.67 27.14
C LYS E 249 21.36 41.19 27.22
N ASN E 250 21.59 40.59 28.40
CA ASN E 250 21.28 39.18 28.66
C ASN E 250 21.99 38.22 27.73
N TYR E 251 23.27 38.46 27.45
CA TYR E 251 24.07 37.56 26.62
C TYR E 251 24.75 36.51 27.50
N ASP E 252 24.40 35.24 27.29
CA ASP E 252 24.87 34.18 28.17
C ASP E 252 25.47 32.98 27.41
N PRO E 253 26.65 33.16 26.81
CA PRO E 253 27.17 32.09 25.94
C PRO E 253 27.94 31.00 26.66
N HIS E 254 28.11 29.90 25.95
CA HIS E 254 29.07 28.87 26.31
C HIS E 254 30.45 29.46 26.08
N PRO E 255 31.49 28.87 26.68
CA PRO E 255 32.87 29.38 26.56
C PRO E 255 33.28 29.73 25.13
N ALA E 256 34.12 30.75 24.99
CA ALA E 256 34.74 31.02 23.72
C ALA E 256 35.47 29.76 23.24
N ILE E 257 35.53 29.57 21.92
CA ILE E 257 36.26 28.46 21.31
C ILE E 257 37.30 29.06 20.38
N LYS E 258 38.59 28.85 20.69
CA LYS E 258 39.68 29.55 20.02
C LYS E 258 40.02 29.02 18.63
N ALA E 259 40.61 29.88 17.79
CA ALA E 259 41.06 29.49 16.45
C ALA E 259 42.58 29.31 16.39
N PRO E 260 43.05 28.31 15.63
CA PRO E 260 44.47 27.99 15.50
C PRO E 260 45.09 28.55 14.22
N MET F 1 10.07 17.59 -9.23
CA MET F 1 10.32 18.87 -8.58
C MET F 1 9.83 20.07 -9.42
N THR F 2 9.02 20.93 -8.82
CA THR F 2 8.54 22.13 -9.49
C THR F 2 8.73 23.38 -8.63
N PRO F 3 9.99 23.77 -8.38
CA PRO F 3 10.26 24.88 -7.47
C PRO F 3 9.56 26.16 -7.90
N TYR F 4 9.45 26.42 -9.21
CA TYR F 4 8.86 27.67 -9.70
C TYR F 4 7.40 27.77 -9.31
N GLU F 5 6.65 26.74 -9.66
CA GLU F 5 5.22 26.71 -9.36
C GLU F 5 4.98 26.74 -7.86
N ASP F 6 5.85 26.10 -7.08
CA ASP F 6 5.76 26.16 -5.62
C ASP F 6 5.83 27.60 -5.09
N LEU F 7 6.83 28.35 -5.57
CA LEU F 7 7.03 29.73 -5.12
C LEU F 7 5.90 30.63 -5.63
N LEU F 8 5.41 30.33 -6.83
CA LEU F 8 4.35 31.11 -7.41
C LEU F 8 3.12 31.03 -6.51
N ARG F 9 2.74 29.80 -6.12
CA ARG F 9 1.59 29.60 -5.25
C ARG F 9 1.84 30.23 -3.88
N PHE F 10 3.04 30.00 -3.34
CA PHE F 10 3.40 30.52 -2.02
C PHE F 10 3.24 32.03 -1.97
N VAL F 11 3.81 32.72 -2.95
CA VAL F 11 3.66 34.18 -3.07
C VAL F 11 2.20 34.55 -3.26
N LEU F 12 1.51 33.84 -4.15
CA LEU F 12 0.12 34.18 -4.46
C LEU F 12 -0.79 34.14 -3.23
N GLU F 13 -0.45 33.27 -2.28
CA GLU F 13 -1.29 33.03 -1.12
C GLU F 13 -0.87 33.76 0.15
N THR F 14 0.44 33.96 0.33
CA THR F 14 0.98 34.55 1.57
C THR F 14 1.73 35.88 1.37
N GLY F 15 1.83 36.34 0.13
CA GLY F 15 2.53 37.57 -0.17
C GLY F 15 1.84 38.78 0.44
N THR F 16 2.64 39.76 0.84
CA THR F 16 2.15 41.02 1.36
C THR F 16 1.69 41.89 0.22
N PRO F 17 0.56 42.60 0.39
CA PRO F 17 0.02 43.63 -0.50
C PRO F 17 0.95 44.82 -0.59
N LYS F 18 1.50 45.09 -1.77
CA LYS F 18 2.50 46.13 -1.94
C LYS F 18 2.14 47.08 -3.06
N SER F 19 2.55 48.32 -2.91
CA SER F 19 2.56 49.28 -4.02
C SER F 19 3.91 49.16 -4.72
N ASP F 20 4.04 49.80 -5.88
CA ASP F 20 5.28 49.69 -6.61
C ASP F 20 5.48 50.80 -7.64
N ARG F 21 6.73 50.91 -8.07
CA ARG F 21 7.18 51.91 -9.02
C ARG F 21 6.22 52.09 -10.20
N THR F 22 5.60 51.00 -10.65
CA THR F 22 4.77 51.03 -11.86
C THR F 22 3.29 51.42 -11.63
N GLY F 23 2.89 51.65 -10.39
CA GLY F 23 1.50 51.88 -10.06
C GLY F 23 0.55 50.69 -10.20
N THR F 24 1.07 49.54 -10.66
CA THR F 24 0.22 48.37 -10.90
C THR F 24 -0.21 47.67 -9.61
N GLY F 25 0.63 47.76 -8.57
CA GLY F 25 0.38 47.06 -7.32
C GLY F 25 0.83 45.61 -7.36
N THR F 26 1.31 45.09 -6.23
CA THR F 26 1.80 43.71 -6.18
C THR F 26 1.46 42.95 -4.90
N ARG F 27 1.66 41.63 -5.01
CA ARG F 27 1.69 40.69 -3.92
C ARG F 27 3.15 40.26 -3.78
N SER F 28 3.71 40.32 -2.57
CA SER F 28 5.18 40.23 -2.43
C SER F 28 5.73 39.44 -1.22
N LEU F 29 6.80 38.70 -1.46
CA LEU F 29 7.61 38.08 -0.42
C LEU F 29 9.08 38.38 -0.65
N PHE F 30 9.90 38.21 0.37
CA PHE F 30 11.31 38.61 0.27
C PHE F 30 12.28 37.50 0.65
N GLY F 31 13.28 37.30 -0.20
CA GLY F 31 14.34 36.33 0.06
C GLY F 31 13.97 34.87 -0.19
N GLN F 32 13.45 34.56 -1.37
CA GLN F 32 13.02 33.19 -1.62
C GLN F 32 13.98 32.50 -2.58
N GLN F 33 14.13 31.19 -2.42
CA GLN F 33 15.06 30.44 -3.24
C GLN F 33 14.36 29.36 -4.05
N MET F 34 14.88 29.10 -5.24
CA MET F 34 14.54 27.91 -6.03
C MET F 34 15.82 27.19 -6.37
N ARG F 35 15.76 25.87 -6.43
CA ARG F 35 16.91 25.06 -6.84
C ARG F 35 16.54 24.09 -7.94
N TYR F 36 17.31 24.12 -9.02
CA TYR F 36 17.15 23.15 -10.09
C TYR F 36 18.43 22.34 -10.24
N ASP F 37 18.25 21.05 -10.41
CA ASP F 37 19.33 20.14 -10.73
C ASP F 37 19.34 20.06 -12.25
N LEU F 38 20.31 20.74 -12.86
CA LEU F 38 20.41 20.84 -14.33
C LEU F 38 20.68 19.51 -14.96
N SER F 39 21.32 18.61 -14.21
CA SER F 39 21.66 17.29 -14.74
C SER F 39 20.40 16.46 -14.93
N ALA F 40 19.31 16.87 -14.26
CA ALA F 40 18.04 16.14 -14.36
C ALA F 40 17.18 16.59 -15.54
N GLY F 41 17.46 17.80 -16.05
CA GLY F 41 16.72 18.34 -17.18
C GLY F 41 16.84 19.86 -17.31
N PHE F 42 16.42 20.38 -18.46
CA PHE F 42 16.47 21.81 -18.70
C PHE F 42 15.20 22.51 -18.19
N PRO F 43 15.38 23.51 -17.31
CA PRO F 43 14.31 24.17 -16.56
C PRO F 43 13.54 25.18 -17.40
N LEU F 44 12.97 24.73 -18.51
CA LEU F 44 12.05 25.54 -19.29
C LEU F 44 10.65 25.11 -18.88
N LEU F 45 9.86 26.04 -18.36
CA LEU F 45 8.60 25.72 -17.71
C LEU F 45 7.65 24.97 -18.63
N THR F 46 6.94 23.99 -18.06
CA THR F 46 5.97 23.22 -18.82
C THR F 46 4.52 23.64 -18.56
N THR F 47 4.27 24.33 -17.44
CA THR F 47 2.89 24.69 -17.13
C THR F 47 2.40 25.82 -18.05
N LYS F 48 3.30 26.36 -18.84
CA LYS F 48 2.94 27.26 -19.93
C LYS F 48 3.99 27.17 -21.02
N LYS F 49 3.63 27.58 -22.23
CA LYS F 49 4.59 27.68 -23.32
C LYS F 49 5.44 28.96 -23.15
N VAL F 50 6.75 28.80 -23.17
CA VAL F 50 7.67 29.90 -22.95
C VAL F 50 8.40 30.18 -24.24
N HIS F 51 8.35 31.42 -24.71
CA HIS F 51 8.95 31.74 -25.99
C HIS F 51 10.46 31.60 -25.91
N PHE F 52 10.94 30.36 -25.86
CA PHE F 52 12.36 30.14 -25.63
C PHE F 52 13.24 30.86 -26.66
N LYS F 53 12.73 31.00 -27.89
CA LYS F 53 13.44 31.71 -28.94
C LYS F 53 13.89 33.07 -28.40
N SER F 54 12.95 33.78 -27.80
CA SER F 54 13.21 35.12 -27.29
C SER F 54 14.18 35.11 -26.10
N VAL F 55 14.22 33.98 -25.37
CA VAL F 55 15.14 33.79 -24.22
C VAL F 55 16.56 33.58 -24.73
N ALA F 56 16.67 32.73 -25.75
CA ALA F 56 17.97 32.35 -26.29
C ALA F 56 18.65 33.54 -26.95
N TYR F 57 17.88 34.29 -27.72
CA TYR F 57 18.44 35.44 -28.41
C TYR F 57 18.85 36.52 -27.43
N GLU F 58 18.02 36.74 -26.41
CA GLU F 58 18.35 37.69 -25.37
C GLU F 58 19.70 37.39 -24.71
N LEU F 59 19.97 36.11 -24.40
CA LEU F 59 21.24 35.73 -23.80
C LEU F 59 22.43 35.91 -24.77
N LEU F 60 22.26 35.51 -26.03
CA LEU F 60 23.28 35.70 -27.06
C LEU F 60 23.62 37.18 -27.21
N TRP F 61 22.59 38.02 -27.10
CA TRP F 61 22.68 39.48 -27.14
C TRP F 61 23.48 40.04 -25.96
N PHE F 62 23.25 39.49 -24.77
CA PHE F 62 24.03 39.87 -23.59
C PHE F 62 25.48 39.57 -23.83
N LEU F 63 25.73 38.37 -24.35
CA LEU F 63 27.09 37.88 -24.54
C LEU F 63 27.81 38.72 -25.60
N ARG F 64 27.03 39.37 -26.48
CA ARG F 64 27.60 40.26 -27.47
C ARG F 64 28.07 41.59 -26.86
N GLY F 65 27.47 41.94 -25.73
CA GLY F 65 27.80 43.18 -25.05
C GLY F 65 27.04 44.39 -25.58
N ASP F 66 25.95 44.14 -26.30
CA ASP F 66 25.15 45.20 -26.91
C ASP F 66 24.29 45.97 -25.91
N SER F 67 24.11 47.25 -26.17
CA SER F 67 23.21 48.09 -25.40
C SER F 67 22.00 48.50 -26.24
N ASN F 68 22.06 48.21 -27.54
CA ASN F 68 21.01 48.64 -28.46
C ASN F 68 20.12 47.48 -28.93
N ILE F 69 18.81 47.64 -28.79
CA ILE F 69 17.85 46.57 -29.09
C ILE F 69 17.80 46.17 -30.55
N GLY F 70 18.67 46.74 -31.38
CA GLY F 70 18.63 46.50 -32.82
C GLY F 70 18.80 45.05 -33.24
N TRP F 71 19.84 44.40 -32.73
CA TRP F 71 20.14 43.00 -33.02
C TRP F 71 19.02 42.04 -32.58
N LEU F 72 18.35 42.38 -31.48
CA LEU F 72 17.22 41.60 -30.99
C LEU F 72 16.02 41.77 -31.90
N HIS F 73 15.80 43.01 -32.34
CA HIS F 73 14.71 43.35 -33.21
C HIS F 73 14.90 42.69 -34.58
N GLU F 74 16.08 42.87 -35.15
CA GLU F 74 16.42 42.20 -36.41
C GLU F 74 16.21 40.68 -36.33
N HIS F 75 16.05 40.13 -35.13
CA HIS F 75 15.84 38.69 -34.94
C HIS F 75 14.45 38.32 -34.42
N GLY F 76 13.58 39.30 -34.31
CA GLY F 76 12.18 39.06 -34.03
C GLY F 76 11.78 39.04 -32.57
N VAL F 77 12.59 39.65 -31.72
CA VAL F 77 12.32 39.72 -30.29
C VAL F 77 12.09 41.15 -29.83
N THR F 78 10.99 41.38 -29.14
CA THR F 78 10.52 42.73 -28.88
C THR F 78 10.53 43.05 -27.39
N ILE F 79 10.99 42.09 -26.59
CA ILE F 79 10.81 42.17 -25.16
C ILE F 79 11.37 43.43 -24.50
N TRP F 80 12.37 44.05 -25.10
CA TRP F 80 12.97 45.23 -24.52
C TRP F 80 12.55 46.53 -25.22
N ASP F 81 11.65 46.43 -26.20
CA ASP F 81 11.30 47.62 -26.97
C ASP F 81 10.71 48.75 -26.11
N GLU F 82 9.82 48.39 -25.20
CA GLU F 82 9.17 49.37 -24.32
C GLU F 82 10.12 50.31 -23.60
N TRP F 83 11.38 49.91 -23.49
CA TRP F 83 12.32 50.58 -22.60
C TRP F 83 13.41 51.31 -23.34
N ALA F 84 13.60 50.96 -24.60
CA ALA F 84 14.67 51.56 -25.38
C ALA F 84 14.27 52.96 -25.78
N SER F 85 15.29 53.76 -26.09
CA SER F 85 15.06 55.09 -26.60
C SER F 85 14.52 54.97 -28.03
N ASP F 86 14.20 56.09 -28.65
CA ASP F 86 13.70 56.03 -30.03
C ASP F 86 14.80 55.55 -30.99
N THR F 87 16.06 55.67 -30.57
CA THR F 87 17.19 55.19 -31.36
C THR F 87 17.62 53.79 -30.94
N GLY F 88 16.85 53.19 -30.03
CA GLY F 88 17.08 51.82 -29.62
C GLY F 88 17.97 51.59 -28.41
N GLU F 89 18.46 52.66 -27.79
CA GLU F 89 19.41 52.53 -26.69
C GLU F 89 18.78 52.31 -25.31
N LEU F 90 19.35 51.36 -24.56
CA LEU F 90 18.91 51.07 -23.18
C LEU F 90 19.87 51.56 -22.10
N GLY F 91 21.02 52.08 -22.50
CA GLY F 91 22.06 52.42 -21.55
C GLY F 91 22.93 51.19 -21.29
N PRO F 92 23.92 51.31 -20.38
CA PRO F 92 24.90 50.24 -20.12
C PRO F 92 24.34 49.11 -19.24
N ILE F 93 23.38 48.37 -19.76
CA ILE F 93 22.74 47.31 -18.99
C ILE F 93 23.54 45.99 -19.06
N TYR F 94 22.92 44.91 -18.63
CA TYR F 94 23.56 43.58 -18.52
C TYR F 94 24.78 43.38 -19.39
N GLY F 95 24.52 43.17 -20.68
CA GLY F 95 25.57 42.86 -21.64
C GLY F 95 26.78 43.78 -21.55
N VAL F 96 26.55 45.09 -21.52
CA VAL F 96 27.64 46.02 -21.43
C VAL F 96 28.52 45.77 -20.20
N GLN F 97 27.88 45.52 -19.05
CA GLN F 97 28.63 45.29 -17.81
C GLN F 97 29.32 43.95 -17.88
N TRP F 98 28.65 42.95 -18.46
CA TRP F 98 29.20 41.58 -18.59
C TRP F 98 30.52 41.58 -19.37
N ARG F 99 30.55 42.22 -20.52
CA ARG F 99 31.71 42.17 -21.42
C ARG F 99 32.66 43.34 -21.28
N SER F 100 32.21 44.42 -20.65
CA SER F 100 33.00 45.64 -20.68
C SER F 100 32.62 46.65 -19.59
N TRP F 101 32.58 46.14 -18.36
CA TRP F 101 32.49 46.97 -17.18
C TRP F 101 33.65 47.99 -17.18
N PRO F 102 33.32 49.29 -17.14
CA PRO F 102 34.32 50.37 -17.16
C PRO F 102 35.08 50.55 -15.85
N ALA F 103 36.35 50.18 -15.87
CA ALA F 103 37.21 50.35 -14.71
C ALA F 103 37.56 51.83 -14.52
N PRO F 104 38.03 52.19 -13.33
CA PRO F 104 38.46 53.57 -13.05
C PRO F 104 39.46 54.09 -14.08
N SER F 105 40.37 53.22 -14.55
CA SER F 105 41.44 53.60 -15.49
C SER F 105 40.95 53.84 -16.91
N GLY F 106 39.65 53.69 -17.15
CA GLY F 106 39.12 53.77 -18.49
C GLY F 106 39.09 52.42 -19.19
N GLU F 107 39.89 51.47 -18.68
CA GLU F 107 39.92 50.08 -19.17
C GLU F 107 38.53 49.41 -19.14
N HIS F 108 38.27 48.51 -20.08
CA HIS F 108 37.05 47.73 -20.00
C HIS F 108 37.29 46.31 -19.53
N ILE F 109 36.43 45.82 -18.64
CA ILE F 109 36.62 44.51 -18.08
C ILE F 109 35.58 43.51 -18.56
N ASP F 110 36.07 42.44 -19.16
CA ASP F 110 35.28 41.35 -19.70
C ASP F 110 35.13 40.24 -18.65
N GLN F 111 34.07 40.33 -17.86
CA GLN F 111 33.86 39.43 -16.74
C GLN F 111 33.53 38.01 -17.16
N ILE F 112 32.90 37.89 -18.32
CA ILE F 112 32.61 36.57 -18.88
C ILE F 112 33.91 35.80 -19.13
N SER F 113 34.87 36.43 -19.81
CA SER F 113 36.13 35.77 -20.11
C SER F 113 36.91 35.54 -18.83
N ALA F 114 36.85 36.50 -17.92
CA ALA F 114 37.58 36.38 -16.67
C ALA F 114 37.04 35.20 -15.85
N ALA F 115 35.72 35.01 -15.87
CA ALA F 115 35.12 33.89 -15.17
C ALA F 115 35.49 32.57 -15.84
N LEU F 116 35.41 32.53 -17.17
CA LEU F 116 35.79 31.33 -17.89
C LEU F 116 37.25 30.99 -17.63
N ASP F 117 38.09 32.02 -17.66
CA ASP F 117 39.51 31.86 -17.38
C ASP F 117 39.74 31.25 -15.99
N LEU F 118 38.93 31.65 -15.00
CA LEU F 118 39.00 31.06 -13.65
C LEU F 118 38.47 29.59 -13.56
N LEU F 119 37.44 29.28 -14.33
CA LEU F 119 36.90 27.92 -14.38
C LEU F 119 37.94 26.95 -14.92
N ARG F 120 38.72 27.39 -15.91
CA ARG F 120 39.74 26.58 -16.54
C ARG F 120 41.02 26.47 -15.72
N THR F 121 41.47 27.59 -15.16
CA THR F 121 42.78 27.63 -14.52
C THR F 121 42.77 27.58 -12.99
N ASP F 122 41.61 27.79 -12.37
CA ASP F 122 41.55 27.74 -10.91
C ASP F 122 40.11 27.49 -10.46
N PRO F 123 39.58 26.28 -10.72
CA PRO F 123 38.16 25.98 -10.57
C PRO F 123 37.67 26.11 -9.13
N ASP F 124 38.59 26.02 -8.18
CA ASP F 124 38.24 26.09 -6.77
C ASP F 124 38.02 27.52 -6.29
N SER F 125 38.36 28.48 -7.14
CA SER F 125 38.24 29.88 -6.77
C SER F 125 36.86 30.18 -6.17
N ARG F 126 36.84 30.89 -5.06
CA ARG F 126 35.57 31.37 -4.52
C ARG F 126 35.32 32.79 -5.03
N ARG F 127 35.99 33.13 -6.13
CA ARG F 127 35.93 34.48 -6.72
C ARG F 127 35.33 34.52 -8.14
N ILE F 128 34.64 33.45 -8.53
CA ILE F 128 34.12 33.33 -9.89
C ILE F 128 32.76 34.03 -9.97
N ILE F 129 32.85 35.34 -10.19
CA ILE F 129 31.76 36.27 -9.98
C ILE F 129 31.56 37.16 -11.19
N VAL F 130 30.31 37.34 -11.58
CA VAL F 130 29.93 38.33 -12.57
C VAL F 130 28.86 39.26 -11.96
N SER F 131 29.06 40.56 -12.11
CA SER F 131 28.12 41.53 -11.58
C SER F 131 27.66 42.49 -12.66
N ALA F 132 26.36 42.68 -12.74
CA ALA F 132 25.78 43.74 -13.57
C ALA F 132 25.51 44.98 -12.73
N TRP F 133 25.62 44.87 -11.40
CA TRP F 133 25.27 45.99 -10.53
C TRP F 133 26.40 47.02 -10.42
N ASN F 134 26.57 47.79 -11.49
CA ASN F 134 27.57 48.83 -11.53
C ASN F 134 26.96 50.08 -10.94
N VAL F 135 27.27 50.32 -9.67
CA VAL F 135 26.66 51.38 -8.88
C VAL F 135 26.75 52.74 -9.54
N GLY F 136 27.93 53.06 -10.06
CA GLY F 136 28.15 54.32 -10.74
C GLY F 136 27.49 54.50 -12.10
N GLU F 137 26.82 53.46 -12.61
CA GLU F 137 26.19 53.56 -13.93
C GLU F 137 24.70 53.21 -13.93
N ILE F 138 24.17 52.81 -12.78
CA ILE F 138 22.75 52.47 -12.65
C ILE F 138 21.83 53.58 -13.22
N GLU F 139 22.16 54.82 -12.88
CA GLU F 139 21.32 55.96 -13.25
C GLU F 139 21.19 56.12 -14.78
N ARG F 140 22.24 55.73 -15.52
CA ARG F 140 22.18 55.73 -16.99
C ARG F 140 21.37 54.56 -17.61
N MET F 141 20.95 53.61 -16.79
CA MET F 141 20.24 52.45 -17.33
C MET F 141 18.74 52.74 -17.48
N ALA F 142 18.13 52.22 -18.55
CA ALA F 142 16.68 52.35 -18.72
C ALA F 142 16.01 51.81 -17.47
N LEU F 143 16.57 50.71 -16.98
CA LEU F 143 16.07 49.97 -15.83
C LEU F 143 17.28 49.36 -15.13
N PRO F 144 17.32 49.42 -13.79
CA PRO F 144 18.47 48.82 -13.09
C PRO F 144 18.37 47.30 -13.20
N PRO F 145 19.52 46.60 -13.22
CA PRO F 145 19.54 45.15 -13.41
C PRO F 145 18.59 44.46 -12.45
N CYS F 146 17.80 43.52 -12.96
CA CYS F 146 16.98 42.66 -12.11
C CYS F 146 17.78 41.43 -11.67
N HIS F 147 18.25 40.62 -12.62
CA HIS F 147 19.26 39.59 -12.30
C HIS F 147 20.59 40.30 -12.20
N ALA F 148 21.04 40.53 -10.97
CA ALA F 148 22.06 41.54 -10.72
C ALA F 148 23.48 41.02 -10.62
N PHE F 149 23.62 39.77 -10.22
CA PHE F 149 24.85 39.31 -9.63
C PHE F 149 24.80 37.79 -9.68
N PHE F 150 25.86 37.14 -10.13
CA PHE F 150 25.89 35.68 -10.06
C PHE F 150 27.29 35.11 -9.87
N GLN F 151 27.31 33.87 -9.40
CA GLN F 151 28.53 33.19 -8.99
C GLN F 151 28.56 31.76 -9.53
N PHE F 152 29.75 31.34 -9.94
CA PHE F 152 29.95 29.97 -10.38
C PHE F 152 30.73 29.19 -9.30
N TYR F 153 30.59 27.87 -9.33
CA TYR F 153 31.14 27.01 -8.30
C TYR F 153 31.44 25.64 -8.92
N VAL F 154 32.64 25.10 -8.68
CA VAL F 154 32.96 23.80 -9.23
C VAL F 154 33.17 22.74 -8.15
N ALA F 155 32.44 21.63 -8.26
CA ALA F 155 32.60 20.51 -7.35
C ALA F 155 32.65 19.21 -8.13
N ASP F 156 33.74 18.45 -7.96
CA ASP F 156 33.90 17.17 -8.66
C ASP F 156 33.52 17.29 -10.13
N GLY F 157 34.18 18.19 -10.87
CA GLY F 157 34.00 18.28 -12.30
C GLY F 157 32.62 18.76 -12.75
N ARG F 158 31.87 19.36 -11.82
CA ARG F 158 30.50 19.83 -12.08
C ARG F 158 30.30 21.32 -11.75
N LEU F 159 29.68 22.03 -12.67
CA LEU F 159 29.53 23.48 -12.55
C LEU F 159 28.14 23.84 -12.04
N SER F 160 28.10 24.48 -10.89
CA SER F 160 26.87 25.06 -10.38
C SER F 160 26.92 26.58 -10.55
N CYS F 161 25.74 27.22 -10.52
CA CYS F 161 25.62 28.67 -10.67
C CYS F 161 24.53 29.20 -9.75
N GLN F 162 24.83 30.29 -9.04
CA GLN F 162 23.81 30.90 -8.21
C GLN F 162 23.57 32.32 -8.68
N LEU F 163 22.31 32.64 -8.95
CA LEU F 163 21.95 34.01 -9.32
C LEU F 163 21.30 34.78 -8.17
N TYR F 164 21.75 36.01 -7.95
CA TYR F 164 20.99 36.91 -7.09
C TYR F 164 20.10 37.83 -7.93
N GLN F 165 18.80 37.68 -7.79
CA GLN F 165 17.82 38.52 -8.49
C GLN F 165 17.07 39.48 -7.54
N ARG F 166 17.49 40.74 -7.53
CA ARG F 166 16.97 41.73 -6.57
C ARG F 166 15.47 42.00 -6.75
N SER F 167 14.97 41.84 -7.98
CA SER F 167 13.54 42.07 -8.27
C SER F 167 13.02 41.02 -9.24
N ALA F 168 11.88 40.44 -8.91
CA ALA F 168 11.40 39.30 -9.67
C ALA F 168 9.90 39.33 -9.95
N ASP F 169 9.57 39.63 -11.19
CA ASP F 169 8.22 39.53 -11.71
C ASP F 169 7.99 38.04 -11.98
N LEU F 170 7.28 37.38 -11.09
CA LEU F 170 7.21 35.92 -11.07
C LEU F 170 6.52 35.34 -12.31
N PHE F 171 5.49 36.03 -12.78
CA PHE F 171 4.75 35.53 -13.93
C PHE F 171 5.43 35.85 -15.27
N LEU F 172 5.92 37.09 -15.44
CA LEU F 172 6.47 37.50 -16.72
C LEU F 172 7.97 37.25 -16.85
N GLY F 173 8.77 37.98 -16.07
CA GLY F 173 10.22 37.89 -16.19
C GLY F 173 10.86 36.58 -15.76
N VAL F 174 10.40 36.03 -14.64
CA VAL F 174 11.13 34.94 -13.96
C VAL F 174 11.31 33.64 -14.76
N PRO F 175 10.27 33.22 -15.51
CA PRO F 175 10.44 32.05 -16.38
C PRO F 175 11.52 32.24 -17.44
N PHE F 176 11.64 33.44 -17.98
CA PHE F 176 12.75 33.78 -18.86
C PHE F 176 14.07 33.73 -18.09
N ASN F 177 14.10 34.34 -16.91
CA ASN F 177 15.32 34.46 -16.12
C ASN F 177 15.89 33.10 -15.74
N ILE F 178 15.02 32.16 -15.42
CA ILE F 178 15.45 30.79 -15.09
C ILE F 178 16.10 30.07 -16.26
N ALA F 179 15.41 30.07 -17.41
CA ALA F 179 15.91 29.38 -18.59
C ALA F 179 17.19 30.03 -19.12
N SER F 180 17.34 31.32 -18.88
CA SER F 180 18.46 32.05 -19.45
C SER F 180 19.74 31.65 -18.73
N TYR F 181 19.67 31.63 -17.41
CA TYR F 181 20.82 31.27 -16.61
C TYR F 181 21.11 29.76 -16.66
N ALA F 182 20.07 28.94 -16.80
CA ALA F 182 20.27 27.53 -17.07
C ALA F 182 21.12 27.38 -18.33
N LEU F 183 20.70 28.07 -19.39
CA LEU F 183 21.40 28.02 -20.67
C LEU F 183 22.83 28.55 -20.54
N LEU F 184 23.00 29.64 -19.80
CA LEU F 184 24.34 30.22 -19.62
C LEU F 184 25.27 29.22 -18.92
N THR F 185 24.73 28.53 -17.93
CA THR F 185 25.51 27.54 -17.19
C THR F 185 25.96 26.38 -18.10
N HIS F 186 25.14 26.00 -19.05
CA HIS F 186 25.55 24.99 -20.03
C HIS F 186 26.73 25.46 -20.91
N MET F 187 26.61 26.64 -21.49
CA MET F 187 27.67 27.23 -22.28
C MET F 187 28.98 27.29 -21.50
N MET F 188 28.91 27.78 -20.26
CA MET F 188 30.12 27.87 -19.44
C MET F 188 30.68 26.46 -19.13
N ALA F 189 29.79 25.52 -18.81
CA ALA F 189 30.19 24.15 -18.56
C ALA F 189 30.97 23.60 -19.74
N ALA F 190 30.44 23.84 -20.94
CA ALA F 190 31.00 23.30 -22.18
C ALA F 190 32.38 23.89 -22.49
N GLN F 191 32.53 25.20 -22.28
CA GLN F 191 33.77 25.87 -22.63
C GLN F 191 34.86 25.59 -21.61
N ALA F 192 34.44 25.18 -20.40
CA ALA F 192 35.37 24.83 -19.32
C ALA F 192 35.62 23.33 -19.25
N GLY F 193 34.95 22.56 -20.10
CA GLY F 193 35.07 21.10 -20.08
C GLY F 193 34.48 20.47 -18.81
N LEU F 194 33.38 21.03 -18.34
CA LEU F 194 32.71 20.53 -17.16
C LEU F 194 31.33 19.98 -17.50
N SER F 195 30.75 19.25 -16.56
CA SER F 195 29.33 18.94 -16.67
C SER F 195 28.51 19.89 -15.78
N VAL F 196 27.19 19.91 -16.00
CA VAL F 196 26.29 20.86 -15.33
C VAL F 196 25.82 20.36 -13.98
N GLY F 197 25.78 21.26 -13.00
CA GLY F 197 25.37 20.90 -11.66
C GLY F 197 24.05 21.56 -11.32
N GLU F 198 24.06 22.38 -10.29
CA GLU F 198 22.86 23.03 -9.82
C GLU F 198 22.76 24.47 -10.28
N PHE F 199 21.55 24.90 -10.62
CA PHE F 199 21.24 26.32 -10.67
C PHE F 199 20.47 26.73 -9.41
N ILE F 200 21.07 27.61 -8.62
CA ILE F 200 20.39 28.20 -7.48
C ILE F 200 19.92 29.63 -7.83
N TRP F 201 18.60 29.82 -7.86
CA TRP F 201 17.97 31.14 -8.03
C TRP F 201 17.55 31.69 -6.67
N THR F 202 18.11 32.84 -6.31
CA THR F 202 17.82 33.49 -5.02
C THR F 202 17.25 34.88 -5.28
N GLY F 203 16.05 35.13 -4.76
CA GLY F 203 15.35 36.38 -5.04
C GLY F 203 15.33 37.39 -3.92
N GLY F 204 15.26 38.67 -4.27
CA GLY F 204 14.98 39.74 -3.33
C GLY F 204 13.47 39.96 -3.25
N ASP F 205 13.00 41.07 -3.82
CA ASP F 205 11.55 41.32 -3.92
C ASP F 205 10.87 40.36 -4.91
N CYS F 206 10.19 39.34 -4.38
CA CYS F 206 9.54 38.35 -5.21
C CYS F 206 8.05 38.67 -5.31
N HIS F 207 7.59 39.00 -6.50
CA HIS F 207 6.27 39.61 -6.62
C HIS F 207 5.43 39.08 -7.78
N ILE F 208 4.13 39.01 -7.52
CA ILE F 208 3.12 38.74 -8.50
C ILE F 208 2.32 40.04 -8.69
N TYR F 209 2.23 40.52 -9.93
CA TYR F 209 1.51 41.78 -10.18
C TYR F 209 -0.01 41.56 -10.07
N ASP F 210 -0.73 42.58 -9.58
CA ASP F 210 -2.18 42.52 -9.37
C ASP F 210 -2.98 42.19 -10.64
N ASN F 211 -2.41 42.49 -11.80
CA ASN F 211 -3.11 42.25 -13.05
C ASN F 211 -2.73 40.91 -13.67
N HIS F 212 -1.98 40.10 -12.91
CA HIS F 212 -1.59 38.76 -13.33
C HIS F 212 -2.33 37.70 -12.52
N VAL F 213 -3.13 38.14 -11.55
CA VAL F 213 -3.71 37.23 -10.60
C VAL F 213 -4.29 35.98 -11.25
N GLU F 214 -5.14 36.17 -12.25
CA GLU F 214 -5.87 35.05 -12.84
C GLU F 214 -5.05 34.22 -13.82
N GLN F 215 -4.05 34.83 -14.45
CA GLN F 215 -3.09 34.10 -15.27
C GLN F 215 -2.32 33.10 -14.40
N VAL F 216 -2.01 33.52 -13.17
CA VAL F 216 -1.33 32.66 -12.18
C VAL F 216 -2.18 31.46 -11.80
N ARG F 217 -3.45 31.68 -11.48
CA ARG F 217 -4.36 30.58 -11.10
C ARG F 217 -4.50 29.59 -12.23
N LEU F 218 -4.69 30.11 -13.44
CA LEU F 218 -4.78 29.24 -14.60
C LEU F 218 -3.59 28.31 -14.58
N GLN F 219 -2.39 28.88 -14.60
CA GLN F 219 -1.14 28.11 -14.68
C GLN F 219 -0.96 27.09 -13.55
N LEU F 220 -1.34 27.48 -12.34
CA LEU F 220 -1.21 26.62 -11.17
C LEU F 220 -2.21 25.47 -11.20
N SER F 221 -3.14 25.51 -12.13
CA SER F 221 -4.12 24.45 -12.23
C SER F 221 -3.70 23.44 -13.28
N ARG F 222 -2.40 23.33 -13.52
CA ARG F 222 -1.91 22.41 -14.54
C ARG F 222 -0.88 21.41 -14.05
N GLU F 223 -0.87 20.24 -14.68
CA GLU F 223 0.01 19.16 -14.29
C GLU F 223 1.34 19.29 -15.01
N PRO F 224 2.41 19.59 -14.28
CA PRO F 224 3.73 19.73 -14.90
C PRO F 224 4.09 18.47 -15.68
N ARG F 225 4.86 18.64 -16.74
CA ARG F 225 5.30 17.53 -17.57
C ARG F 225 6.83 17.43 -17.49
N PRO F 226 7.40 16.29 -17.90
CA PRO F 226 8.87 16.14 -17.84
C PRO F 226 9.60 17.30 -18.50
N TYR F 227 10.71 17.73 -17.90
CA TYR F 227 11.49 18.80 -18.49
C TYR F 227 12.19 18.35 -19.76
N PRO F 228 12.39 19.28 -20.70
CA PRO F 228 13.06 18.98 -21.96
C PRO F 228 14.56 18.86 -21.73
N LYS F 229 15.30 18.51 -22.77
CA LYS F 229 16.76 18.40 -22.67
C LYS F 229 17.40 19.45 -23.54
N LEU F 230 18.61 19.88 -23.18
CA LEU F 230 19.33 20.88 -23.94
C LEU F 230 20.51 20.27 -24.69
N LEU F 231 20.54 20.46 -26.00
CA LEU F 231 21.70 20.07 -26.80
C LEU F 231 22.44 21.29 -27.33
N LEU F 232 23.74 21.37 -27.02
CA LEU F 232 24.58 22.49 -27.45
C LEU F 232 25.64 22.05 -28.43
N ALA F 233 25.49 22.43 -29.69
CA ALA F 233 26.52 22.16 -30.68
C ALA F 233 27.87 22.69 -30.20
N ASP F 234 28.94 22.15 -30.77
CA ASP F 234 30.29 22.48 -30.37
C ASP F 234 30.75 23.84 -30.88
N ARG F 235 31.39 24.62 -30.00
CA ARG F 235 32.06 25.82 -30.46
C ARG F 235 33.37 25.97 -29.71
N ASP F 236 34.30 26.73 -30.30
CA ASP F 236 35.59 26.91 -29.69
C ASP F 236 35.56 28.06 -28.72
N SER F 237 34.46 28.79 -28.72
CA SER F 237 34.37 30.00 -27.89
C SER F 237 32.93 30.32 -27.49
N ILE F 238 32.73 30.74 -26.25
CA ILE F 238 31.37 31.06 -25.82
C ILE F 238 30.76 32.12 -26.77
N PHE F 239 31.61 33.02 -27.25
CA PHE F 239 31.15 34.14 -28.05
C PHE F 239 30.85 33.75 -29.49
N GLU F 240 31.05 32.47 -29.79
CA GLU F 240 30.80 31.99 -31.14
C GLU F 240 29.57 31.08 -31.21
N TYR F 241 28.80 31.07 -30.13
CA TYR F 241 27.53 30.34 -30.12
C TYR F 241 26.47 31.11 -30.90
N THR F 242 25.66 30.38 -31.64
CA THR F 242 24.59 30.98 -32.42
C THR F 242 23.27 30.35 -32.04
N TYR F 243 22.17 30.98 -32.43
CA TYR F 243 20.87 30.40 -32.13
C TYR F 243 20.82 28.91 -32.52
N GLU F 244 21.25 28.60 -33.73
CA GLU F 244 21.11 27.24 -34.27
C GLU F 244 21.92 26.18 -33.53
N ASP F 245 22.82 26.61 -32.64
CA ASP F 245 23.58 25.64 -31.87
C ASP F 245 22.74 25.19 -30.69
N ILE F 246 21.67 25.92 -30.44
CA ILE F 246 20.86 25.71 -29.23
C ILE F 246 19.59 24.93 -29.56
N VAL F 247 19.52 23.69 -29.07
CA VAL F 247 18.39 22.82 -29.36
C VAL F 247 17.73 22.25 -28.11
N VAL F 248 16.39 22.32 -28.11
CA VAL F 248 15.60 21.84 -27.01
C VAL F 248 14.79 20.64 -27.49
N LYS F 249 15.24 19.43 -27.14
CA LYS F 249 14.53 18.19 -27.53
C LYS F 249 13.45 17.85 -26.51
N ASN F 250 12.26 17.52 -27.02
CA ASN F 250 11.16 17.05 -26.19
C ASN F 250 10.56 18.10 -25.25
N TYR F 251 10.37 19.31 -25.76
CA TYR F 251 9.67 20.33 -25.00
C TYR F 251 8.18 20.21 -25.28
N ASP F 252 7.44 19.61 -24.35
CA ASP F 252 5.99 19.43 -24.50
C ASP F 252 5.20 20.16 -23.42
N PRO F 253 5.08 21.48 -23.54
CA PRO F 253 4.37 22.30 -22.55
C PRO F 253 2.86 22.42 -22.80
N HIS F 254 2.16 22.96 -21.82
CA HIS F 254 0.77 23.33 -21.94
C HIS F 254 0.70 24.62 -22.77
N PRO F 255 -0.52 25.10 -23.05
CA PRO F 255 -0.70 26.31 -23.86
C PRO F 255 -0.13 27.59 -23.24
N ALA F 256 0.31 28.49 -24.11
CA ALA F 256 0.81 29.81 -23.69
C ALA F 256 -0.27 30.61 -22.95
N ILE F 257 0.17 31.48 -22.04
CA ILE F 257 -0.71 32.35 -21.27
C ILE F 257 -0.26 33.81 -21.38
N LYS F 258 -1.06 34.64 -22.05
CA LYS F 258 -0.70 36.04 -22.33
C LYS F 258 -0.83 36.99 -21.12
N ALA F 259 0.11 37.91 -20.99
CA ALA F 259 0.07 38.95 -19.95
C ALA F 259 -0.69 40.20 -20.42
N PRO F 260 -1.71 40.61 -19.67
CA PRO F 260 -2.57 41.70 -20.13
C PRO F 260 -1.81 42.99 -20.35
N VAL F 261 -2.43 43.94 -21.03
CA VAL F 261 -1.82 45.23 -21.33
C VAL F 261 -2.43 46.31 -20.45
N MET G 1 -19.48 -13.19 -1.03
CA MET G 1 -19.47 -14.63 -0.85
C MET G 1 -20.50 -15.31 -1.77
N THR G 2 -20.00 -15.99 -2.82
CA THR G 2 -20.86 -16.60 -3.85
C THR G 2 -20.54 -18.08 -4.20
N PRO G 3 -20.73 -18.97 -3.23
CA PRO G 3 -20.43 -20.40 -3.40
C PRO G 3 -21.03 -21.02 -4.67
N TYR G 4 -22.29 -20.68 -4.99
CA TYR G 4 -22.95 -21.22 -6.17
C TYR G 4 -22.23 -20.84 -7.46
N GLU G 5 -22.12 -19.54 -7.72
CA GLU G 5 -21.44 -19.05 -8.91
C GLU G 5 -20.00 -19.59 -9.03
N ASP G 6 -19.27 -19.65 -7.92
CA ASP G 6 -17.94 -20.26 -7.93
C ASP G 6 -17.99 -21.73 -8.41
N LEU G 7 -18.88 -22.53 -7.85
CA LEU G 7 -19.02 -23.92 -8.26
C LEU G 7 -19.45 -24.01 -9.75
N LEU G 8 -20.37 -23.13 -10.12
CA LEU G 8 -20.85 -23.07 -11.50
C LEU G 8 -19.69 -22.81 -12.43
N ARG G 9 -18.83 -21.86 -12.07
CA ARG G 9 -17.71 -21.50 -12.92
C ARG G 9 -16.76 -22.68 -12.98
N PHE G 10 -16.49 -23.26 -11.82
CA PHE G 10 -15.55 -24.36 -11.71
C PHE G 10 -15.97 -25.54 -12.58
N VAL G 11 -17.27 -25.86 -12.60
CA VAL G 11 -17.76 -26.96 -13.42
C VAL G 11 -17.77 -26.59 -14.90
N LEU G 12 -18.10 -25.34 -15.21
CA LEU G 12 -18.07 -24.89 -16.59
C LEU G 12 -16.66 -25.08 -17.22
N GLU G 13 -15.63 -24.69 -16.48
CA GLU G 13 -14.29 -24.62 -17.00
C GLU G 13 -13.55 -25.97 -16.96
N THR G 14 -13.67 -26.69 -15.85
CA THR G 14 -12.91 -27.93 -15.61
C THR G 14 -13.75 -29.21 -15.58
N GLY G 15 -15.04 -29.11 -15.85
CA GLY G 15 -15.89 -30.30 -15.87
C GLY G 15 -15.55 -31.25 -17.00
N THR G 16 -15.80 -32.55 -16.81
CA THR G 16 -15.54 -33.53 -17.86
C THR G 16 -16.81 -33.92 -18.61
N PRO G 17 -16.73 -33.96 -19.96
CA PRO G 17 -17.90 -34.28 -20.80
C PRO G 17 -18.43 -35.68 -20.51
N LYS G 18 -19.75 -35.84 -20.48
CA LYS G 18 -20.35 -37.13 -20.17
C LYS G 18 -21.78 -37.26 -20.73
N SER G 19 -22.14 -38.47 -21.14
CA SER G 19 -23.49 -38.77 -21.60
C SER G 19 -24.41 -38.85 -20.38
N ASP G 20 -25.72 -38.76 -20.58
CA ASP G 20 -26.64 -38.87 -19.46
C ASP G 20 -28.00 -39.46 -19.85
N ARG G 21 -28.76 -39.88 -18.84
CA ARG G 21 -30.10 -40.43 -19.03
C ARG G 21 -30.92 -39.68 -20.06
N THR G 22 -31.05 -38.36 -19.89
CA THR G 22 -31.92 -37.55 -20.75
C THR G 22 -31.42 -37.46 -22.19
N GLY G 23 -30.22 -37.97 -22.44
CA GLY G 23 -29.63 -37.95 -23.76
C GLY G 23 -29.32 -36.54 -24.21
N THR G 24 -29.03 -35.67 -23.26
CA THR G 24 -28.71 -34.27 -23.54
C THR G 24 -27.20 -34.00 -23.60
N GLY G 25 -26.43 -34.66 -22.73
CA GLY G 25 -25.01 -34.40 -22.61
C GLY G 25 -24.71 -33.39 -21.52
N THR G 26 -23.60 -33.58 -20.81
CA THR G 26 -23.22 -32.68 -19.70
C THR G 26 -21.72 -32.46 -19.58
N ARG G 27 -21.34 -31.46 -18.78
CA ARG G 27 -19.99 -31.37 -18.24
C ARG G 27 -20.15 -31.60 -16.76
N SER G 28 -19.37 -32.51 -16.20
CA SER G 28 -19.61 -32.97 -14.84
C SER G 28 -18.37 -33.02 -13.95
N LEU G 29 -18.61 -32.75 -12.67
CA LEU G 29 -17.67 -32.95 -11.58
C LEU G 29 -18.39 -33.74 -10.48
N PHE G 30 -17.66 -34.53 -9.72
CA PHE G 30 -18.25 -35.35 -8.66
C PHE G 30 -17.82 -34.89 -7.27
N GLY G 31 -18.76 -34.79 -6.35
CA GLY G 31 -18.45 -34.50 -4.96
C GLY G 31 -18.04 -33.07 -4.65
N GLN G 32 -18.86 -32.11 -5.06
CA GLN G 32 -18.59 -30.70 -4.78
C GLN G 32 -19.49 -30.20 -3.65
N GLN G 33 -18.98 -29.26 -2.87
CA GLN G 33 -19.69 -28.75 -1.72
C GLN G 33 -19.90 -27.22 -1.81
N MET G 34 -20.97 -26.76 -1.19
CA MET G 34 -21.23 -25.33 -1.07
C MET G 34 -21.65 -25.03 0.36
N ARG G 35 -21.15 -23.92 0.91
CA ARG G 35 -21.56 -23.49 2.26
C ARG G 35 -22.13 -22.08 2.28
N TYR G 36 -23.27 -21.96 2.95
CA TYR G 36 -23.92 -20.67 3.14
C TYR G 36 -24.09 -20.38 4.62
N ASP G 37 -23.65 -19.20 5.04
CA ASP G 37 -24.01 -18.72 6.36
C ASP G 37 -25.36 -18.02 6.29
N LEU G 38 -26.40 -18.69 6.80
CA LEU G 38 -27.76 -18.18 6.74
C LEU G 38 -27.99 -16.91 7.56
N SER G 39 -27.23 -16.73 8.62
CA SER G 39 -27.32 -15.52 9.40
C SER G 39 -26.93 -14.31 8.54
N ALA G 40 -26.11 -14.53 7.51
CA ALA G 40 -25.64 -13.40 6.68
C ALA G 40 -26.68 -12.97 5.64
N GLY G 41 -27.54 -13.90 5.22
CA GLY G 41 -28.54 -13.61 4.23
C GLY G 41 -29.18 -14.86 3.64
N PHE G 42 -30.31 -14.69 2.98
CA PHE G 42 -30.99 -15.80 2.36
C PHE G 42 -30.42 -16.08 0.95
N PRO G 43 -29.96 -17.33 0.70
CA PRO G 43 -29.28 -17.71 -0.54
C PRO G 43 -30.21 -17.90 -1.75
N LEU G 44 -31.07 -16.91 -2.00
CA LEU G 44 -31.82 -16.78 -3.26
C LEU G 44 -30.92 -16.02 -4.22
N LEU G 45 -30.48 -16.66 -5.29
CA LEU G 45 -29.50 -16.06 -6.20
C LEU G 45 -29.90 -14.68 -6.73
N THR G 46 -28.93 -13.79 -6.88
CA THR G 46 -29.17 -12.47 -7.44
C THR G 46 -28.63 -12.29 -8.87
N THR G 47 -27.88 -13.25 -9.36
CA THR G 47 -27.31 -13.13 -10.70
C THR G 47 -28.29 -13.55 -11.81
N LYS G 48 -29.48 -13.98 -11.38
CA LYS G 48 -30.64 -14.21 -12.25
C LYS G 48 -31.87 -14.26 -11.31
N LYS G 49 -33.04 -13.93 -11.83
CA LYS G 49 -34.25 -13.93 -11.01
C LYS G 49 -34.79 -15.35 -10.86
N VAL G 50 -34.69 -15.89 -9.64
CA VAL G 50 -35.18 -17.22 -9.35
C VAL G 50 -36.67 -17.16 -9.02
N HIS G 51 -37.47 -18.06 -9.59
CA HIS G 51 -38.92 -18.01 -9.33
C HIS G 51 -39.27 -18.61 -7.97
N PHE G 52 -39.01 -17.83 -6.92
CA PHE G 52 -39.17 -18.28 -5.55
C PHE G 52 -40.56 -18.80 -5.25
N LYS G 53 -41.56 -18.25 -5.90
CA LYS G 53 -42.94 -18.68 -5.67
C LYS G 53 -43.01 -20.20 -5.80
N SER G 54 -42.49 -20.70 -6.91
CA SER G 54 -42.47 -22.12 -7.19
C SER G 54 -41.62 -22.88 -6.17
N VAL G 55 -40.54 -22.25 -5.70
CA VAL G 55 -39.73 -22.84 -4.64
C VAL G 55 -40.52 -23.01 -3.35
N ALA G 56 -41.18 -21.94 -2.91
CA ALA G 56 -41.86 -21.97 -1.61
C ALA G 56 -43.07 -22.91 -1.59
N TYR G 57 -43.85 -22.91 -2.67
CA TYR G 57 -44.99 -23.82 -2.77
C TYR G 57 -44.57 -25.29 -2.86
N GLU G 58 -43.59 -25.59 -3.71
CA GLU G 58 -43.08 -26.96 -3.77
C GLU G 58 -42.76 -27.52 -2.39
N LEU G 59 -42.09 -26.70 -1.58
CA LEU G 59 -41.73 -27.09 -0.22
C LEU G 59 -42.95 -27.20 0.72
N LEU G 60 -43.90 -26.27 0.60
CA LEU G 60 -45.11 -26.39 1.41
C LEU G 60 -45.77 -27.71 1.03
N TRP G 61 -45.71 -28.03 -0.26
CA TRP G 61 -46.26 -29.26 -0.81
C TRP G 61 -45.53 -30.48 -0.23
N PHE G 62 -44.21 -30.37 -0.14
CA PHE G 62 -43.42 -31.42 0.50
C PHE G 62 -43.95 -31.69 1.89
N LEU G 63 -43.99 -30.64 2.70
CA LEU G 63 -44.43 -30.75 4.09
C LEU G 63 -45.87 -31.24 4.25
N ARG G 64 -46.65 -31.25 3.18
CA ARG G 64 -48.00 -31.77 3.24
C ARG G 64 -48.06 -33.28 3.00
N GLY G 65 -47.03 -33.81 2.36
CA GLY G 65 -46.97 -35.24 2.06
C GLY G 65 -47.64 -35.63 0.75
N ASP G 66 -48.18 -34.64 0.04
CA ASP G 66 -48.93 -34.90 -1.19
C ASP G 66 -48.13 -35.63 -2.24
N SER G 67 -48.79 -36.55 -2.94
CA SER G 67 -48.17 -37.31 -4.01
C SER G 67 -48.67 -36.84 -5.38
N ASN G 68 -49.69 -35.99 -5.37
CA ASN G 68 -50.32 -35.54 -6.59
C ASN G 68 -50.04 -34.08 -6.88
N ILE G 69 -49.58 -33.80 -8.11
CA ILE G 69 -49.19 -32.45 -8.50
C ILE G 69 -50.41 -31.52 -8.56
N GLY G 70 -51.55 -32.01 -8.10
CA GLY G 70 -52.78 -31.24 -8.07
C GLY G 70 -52.69 -29.95 -7.26
N TRP G 71 -52.29 -30.06 -6.00
CA TRP G 71 -52.23 -28.91 -5.10
C TRP G 71 -51.26 -27.88 -5.62
N LEU G 72 -50.36 -28.33 -6.49
CA LEU G 72 -49.32 -27.48 -7.05
C LEU G 72 -49.85 -26.63 -8.21
N HIS G 73 -50.65 -27.25 -9.07
CA HIS G 73 -51.26 -26.52 -10.18
C HIS G 73 -52.21 -25.47 -9.67
N GLU G 74 -52.95 -25.80 -8.61
CA GLU G 74 -53.92 -24.87 -8.05
C GLU G 74 -53.31 -23.52 -7.71
N HIS G 75 -52.08 -23.53 -7.21
CA HIS G 75 -51.39 -22.29 -6.85
C HIS G 75 -50.43 -21.80 -7.93
N GLY G 76 -50.57 -22.31 -9.14
CA GLY G 76 -49.83 -21.81 -10.28
C GLY G 76 -48.41 -22.34 -10.49
N VAL G 77 -48.12 -23.50 -9.90
CA VAL G 77 -46.80 -24.13 -10.00
C VAL G 77 -46.84 -25.34 -10.90
N THR G 78 -46.00 -25.35 -11.94
CA THR G 78 -46.03 -26.42 -12.95
C THR G 78 -44.69 -27.16 -13.11
N ILE G 79 -43.83 -27.07 -12.10
CA ILE G 79 -42.50 -27.66 -12.27
C ILE G 79 -42.48 -29.18 -12.31
N TRP G 80 -43.54 -29.84 -11.83
CA TRP G 80 -43.61 -31.30 -11.83
C TRP G 80 -44.67 -31.86 -12.79
N ASP G 81 -44.75 -31.28 -14.00
CA ASP G 81 -45.80 -31.66 -14.95
C ASP G 81 -45.38 -32.74 -15.94
N GLU G 82 -44.27 -32.50 -16.62
CA GLU G 82 -43.78 -33.44 -17.62
C GLU G 82 -43.63 -34.84 -17.03
N TRP G 83 -43.41 -34.92 -15.72
CA TRP G 83 -43.20 -36.20 -15.06
C TRP G 83 -44.45 -36.83 -14.47
N ALA G 84 -45.57 -36.11 -14.55
CA ALA G 84 -46.80 -36.59 -13.91
C ALA G 84 -47.61 -37.52 -14.81
N SER G 85 -48.48 -38.32 -14.21
CA SER G 85 -49.37 -39.20 -14.95
C SER G 85 -50.52 -38.37 -15.52
N ASP G 86 -51.34 -38.98 -16.38
CA ASP G 86 -52.56 -38.33 -16.85
C ASP G 86 -53.47 -38.15 -15.65
N THR G 87 -53.25 -39.02 -14.66
CA THR G 87 -53.89 -38.92 -13.35
C THR G 87 -53.14 -37.90 -12.51
N GLY G 88 -51.85 -37.77 -12.78
CA GLY G 88 -51.04 -36.74 -12.17
C GLY G 88 -50.22 -37.21 -10.99
N GLU G 89 -50.22 -38.50 -10.73
CA GLU G 89 -49.46 -39.03 -9.61
C GLU G 89 -47.98 -39.16 -9.94
N LEU G 90 -47.14 -39.05 -8.92
CA LEU G 90 -45.70 -39.15 -9.09
C LEU G 90 -45.10 -40.33 -8.32
N GLY G 91 -45.83 -40.82 -7.32
CA GLY G 91 -45.31 -41.85 -6.44
C GLY G 91 -45.06 -41.33 -5.03
N PRO G 92 -44.53 -42.18 -4.14
CA PRO G 92 -44.34 -41.77 -2.74
C PRO G 92 -43.04 -40.99 -2.59
N ILE G 93 -42.87 -39.99 -3.44
CA ILE G 93 -41.62 -39.23 -3.51
C ILE G 93 -41.44 -38.35 -2.29
N TYR G 94 -40.50 -37.41 -2.39
CA TYR G 94 -40.11 -36.59 -1.25
C TYR G 94 -41.10 -36.50 -0.09
N GLY G 95 -42.20 -35.78 -0.30
CA GLY G 95 -43.17 -35.54 0.75
C GLY G 95 -43.68 -36.75 1.51
N VAL G 96 -44.07 -37.81 0.79
CA VAL G 96 -44.59 -39.01 1.43
C VAL G 96 -43.55 -39.61 2.37
N GLN G 97 -42.31 -39.67 1.92
CA GLN G 97 -41.22 -40.15 2.78
C GLN G 97 -41.03 -39.25 4.01
N TRP G 98 -40.93 -37.95 3.78
CA TRP G 98 -40.68 -36.98 4.86
C TRP G 98 -41.70 -37.10 5.99
N ARG G 99 -42.97 -37.17 5.62
CA ARG G 99 -44.07 -37.09 6.60
C ARG G 99 -44.57 -38.45 7.04
N SER G 100 -44.57 -39.41 6.13
CA SER G 100 -45.09 -40.74 6.42
C SER G 100 -44.29 -41.87 5.77
N TRP G 101 -43.03 -42.00 6.15
CA TRP G 101 -42.24 -43.16 5.74
C TRP G 101 -42.89 -44.46 6.25
N PRO G 102 -43.27 -45.35 5.31
CA PRO G 102 -43.95 -46.60 5.62
C PRO G 102 -43.04 -47.52 6.42
N ALA G 103 -43.48 -47.90 7.62
CA ALA G 103 -42.72 -48.78 8.49
C ALA G 103 -43.21 -50.21 8.32
N PRO G 104 -42.27 -51.17 8.33
CA PRO G 104 -42.62 -52.59 8.19
C PRO G 104 -43.77 -52.98 9.10
N SER G 105 -43.93 -52.29 10.22
CA SER G 105 -44.97 -52.59 11.21
C SER G 105 -46.36 -52.14 10.77
N GLY G 106 -46.40 -51.19 9.83
CA GLY G 106 -47.66 -50.63 9.38
C GLY G 106 -47.79 -49.17 9.80
N GLU G 107 -47.08 -48.81 10.85
CA GLU G 107 -47.08 -47.43 11.32
C GLU G 107 -46.35 -46.57 10.31
N HIS G 108 -46.41 -45.27 10.51
CA HIS G 108 -45.75 -44.33 9.62
C HIS G 108 -44.85 -43.39 10.41
N ILE G 109 -43.60 -43.28 9.98
CA ILE G 109 -42.66 -42.39 10.63
C ILE G 109 -42.74 -40.99 10.02
N ASP G 110 -43.10 -40.03 10.86
CA ASP G 110 -43.12 -38.62 10.50
C ASP G 110 -41.75 -38.05 10.83
N GLN G 111 -40.85 -38.13 9.86
CA GLN G 111 -39.46 -37.75 10.06
C GLN G 111 -39.32 -36.26 10.38
N ILE G 112 -40.22 -35.46 9.84
CA ILE G 112 -40.16 -34.02 10.06
C ILE G 112 -40.42 -33.67 11.53
N SER G 113 -41.46 -34.26 12.10
CA SER G 113 -41.75 -34.07 13.53
C SER G 113 -40.69 -34.71 14.42
N ALA G 114 -40.36 -35.98 14.19
CA ALA G 114 -39.32 -36.64 14.97
C ALA G 114 -38.06 -35.78 15.04
N ALA G 115 -37.79 -35.06 13.96
CA ALA G 115 -36.60 -34.23 13.85
C ALA G 115 -36.78 -32.95 14.64
N LEU G 116 -38.02 -32.43 14.65
CA LEU G 116 -38.34 -31.24 15.41
C LEU G 116 -38.24 -31.56 16.89
N ASP G 117 -38.81 -32.70 17.28
CA ASP G 117 -38.74 -33.21 18.65
C ASP G 117 -37.30 -33.32 19.13
N LEU G 118 -36.41 -33.82 18.28
CA LEU G 118 -35.00 -33.96 18.64
C LEU G 118 -34.33 -32.59 18.79
N LEU G 119 -34.75 -31.62 17.98
CA LEU G 119 -34.20 -30.26 18.07
C LEU G 119 -34.56 -29.54 19.36
N ARG G 120 -35.81 -29.71 19.82
CA ARG G 120 -36.27 -29.17 21.10
C ARG G 120 -35.74 -29.93 22.32
N THR G 121 -35.72 -31.27 22.22
CA THR G 121 -35.41 -32.11 23.38
C THR G 121 -33.95 -32.61 23.47
N ASP G 122 -33.34 -32.93 22.33
CA ASP G 122 -32.00 -33.48 22.31
C ASP G 122 -31.11 -32.84 21.24
N PRO G 123 -30.89 -31.52 21.34
CA PRO G 123 -30.17 -30.72 20.34
C PRO G 123 -28.85 -31.34 19.92
N ASP G 124 -28.23 -32.11 20.82
CA ASP G 124 -26.88 -32.62 20.63
C ASP G 124 -26.85 -33.97 19.92
N SER G 125 -28.02 -34.58 19.78
CA SER G 125 -28.15 -35.82 19.01
C SER G 125 -27.43 -35.73 17.66
N ARG G 126 -26.65 -36.76 17.35
CA ARG G 126 -26.04 -36.86 16.02
C ARG G 126 -26.92 -37.67 15.06
N ARG G 127 -28.20 -37.79 15.40
CA ARG G 127 -29.12 -38.67 14.67
C ARG G 127 -30.29 -37.92 14.07
N ILE G 128 -30.22 -36.60 14.05
CA ILE G 128 -31.32 -35.79 13.53
C ILE G 128 -31.31 -35.81 12.02
N ILE G 129 -32.01 -36.78 11.44
CA ILE G 129 -31.88 -37.06 10.01
C ILE G 129 -33.27 -37.13 9.35
N VAL G 130 -33.32 -36.78 8.07
CA VAL G 130 -34.50 -37.06 7.25
C VAL G 130 -33.97 -37.61 5.93
N SER G 131 -34.53 -38.75 5.51
CA SER G 131 -34.10 -39.41 4.28
C SER G 131 -35.26 -39.72 3.36
N ALA G 132 -35.13 -39.32 2.10
CA ALA G 132 -36.16 -39.55 1.13
C ALA G 132 -35.79 -40.77 0.35
N TRP G 133 -34.62 -41.32 0.62
CA TRP G 133 -34.14 -42.41 -0.21
C TRP G 133 -34.68 -43.74 0.28
N ASN G 134 -35.99 -43.95 0.10
CA ASN G 134 -36.62 -45.20 0.48
C ASN G 134 -36.38 -46.28 -0.58
N VAL G 135 -35.27 -47.01 -0.44
CA VAL G 135 -34.85 -48.03 -1.41
C VAL G 135 -36.02 -48.83 -2.00
N GLY G 136 -36.88 -49.34 -1.13
CA GLY G 136 -37.94 -50.24 -1.53
C GLY G 136 -39.09 -49.57 -2.26
N GLU G 137 -38.96 -48.27 -2.52
CA GLU G 137 -40.03 -47.54 -3.19
C GLU G 137 -39.56 -46.66 -4.35
N ILE G 138 -38.28 -46.78 -4.72
CA ILE G 138 -37.71 -45.96 -5.78
C ILE G 138 -38.40 -46.20 -7.13
N GLU G 139 -38.63 -47.46 -7.47
CA GLU G 139 -39.25 -47.84 -8.76
C GLU G 139 -40.64 -47.27 -8.93
N ARG G 140 -41.29 -46.94 -7.82
CA ARG G 140 -42.65 -46.41 -7.86
C ARG G 140 -42.65 -44.89 -7.85
N MET G 141 -41.51 -44.29 -8.16
CA MET G 141 -41.42 -42.84 -8.25
C MET G 141 -41.16 -42.38 -9.69
N ALA G 142 -41.78 -41.28 -10.08
CA ALA G 142 -41.51 -40.68 -11.38
C ALA G 142 -40.01 -40.37 -11.54
N LEU G 143 -39.40 -39.88 -10.46
CA LEU G 143 -37.96 -39.66 -10.45
C LEU G 143 -37.39 -39.97 -9.09
N PRO G 144 -36.26 -40.71 -9.06
CA PRO G 144 -35.62 -41.00 -7.78
C PRO G 144 -35.25 -39.69 -7.12
N PRO G 145 -35.25 -39.64 -5.79
CA PRO G 145 -34.94 -38.39 -5.09
C PRO G 145 -33.60 -37.81 -5.54
N CYS G 146 -33.58 -36.52 -5.86
CA CYS G 146 -32.32 -35.84 -6.16
C CYS G 146 -31.69 -35.35 -4.87
N HIS G 147 -32.48 -34.70 -4.02
CA HIS G 147 -32.05 -34.32 -2.69
C HIS G 147 -32.54 -35.40 -1.73
N ALA G 148 -31.63 -36.32 -1.43
CA ALA G 148 -31.96 -37.64 -0.91
C ALA G 148 -31.93 -37.77 0.60
N PHE G 149 -31.24 -36.86 1.27
CA PHE G 149 -30.79 -37.14 2.61
C PHE G 149 -30.27 -35.86 3.27
N PHE G 150 -30.86 -35.46 4.38
CA PHE G 150 -30.33 -34.28 5.09
C PHE G 150 -30.30 -34.42 6.61
N GLN G 151 -29.35 -33.72 7.22
CA GLN G 151 -29.09 -33.85 8.65
C GLN G 151 -29.12 -32.47 9.29
N PHE G 152 -29.56 -32.43 10.55
CA PHE G 152 -29.54 -31.19 11.32
C PHE G 152 -28.45 -31.21 12.39
N TYR G 153 -28.00 -30.03 12.77
CA TYR G 153 -26.94 -29.86 13.78
C TYR G 153 -27.21 -28.57 14.58
N VAL G 154 -26.94 -28.59 15.88
CA VAL G 154 -27.07 -27.40 16.71
C VAL G 154 -25.80 -27.06 17.50
N ALA G 155 -25.29 -25.85 17.32
CA ALA G 155 -24.19 -25.33 18.13
C ALA G 155 -24.53 -23.92 18.63
N ASP G 156 -24.48 -23.73 19.94
CA ASP G 156 -24.78 -22.44 20.55
C ASP G 156 -26.10 -21.89 20.03
N GLY G 157 -27.16 -22.70 20.13
CA GLY G 157 -28.50 -22.27 19.76
C GLY G 157 -28.70 -21.96 18.29
N ARG G 158 -27.71 -22.32 17.47
CA ARG G 158 -27.73 -22.02 16.04
C ARG G 158 -27.99 -23.33 15.26
N LEU G 159 -29.00 -23.34 14.39
CA LEU G 159 -29.31 -24.55 13.64
C LEU G 159 -28.70 -24.60 12.23
N SER G 160 -27.85 -25.59 12.00
CA SER G 160 -27.27 -25.87 10.69
C SER G 160 -27.90 -27.09 10.02
N CYS G 161 -27.78 -27.20 8.69
CA CYS G 161 -28.39 -28.29 7.93
C CYS G 161 -27.48 -28.71 6.77
N GLN G 162 -27.30 -30.01 6.61
CA GLN G 162 -26.51 -30.49 5.50
C GLN G 162 -27.31 -31.40 4.60
N LEU G 163 -27.24 -31.14 3.30
CA LEU G 163 -27.98 -31.89 2.32
C LEU G 163 -27.04 -32.74 1.45
N TYR G 164 -27.38 -34.00 1.25
CA TYR G 164 -26.76 -34.77 0.19
C TYR G 164 -27.68 -34.82 -1.05
N GLN G 165 -27.21 -34.21 -2.14
CA GLN G 165 -27.96 -34.21 -3.39
C GLN G 165 -27.22 -35.05 -4.42
N ARG G 166 -27.75 -36.24 -4.70
CA ARG G 166 -27.10 -37.23 -5.55
C ARG G 166 -26.85 -36.76 -6.95
N SER G 167 -27.65 -35.80 -7.40
CA SER G 167 -27.63 -35.37 -8.79
C SER G 167 -28.08 -33.92 -8.91
N ALA G 168 -27.23 -33.10 -9.49
CA ALA G 168 -27.37 -31.67 -9.43
C ALA G 168 -27.34 -31.02 -10.81
N ASP G 169 -28.50 -30.66 -11.32
CA ASP G 169 -28.60 -29.83 -12.52
C ASP G 169 -28.23 -28.39 -12.12
N LEU G 170 -26.99 -28.00 -12.39
CA LEU G 170 -26.47 -26.78 -11.79
C LEU G 170 -27.23 -25.54 -12.21
N PHE G 171 -27.62 -25.48 -13.49
CA PHE G 171 -28.35 -24.31 -13.92
C PHE G 171 -29.83 -24.29 -13.49
N LEU G 172 -30.57 -25.38 -13.73
CA LEU G 172 -32.01 -25.38 -13.46
C LEU G 172 -32.40 -25.67 -12.01
N GLY G 173 -32.11 -26.88 -11.56
CA GLY G 173 -32.63 -27.35 -10.29
C GLY G 173 -31.92 -26.82 -9.05
N VAL G 174 -30.59 -26.72 -9.11
CA VAL G 174 -29.80 -26.34 -7.94
C VAL G 174 -30.20 -25.02 -7.27
N PRO G 175 -30.40 -23.93 -8.05
CA PRO G 175 -30.77 -22.67 -7.42
C PRO G 175 -32.05 -22.83 -6.62
N PHE G 176 -32.94 -23.67 -7.14
CA PHE G 176 -34.18 -24.04 -6.45
C PHE G 176 -33.91 -24.81 -5.16
N ASN G 177 -33.10 -25.86 -5.27
CA ASN G 177 -32.76 -26.69 -4.11
C ASN G 177 -32.12 -25.92 -2.97
N ILE G 178 -31.27 -24.97 -3.32
CA ILE G 178 -30.60 -24.17 -2.30
C ILE G 178 -31.59 -23.31 -1.53
N ALA G 179 -32.45 -22.59 -2.25
CA ALA G 179 -33.46 -21.74 -1.62
C ALA G 179 -34.41 -22.62 -0.79
N SER G 180 -34.75 -23.77 -1.35
CA SER G 180 -35.70 -24.70 -0.74
C SER G 180 -35.24 -25.14 0.64
N TYR G 181 -34.04 -25.72 0.71
CA TYR G 181 -33.52 -26.19 1.97
C TYR G 181 -33.14 -25.06 2.93
N ALA G 182 -32.79 -23.91 2.37
CA ALA G 182 -32.52 -22.75 3.21
C ALA G 182 -33.82 -22.28 3.87
N LEU G 183 -34.91 -22.23 3.09
CA LEU G 183 -36.21 -21.90 3.65
C LEU G 183 -36.63 -22.91 4.73
N LEU G 184 -36.43 -24.20 4.47
CA LEU G 184 -36.77 -25.26 5.43
C LEU G 184 -36.04 -25.12 6.78
N THR G 185 -34.76 -24.78 6.74
CA THR G 185 -33.99 -24.59 7.95
C THR G 185 -34.51 -23.42 8.79
N HIS G 186 -34.95 -22.35 8.13
CA HIS G 186 -35.52 -21.20 8.80
C HIS G 186 -36.81 -21.57 9.54
N MET G 187 -37.63 -22.38 8.87
CA MET G 187 -38.85 -22.93 9.46
C MET G 187 -38.54 -23.80 10.69
N MET G 188 -37.65 -24.77 10.55
CA MET G 188 -37.27 -25.66 11.66
C MET G 188 -36.71 -24.89 12.87
N ALA G 189 -35.77 -24.01 12.61
CA ALA G 189 -35.25 -23.13 13.65
C ALA G 189 -36.35 -22.29 14.30
N ALA G 190 -37.29 -21.75 13.51
CA ALA G 190 -38.36 -20.99 14.14
C ALA G 190 -39.08 -21.86 15.15
N GLN G 191 -39.49 -23.05 14.70
CA GLN G 191 -40.28 -23.98 15.50
C GLN G 191 -39.52 -24.67 16.64
N ALA G 192 -38.21 -24.49 16.68
CA ALA G 192 -37.35 -25.17 17.64
C ALA G 192 -36.73 -24.16 18.60
N GLY G 193 -36.97 -22.88 18.33
CA GLY G 193 -36.40 -21.81 19.15
C GLY G 193 -34.94 -21.54 18.88
N LEU G 194 -34.49 -21.83 17.67
CA LEU G 194 -33.10 -21.61 17.32
C LEU G 194 -32.97 -20.46 16.34
N SER G 195 -31.78 -19.89 16.26
CA SER G 195 -31.43 -19.00 15.16
C SER G 195 -30.87 -19.86 14.04
N VAL G 196 -30.78 -19.33 12.82
CA VAL G 196 -30.25 -20.13 11.71
C VAL G 196 -28.72 -20.12 11.72
N GLY G 197 -28.14 -21.24 11.34
CA GLY G 197 -26.69 -21.33 11.24
C GLY G 197 -26.25 -21.54 9.81
N GLU G 198 -25.61 -22.67 9.56
CA GLU G 198 -25.06 -22.97 8.23
C GLU G 198 -25.94 -23.88 7.36
N PHE G 199 -26.06 -23.55 6.08
CA PHE G 199 -26.53 -24.52 5.09
C PHE G 199 -25.36 -25.13 4.29
N ILE G 200 -25.16 -26.44 4.41
CA ILE G 200 -24.12 -27.12 3.67
C ILE G 200 -24.70 -27.99 2.56
N TRP G 201 -24.34 -27.67 1.32
CA TRP G 201 -24.83 -28.40 0.16
C TRP G 201 -23.73 -29.33 -0.35
N THR G 202 -24.03 -30.61 -0.41
CA THR G 202 -23.06 -31.60 -0.84
C THR G 202 -23.60 -32.34 -2.05
N GLY G 203 -22.91 -32.22 -3.17
CA GLY G 203 -23.37 -32.84 -4.39
C GLY G 203 -22.66 -34.11 -4.77
N GLY G 204 -23.43 -35.05 -5.34
CA GLY G 204 -22.86 -36.19 -6.04
C GLY G 204 -22.45 -35.76 -7.44
N ASP G 205 -23.17 -36.23 -8.45
CA ASP G 205 -22.89 -35.81 -9.83
C ASP G 205 -23.39 -34.36 -10.06
N CYS G 206 -22.49 -33.40 -10.11
CA CYS G 206 -22.82 -31.98 -10.33
C CYS G 206 -22.53 -31.58 -11.77
N HIS G 207 -23.56 -31.15 -12.49
CA HIS G 207 -23.42 -31.05 -13.94
C HIS G 207 -24.08 -29.86 -14.59
N ILE G 208 -23.50 -29.43 -15.68
CA ILE G 208 -24.09 -28.39 -16.51
C ILE G 208 -24.49 -29.03 -17.82
N TYR G 209 -25.77 -28.94 -18.16
CA TYR G 209 -26.25 -29.54 -19.42
C TYR G 209 -25.68 -28.83 -20.64
N ASP G 210 -25.34 -29.60 -21.66
CA ASP G 210 -24.72 -29.05 -22.87
C ASP G 210 -25.53 -27.96 -23.56
N ASN G 211 -26.81 -27.80 -23.21
CA ASN G 211 -27.63 -26.75 -23.82
C ASN G 211 -27.97 -25.65 -22.85
N HIS G 212 -27.16 -25.54 -21.80
CA HIS G 212 -27.31 -24.44 -20.85
C HIS G 212 -26.06 -23.60 -20.85
N VAL G 213 -25.16 -23.86 -21.78
CA VAL G 213 -23.85 -23.22 -21.76
C VAL G 213 -23.88 -21.68 -21.93
N GLU G 214 -24.68 -21.17 -22.87
CA GLU G 214 -24.79 -19.72 -23.04
C GLU G 214 -25.53 -19.06 -21.86
N GLN G 215 -26.54 -19.74 -21.34
CA GLN G 215 -27.26 -19.26 -20.17
C GLN G 215 -26.33 -19.11 -18.95
N VAL G 216 -25.47 -20.11 -18.72
CA VAL G 216 -24.44 -20.06 -17.69
C VAL G 216 -23.42 -18.93 -17.92
N ARG G 217 -22.84 -18.87 -19.11
CA ARG G 217 -21.90 -17.79 -19.43
C ARG G 217 -22.53 -16.41 -19.18
N LEU G 218 -23.76 -16.23 -19.61
CA LEU G 218 -24.44 -14.96 -19.38
C LEU G 218 -24.51 -14.67 -17.88
N GLN G 219 -24.89 -15.66 -17.09
CA GLN G 219 -25.13 -15.49 -15.65
C GLN G 219 -23.84 -15.21 -14.88
N LEU G 220 -22.75 -15.86 -15.29
CA LEU G 220 -21.44 -15.62 -14.69
C LEU G 220 -20.85 -14.24 -15.01
N SER G 221 -21.37 -13.58 -16.04
CA SER G 221 -20.87 -12.26 -16.43
C SER G 221 -21.41 -11.17 -15.54
N ARG G 222 -22.41 -11.50 -14.72
CA ARG G 222 -23.16 -10.53 -13.91
C ARG G 222 -22.61 -10.41 -12.49
N GLU G 223 -22.50 -9.19 -11.99
CA GLU G 223 -21.98 -8.98 -10.63
C GLU G 223 -23.07 -9.26 -9.59
N PRO G 224 -22.76 -10.11 -8.58
CA PRO G 224 -23.76 -10.45 -7.57
C PRO G 224 -24.19 -9.24 -6.73
N ARG G 225 -25.40 -9.28 -6.21
CA ARG G 225 -25.91 -8.21 -5.36
C ARG G 225 -26.16 -8.80 -3.98
N PRO G 226 -26.32 -7.94 -2.96
CA PRO G 226 -26.58 -8.44 -1.61
C PRO G 226 -27.77 -9.40 -1.59
N TYR G 227 -27.63 -10.52 -0.89
CA TYR G 227 -28.73 -11.44 -0.70
C TYR G 227 -29.90 -10.75 -0.03
N PRO G 228 -31.12 -11.25 -0.27
CA PRO G 228 -32.31 -10.73 0.39
C PRO G 228 -32.36 -11.26 1.81
N LYS G 229 -33.32 -10.79 2.60
CA LYS G 229 -33.50 -11.28 3.95
C LYS G 229 -34.81 -12.05 4.04
N LEU G 230 -34.81 -13.21 4.71
CA LEU G 230 -36.03 -14.00 4.83
C LEU G 230 -36.75 -13.79 6.16
N LEU G 231 -37.99 -13.34 6.09
CA LEU G 231 -38.82 -13.13 7.27
C LEU G 231 -40.00 -14.09 7.28
N LEU G 232 -40.21 -14.71 8.43
CA LEU G 232 -41.25 -15.70 8.60
C LEU G 232 -42.25 -15.18 9.62
N ALA G 233 -43.54 -15.27 9.31
CA ALA G 233 -44.57 -14.99 10.30
C ALA G 233 -44.59 -16.08 11.37
N ASP G 234 -45.33 -15.84 12.45
CA ASP G 234 -45.40 -16.78 13.57
C ASP G 234 -46.42 -17.89 13.35
N ARG G 235 -46.02 -19.13 13.59
CA ARG G 235 -46.99 -20.21 13.67
C ARG G 235 -46.69 -21.12 14.86
N ASP G 236 -47.64 -21.97 15.21
CA ASP G 236 -47.46 -22.91 16.30
C ASP G 236 -46.99 -24.27 15.79
N SER G 237 -47.24 -24.56 14.53
CA SER G 237 -46.80 -25.81 13.93
C SER G 237 -46.14 -25.52 12.59
N ILE G 238 -45.12 -26.30 12.23
CA ILE G 238 -44.44 -26.08 10.96
C ILE G 238 -45.42 -26.34 9.82
N PHE G 239 -46.45 -27.12 10.12
CA PHE G 239 -47.41 -27.51 9.11
C PHE G 239 -48.52 -26.49 8.95
N GLU G 240 -48.46 -25.43 9.75
CA GLU G 240 -49.45 -24.36 9.62
C GLU G 240 -48.87 -23.14 8.91
N TYR G 241 -47.65 -23.28 8.41
CA TYR G 241 -47.05 -22.27 7.54
C TYR G 241 -47.79 -22.22 6.19
N THR G 242 -48.04 -21.02 5.69
CA THR G 242 -48.67 -20.81 4.39
C THR G 242 -47.73 -20.04 3.49
N TYR G 243 -48.07 -19.91 2.21
CA TYR G 243 -47.27 -19.09 1.31
C TYR G 243 -47.16 -17.65 1.80
N GLU G 244 -48.25 -17.15 2.38
CA GLU G 244 -48.35 -15.74 2.77
C GLU G 244 -47.51 -15.44 4.00
N ASP G 245 -47.12 -16.50 4.71
CA ASP G 245 -46.33 -16.37 5.93
C ASP G 245 -44.90 -15.96 5.63
N ILE G 246 -44.55 -16.08 4.34
CA ILE G 246 -43.18 -16.02 3.89
C ILE G 246 -42.97 -14.68 3.22
N VAL G 247 -41.98 -13.94 3.68
CA VAL G 247 -41.70 -12.62 3.11
C VAL G 247 -40.23 -12.49 2.79
N VAL G 248 -39.91 -12.30 1.51
CA VAL G 248 -38.52 -12.12 1.11
C VAL G 248 -38.27 -10.62 0.97
N LYS G 249 -37.41 -10.08 1.83
CA LYS G 249 -37.16 -8.65 1.87
C LYS G 249 -35.95 -8.25 1.00
N ASN G 250 -36.07 -7.13 0.28
CA ASN G 250 -35.00 -6.59 -0.55
C ASN G 250 -34.33 -7.56 -1.53
N TYR G 251 -35.14 -8.38 -2.20
CA TYR G 251 -34.66 -9.21 -3.30
C TYR G 251 -34.45 -8.36 -4.56
N ASP G 252 -33.19 -8.20 -5.00
CA ASP G 252 -32.87 -7.30 -6.11
C ASP G 252 -32.08 -8.02 -7.22
N PRO G 253 -32.67 -9.06 -7.83
CA PRO G 253 -31.89 -9.87 -8.79
C PRO G 253 -31.67 -9.22 -10.13
N HIS G 254 -30.73 -9.79 -10.89
CA HIS G 254 -30.62 -9.56 -12.33
C HIS G 254 -31.80 -10.25 -13.00
N PRO G 255 -32.10 -9.89 -14.24
CA PRO G 255 -33.29 -10.45 -14.89
C PRO G 255 -33.22 -11.97 -14.91
N ALA G 256 -34.35 -12.62 -15.11
CA ALA G 256 -34.39 -14.06 -15.30
C ALA G 256 -33.68 -14.48 -16.60
N ILE G 257 -33.23 -15.73 -16.64
CA ILE G 257 -32.65 -16.35 -17.84
C ILE G 257 -33.39 -17.64 -18.14
N LYS G 258 -34.14 -17.68 -19.23
CA LYS G 258 -35.00 -18.82 -19.51
C LYS G 258 -34.25 -20.10 -19.87
N ALA G 259 -34.80 -21.22 -19.41
CA ALA G 259 -34.38 -22.56 -19.82
C ALA G 259 -34.73 -22.79 -21.28
N PRO G 260 -33.86 -23.51 -22.02
CA PRO G 260 -34.07 -23.71 -23.47
C PRO G 260 -35.19 -24.69 -23.82
N MET H 1 0.33 -35.10 1.65
CA MET H 1 -1.12 -34.96 1.50
C MET H 1 -1.84 -35.82 2.56
N THR H 2 -2.28 -35.17 3.64
CA THR H 2 -2.88 -35.83 4.80
C THR H 2 -4.24 -35.25 5.15
N PRO H 3 -5.24 -35.52 4.32
CA PRO H 3 -6.58 -34.96 4.59
C PRO H 3 -7.09 -35.31 5.98
N TYR H 4 -6.89 -36.56 6.40
CA TYR H 4 -7.36 -37.01 7.70
C TYR H 4 -6.71 -36.22 8.84
N GLU H 5 -5.38 -36.22 8.90
CA GLU H 5 -4.68 -35.48 9.95
C GLU H 5 -5.05 -33.98 9.94
N ASP H 6 -5.19 -33.37 8.76
CA ASP H 6 -5.59 -31.96 8.68
C ASP H 6 -6.93 -31.74 9.44
N LEU H 7 -7.92 -32.59 9.16
CA LEU H 7 -9.25 -32.51 9.77
C LEU H 7 -9.19 -32.72 11.27
N LEU H 8 -8.31 -33.65 11.67
CA LEU H 8 -8.10 -33.97 13.07
C LEU H 8 -7.61 -32.71 13.78
N ARG H 9 -6.58 -32.10 13.21
CA ARG H 9 -6.05 -30.86 13.72
C ARG H 9 -7.11 -29.76 13.78
N PHE H 10 -7.98 -29.71 12.76
CA PHE H 10 -8.93 -28.62 12.63
C PHE H 10 -9.97 -28.69 13.75
N VAL H 11 -10.58 -29.85 13.91
CA VAL H 11 -11.57 -30.05 14.95
C VAL H 11 -10.96 -29.85 16.36
N LEU H 12 -9.74 -30.32 16.53
CA LEU H 12 -9.06 -30.17 17.81
C LEU H 12 -8.89 -28.69 18.14
N GLU H 13 -8.45 -27.92 17.16
CA GLU H 13 -8.19 -26.49 17.34
C GLU H 13 -9.45 -25.62 17.30
N THR H 14 -10.43 -26.00 16.48
CA THR H 14 -11.60 -25.14 16.30
C THR H 14 -12.96 -25.81 16.55
N GLY H 15 -12.94 -27.09 16.90
CA GLY H 15 -14.15 -27.79 17.32
C GLY H 15 -14.78 -27.10 18.52
N THR H 16 -16.11 -27.16 18.61
CA THR H 16 -16.80 -26.51 19.73
C THR H 16 -17.21 -27.53 20.80
N PRO H 17 -16.97 -27.20 22.07
CA PRO H 17 -17.23 -28.15 23.16
C PRO H 17 -18.71 -28.53 23.17
N LYS H 18 -19.00 -29.82 23.30
CA LYS H 18 -20.35 -30.33 23.04
C LYS H 18 -20.60 -31.62 23.79
N SER H 19 -21.78 -31.73 24.40
CA SER H 19 -22.19 -32.96 25.07
C SER H 19 -22.65 -33.96 24.01
N ASP H 20 -22.70 -35.24 24.38
CA ASP H 20 -23.03 -36.30 23.42
C ASP H 20 -23.78 -37.47 24.09
N ARG H 21 -24.31 -38.37 23.27
CA ARG H 21 -25.06 -39.51 23.80
C ARG H 21 -24.28 -40.30 24.86
N THR H 22 -22.98 -40.45 24.62
CA THR H 22 -22.11 -41.30 25.42
C THR H 22 -21.86 -40.73 26.82
N GLY H 23 -22.20 -39.46 27.01
CA GLY H 23 -21.87 -38.77 28.26
C GLY H 23 -20.36 -38.72 28.43
N THR H 24 -19.65 -38.74 27.30
CA THR H 24 -18.21 -38.71 27.29
C THR H 24 -17.69 -37.28 27.11
N GLY H 25 -18.46 -36.47 26.38
CA GLY H 25 -18.01 -35.15 25.96
C GLY H 25 -17.22 -35.24 24.66
N THR H 26 -17.42 -34.27 23.78
CA THR H 26 -16.71 -34.24 22.53
C THR H 26 -16.37 -32.82 22.19
N ARG H 27 -15.46 -32.66 21.23
CA ARG H 27 -15.23 -31.40 20.55
C ARG H 27 -15.69 -31.67 19.12
N SER H 28 -16.34 -30.72 18.46
CA SER H 28 -17.00 -31.07 17.20
C SER H 28 -17.23 -29.93 16.18
N LEU H 29 -17.25 -30.33 14.90
CA LEU H 29 -17.66 -29.50 13.77
C LEU H 29 -18.70 -30.26 12.91
N PHE H 30 -19.36 -29.55 12.00
CA PHE H 30 -20.40 -30.14 11.15
C PHE H 30 -20.05 -29.96 9.68
N GLY H 31 -20.40 -30.94 8.85
CA GLY H 31 -20.16 -30.85 7.41
C GLY H 31 -18.71 -30.72 7.00
N GLN H 32 -17.85 -31.64 7.44
CA GLN H 32 -16.45 -31.59 7.01
C GLN H 32 -16.20 -32.63 5.93
N GLN H 33 -15.24 -32.38 5.06
CA GLN H 33 -14.99 -33.25 3.91
C GLN H 33 -13.51 -33.59 3.77
N MET H 34 -13.22 -34.84 3.43
CA MET H 34 -11.85 -35.24 3.07
C MET H 34 -11.87 -35.80 1.64
N ARG H 35 -10.80 -35.56 0.89
CA ARG H 35 -10.69 -36.19 -0.43
C ARG H 35 -9.38 -36.95 -0.57
N TYR H 36 -9.44 -38.18 -1.08
CA TYR H 36 -8.26 -38.99 -1.36
C TYR H 36 -8.21 -39.40 -2.80
N ASP H 37 -7.14 -39.03 -3.51
CA ASP H 37 -6.88 -39.61 -4.81
C ASP H 37 -6.30 -41.02 -4.67
N LEU H 38 -7.13 -42.04 -4.91
CA LEU H 38 -6.77 -43.41 -4.64
C LEU H 38 -5.63 -43.89 -5.52
N SER H 39 -5.47 -43.24 -6.67
CA SER H 39 -4.40 -43.63 -7.58
C SER H 39 -3.05 -43.24 -6.99
N ALA H 40 -3.07 -42.37 -5.99
CA ALA H 40 -1.83 -41.87 -5.40
C ALA H 40 -1.35 -42.74 -4.25
N GLY H 41 -2.22 -43.61 -3.76
CA GLY H 41 -1.88 -44.39 -2.58
C GLY H 41 -3.10 -44.83 -1.80
N PHE H 42 -2.95 -45.95 -1.08
CA PHE H 42 -4.05 -46.44 -0.27
C PHE H 42 -4.05 -45.76 1.07
N PRO H 43 -5.17 -45.13 1.43
CA PRO H 43 -5.28 -44.31 2.63
C PRO H 43 -5.45 -45.13 3.90
N LEU H 44 -4.49 -46.04 4.15
CA LEU H 44 -4.30 -46.66 5.47
C LEU H 44 -3.29 -45.79 6.25
N LEU H 45 -3.75 -45.11 7.28
CA LEU H 45 -2.94 -44.09 7.95
C LEU H 45 -1.54 -44.56 8.29
N THR H 46 -0.56 -43.68 8.17
CA THR H 46 0.81 -44.01 8.55
C THR H 46 1.26 -43.34 9.85
N THR H 47 0.49 -42.36 10.31
CA THR H 47 0.81 -41.65 11.56
C THR H 47 0.50 -42.50 12.81
N LYS H 48 -0.25 -43.59 12.62
CA LYS H 48 -0.40 -44.59 13.66
C LYS H 48 -0.72 -45.92 12.96
N LYS H 49 -0.30 -47.04 13.56
CA LYS H 49 -0.52 -48.35 12.96
C LYS H 49 -1.96 -48.83 13.06
N VAL H 50 -2.66 -48.85 11.93
CA VAL H 50 -4.04 -49.33 11.88
C VAL H 50 -4.17 -50.85 11.71
N HIS H 51 -5.04 -51.45 12.51
CA HIS H 51 -5.23 -52.89 12.44
C HIS H 51 -6.06 -53.29 11.23
N PHE H 52 -5.39 -53.40 10.08
CA PHE H 52 -6.06 -53.67 8.81
C PHE H 52 -6.96 -54.91 8.80
N LYS H 53 -6.53 -55.97 9.47
CA LYS H 53 -7.33 -57.19 9.54
C LYS H 53 -8.77 -56.89 10.00
N SER H 54 -8.91 -56.03 11.00
CA SER H 54 -10.24 -55.70 11.53
C SER H 54 -11.06 -54.87 10.54
N VAL H 55 -10.39 -53.97 9.83
CA VAL H 55 -11.02 -53.18 8.78
C VAL H 55 -11.55 -54.08 7.67
N ALA H 56 -10.65 -54.91 7.15
CA ALA H 56 -10.97 -55.80 6.04
C ALA H 56 -12.10 -56.76 6.43
N TYR H 57 -11.93 -57.44 7.56
CA TYR H 57 -12.92 -58.43 7.94
C TYR H 57 -14.28 -57.83 8.23
N GLU H 58 -14.31 -56.65 8.85
CA GLU H 58 -15.57 -55.97 9.09
C GLU H 58 -16.28 -55.77 7.76
N LEU H 59 -15.54 -55.31 6.75
CA LEU H 59 -16.10 -55.12 5.41
C LEU H 59 -16.64 -56.40 4.78
N LEU H 60 -15.90 -57.50 4.87
CA LEU H 60 -16.39 -58.78 4.30
C LEU H 60 -17.65 -59.24 5.02
N TRP H 61 -17.65 -59.02 6.33
CA TRP H 61 -18.80 -59.26 7.19
C TRP H 61 -20.00 -58.46 6.68
N PHE H 62 -19.75 -57.21 6.29
CA PHE H 62 -20.79 -56.39 5.66
C PHE H 62 -21.28 -57.06 4.37
N LEU H 63 -20.34 -57.47 3.51
CA LEU H 63 -20.69 -58.05 2.21
C LEU H 63 -21.48 -59.35 2.33
N ARG H 64 -21.31 -60.05 3.46
CA ARG H 64 -22.05 -61.28 3.72
C ARG H 64 -23.45 -60.94 4.20
N GLY H 65 -23.67 -59.67 4.53
CA GLY H 65 -24.96 -59.22 5.03
C GLY H 65 -25.31 -59.90 6.35
N ASP H 66 -24.29 -60.13 7.16
CA ASP H 66 -24.44 -60.75 8.46
C ASP H 66 -24.65 -59.67 9.53
N SER H 67 -25.50 -59.94 10.52
CA SER H 67 -25.73 -58.98 11.61
C SER H 67 -25.16 -59.48 12.94
N ASN H 68 -24.76 -60.75 12.97
CA ASN H 68 -24.26 -61.39 14.18
C ASN H 68 -22.72 -61.41 14.27
N ILE H 69 -22.18 -60.98 15.41
CA ILE H 69 -20.74 -60.77 15.57
C ILE H 69 -19.96 -62.08 15.62
N GLY H 70 -20.66 -63.20 15.41
CA GLY H 70 -20.04 -64.52 15.48
C GLY H 70 -18.88 -64.73 14.52
N TRP H 71 -19.11 -64.45 13.24
CA TRP H 71 -18.10 -64.65 12.20
C TRP H 71 -16.89 -63.76 12.39
N LEU H 72 -17.11 -62.60 13.00
CA LEU H 72 -16.02 -61.69 13.34
C LEU H 72 -15.12 -62.27 14.43
N HIS H 73 -15.72 -63.01 15.36
CA HIS H 73 -14.97 -63.66 16.43
C HIS H 73 -14.17 -64.83 15.89
N GLU H 74 -14.73 -65.49 14.88
CA GLU H 74 -14.07 -66.61 14.23
C GLU H 74 -12.75 -66.19 13.60
N HIS H 75 -12.53 -64.89 13.47
CA HIS H 75 -11.28 -64.41 12.93
C HIS H 75 -10.60 -63.42 13.89
N GLY H 76 -11.04 -63.42 15.13
CA GLY H 76 -10.41 -62.62 16.16
C GLY H 76 -10.69 -61.13 16.09
N VAL H 77 -11.82 -60.76 15.51
CA VAL H 77 -12.21 -59.35 15.45
C VAL H 77 -13.25 -59.00 16.54
N THR H 78 -12.88 -58.08 17.41
CA THR H 78 -13.71 -57.76 18.55
C THR H 78 -14.36 -56.35 18.53
N ILE H 79 -14.10 -55.56 17.49
CA ILE H 79 -14.56 -54.18 17.42
C ILE H 79 -16.07 -53.92 17.63
N TRP H 80 -16.92 -54.92 17.42
CA TRP H 80 -18.36 -54.70 17.60
C TRP H 80 -18.97 -55.30 18.87
N ASP H 81 -18.12 -55.84 19.73
CA ASP H 81 -18.61 -56.57 20.93
C ASP H 81 -19.49 -55.73 21.86
N GLU H 82 -19.04 -54.51 22.13
CA GLU H 82 -19.66 -53.64 23.12
C GLU H 82 -21.11 -53.28 22.80
N TRP H 83 -21.64 -53.78 21.68
CA TRP H 83 -23.00 -53.43 21.28
C TRP H 83 -23.89 -54.63 21.01
N ALA H 84 -23.29 -55.80 20.98
CA ALA H 84 -24.00 -57.03 20.69
C ALA H 84 -24.79 -57.53 21.91
N SER H 85 -25.92 -58.18 21.64
CA SER H 85 -26.71 -58.83 22.68
C SER H 85 -25.99 -60.07 23.22
N ASP H 86 -26.71 -60.90 23.97
CA ASP H 86 -26.14 -62.07 24.64
C ASP H 86 -25.83 -63.23 23.68
N THR H 87 -26.59 -63.32 22.59
CA THR H 87 -26.36 -64.34 21.57
C THR H 87 -25.57 -63.75 20.41
N GLY H 88 -25.28 -62.45 20.50
CA GLY H 88 -24.40 -61.79 19.56
C GLY H 88 -25.04 -60.89 18.51
N GLU H 89 -26.35 -60.63 18.63
CA GLU H 89 -27.08 -59.87 17.61
C GLU H 89 -26.97 -58.35 17.76
N LEU H 90 -26.94 -57.65 16.63
CA LEU H 90 -26.83 -56.19 16.60
C LEU H 90 -28.01 -55.57 15.90
N GLY H 91 -28.95 -56.41 15.45
CA GLY H 91 -30.08 -55.93 14.69
C GLY H 91 -29.75 -55.75 13.22
N PRO H 92 -30.65 -55.09 12.47
CA PRO H 92 -30.46 -54.88 11.03
C PRO H 92 -29.43 -53.79 10.73
N ILE H 93 -28.17 -54.02 11.10
CA ILE H 93 -27.04 -53.09 10.90
C ILE H 93 -26.61 -52.95 9.42
N TYR H 94 -25.56 -52.16 9.15
CA TYR H 94 -25.06 -51.93 7.78
C TYR H 94 -25.33 -53.05 6.76
N GLY H 95 -24.75 -54.21 7.01
CA GLY H 95 -24.78 -55.30 6.06
C GLY H 95 -26.15 -55.81 5.69
N VAL H 96 -27.05 -55.94 6.65
CA VAL H 96 -28.41 -56.39 6.34
C VAL H 96 -29.08 -55.38 5.37
N GLN H 97 -28.84 -54.10 5.59
CA GLN H 97 -29.38 -53.07 4.69
C GLN H 97 -28.75 -53.10 3.30
N TRP H 98 -27.45 -53.37 3.22
CA TRP H 98 -26.73 -53.46 1.94
C TRP H 98 -27.27 -54.60 1.10
N ARG H 99 -27.45 -55.77 1.72
CA ARG H 99 -27.66 -57.01 0.97
C ARG H 99 -29.13 -57.37 0.76
N SER H 100 -29.98 -56.96 1.68
CA SER H 100 -31.36 -57.44 1.67
C SER H 100 -32.34 -56.46 2.30
N TRP H 101 -32.22 -55.18 1.95
CA TRP H 101 -33.18 -54.17 2.34
C TRP H 101 -34.59 -54.68 2.03
N PRO H 102 -35.41 -54.86 3.07
CA PRO H 102 -36.76 -55.41 2.89
C PRO H 102 -37.67 -54.44 2.14
N ALA H 103 -38.29 -54.88 1.05
CA ALA H 103 -39.19 -54.00 0.31
C ALA H 103 -40.66 -54.29 0.61
N PRO H 104 -41.54 -53.34 0.28
CA PRO H 104 -42.98 -53.49 0.53
C PRO H 104 -43.51 -54.71 -0.18
N SER H 105 -42.86 -55.13 -1.26
CA SER H 105 -43.30 -56.27 -2.04
C SER H 105 -42.88 -57.59 -1.42
N GLY H 106 -42.22 -57.51 -0.26
CA GLY H 106 -41.77 -58.72 0.41
C GLY H 106 -40.42 -59.20 -0.10
N GLU H 107 -40.09 -58.80 -1.32
CA GLU H 107 -38.81 -59.09 -1.90
C GLU H 107 -37.75 -58.24 -1.20
N HIS H 108 -36.52 -58.76 -1.11
CA HIS H 108 -35.41 -58.01 -0.54
C HIS H 108 -34.44 -57.55 -1.62
N ILE H 109 -34.02 -56.29 -1.53
CA ILE H 109 -33.20 -55.66 -2.55
C ILE H 109 -31.71 -55.69 -2.20
N ASP H 110 -30.91 -56.31 -3.05
CA ASP H 110 -29.46 -56.35 -2.84
C ASP H 110 -28.83 -55.11 -3.48
N GLN H 111 -28.55 -54.11 -2.66
CA GLN H 111 -28.08 -52.82 -3.20
C GLN H 111 -26.69 -52.90 -3.78
N ILE H 112 -25.82 -53.70 -3.14
CA ILE H 112 -24.45 -53.91 -3.62
C ILE H 112 -24.51 -54.54 -5.00
N SER H 113 -25.33 -55.58 -5.13
CA SER H 113 -25.52 -56.23 -6.42
C SER H 113 -26.01 -55.24 -7.48
N ALA H 114 -27.03 -54.44 -7.15
CA ALA H 114 -27.59 -53.54 -8.15
C ALA H 114 -26.64 -52.41 -8.54
N ALA H 115 -25.93 -51.88 -7.56
CA ALA H 115 -24.91 -50.84 -7.81
C ALA H 115 -23.87 -51.33 -8.82
N LEU H 116 -23.31 -52.51 -8.57
CA LEU H 116 -22.29 -53.07 -9.44
C LEU H 116 -22.80 -53.36 -10.85
N ASP H 117 -24.04 -53.82 -10.97
CA ASP H 117 -24.63 -54.04 -12.29
C ASP H 117 -24.79 -52.71 -13.06
N LEU H 118 -25.07 -51.62 -12.35
CA LEU H 118 -25.14 -50.29 -12.97
C LEU H 118 -23.77 -49.78 -13.43
N LEU H 119 -22.72 -50.04 -12.62
CA LEU H 119 -21.36 -49.68 -13.02
C LEU H 119 -21.07 -50.31 -14.37
N ARG H 120 -21.33 -51.61 -14.44
CA ARG H 120 -21.07 -52.41 -15.63
C ARG H 120 -21.85 -52.00 -16.88
N THR H 121 -23.16 -51.83 -16.73
CA THR H 121 -24.06 -51.60 -17.87
C THR H 121 -24.41 -50.14 -18.18
N ASP H 122 -24.30 -49.25 -17.18
CA ASP H 122 -24.71 -47.84 -17.34
C ASP H 122 -23.86 -46.90 -16.46
N PRO H 123 -22.55 -46.79 -16.78
CA PRO H 123 -21.52 -46.18 -15.94
C PRO H 123 -21.74 -44.70 -15.69
N ASP H 124 -22.66 -44.11 -16.43
CA ASP H 124 -22.88 -42.68 -16.34
C ASP H 124 -24.11 -42.37 -15.49
N SER H 125 -24.77 -43.43 -15.03
CA SER H 125 -25.95 -43.26 -14.19
C SER H 125 -25.65 -42.38 -13.00
N ARG H 126 -26.60 -41.51 -12.66
CA ARG H 126 -26.50 -40.66 -11.50
C ARG H 126 -27.24 -41.30 -10.31
N ARG H 127 -27.57 -42.57 -10.45
CA ARG H 127 -28.43 -43.25 -9.50
C ARG H 127 -27.74 -44.40 -8.77
N ILE H 128 -26.42 -44.50 -8.91
CA ILE H 128 -25.65 -45.56 -8.27
C ILE H 128 -25.44 -45.31 -6.77
N ILE H 129 -26.46 -45.64 -5.98
CA ILE H 129 -26.46 -45.39 -4.55
C ILE H 129 -26.75 -46.63 -3.69
N VAL H 130 -26.00 -46.78 -2.60
CA VAL H 130 -26.27 -47.79 -1.59
C VAL H 130 -26.62 -47.07 -0.29
N SER H 131 -27.70 -47.49 0.36
CA SER H 131 -28.12 -46.80 1.59
C SER H 131 -28.32 -47.75 2.74
N ALA H 132 -27.77 -47.38 3.88
CA ALA H 132 -27.88 -48.20 5.08
C ALA H 132 -28.94 -47.58 5.98
N TRP H 133 -29.42 -46.40 5.60
CA TRP H 133 -30.36 -45.68 6.44
C TRP H 133 -31.83 -46.04 6.18
N ASN H 134 -32.31 -47.10 6.82
CA ASN H 134 -33.69 -47.53 6.68
C ASN H 134 -34.54 -46.97 7.81
N VAL H 135 -35.31 -45.93 7.54
CA VAL H 135 -36.01 -45.21 8.60
C VAL H 135 -36.85 -46.16 9.45
N GLY H 136 -37.55 -47.09 8.81
CA GLY H 136 -38.47 -47.99 9.50
C GLY H 136 -37.79 -49.07 10.34
N GLU H 137 -36.47 -49.18 10.22
CA GLU H 137 -35.68 -50.24 10.86
C GLU H 137 -34.71 -49.72 11.94
N ILE H 138 -34.45 -48.40 11.94
CA ILE H 138 -33.46 -47.80 12.84
C ILE H 138 -33.66 -48.20 14.32
N GLU H 139 -34.93 -48.22 14.75
CA GLU H 139 -35.30 -48.60 16.12
C GLU H 139 -34.66 -49.92 16.58
N ARG H 140 -34.73 -50.93 15.71
CA ARG H 140 -34.22 -52.26 16.04
C ARG H 140 -32.69 -52.34 16.15
N MET H 141 -31.98 -51.53 15.35
CA MET H 141 -30.52 -51.55 15.29
C MET H 141 -29.87 -51.18 16.62
N ALA H 142 -28.76 -51.84 16.96
CA ALA H 142 -27.99 -51.50 18.16
C ALA H 142 -27.46 -50.07 18.08
N LEU H 143 -26.75 -49.77 17.01
CA LEU H 143 -26.32 -48.41 16.70
C LEU H 143 -26.85 -48.00 15.31
N PRO H 144 -27.45 -46.81 15.20
CA PRO H 144 -27.91 -46.38 13.88
C PRO H 144 -26.72 -46.19 12.96
N PRO H 145 -26.85 -46.55 11.68
CA PRO H 145 -25.72 -46.47 10.73
C PRO H 145 -24.92 -45.16 10.84
N CYS H 146 -23.60 -45.27 10.87
CA CYS H 146 -22.73 -44.09 10.88
C CYS H 146 -22.28 -43.73 9.47
N HIS H 147 -21.68 -44.69 8.76
CA HIS H 147 -21.44 -44.53 7.33
C HIS H 147 -22.76 -44.87 6.65
N ALA H 148 -23.53 -43.84 6.32
CA ALA H 148 -24.96 -44.03 6.17
C ALA H 148 -25.43 -44.20 4.75
N PHE H 149 -24.66 -43.68 3.82
CA PHE H 149 -25.16 -43.47 2.48
C PHE H 149 -23.96 -43.19 1.57
N PHE H 150 -23.85 -43.95 0.49
CA PHE H 150 -22.77 -43.71 -0.47
C PHE H 150 -23.18 -43.83 -1.95
N GLN H 151 -22.41 -43.18 -2.82
CA GLN H 151 -22.69 -43.09 -4.25
C GLN H 151 -21.42 -43.32 -5.08
N PHE H 152 -21.55 -44.03 -6.18
CA PHE H 152 -20.44 -44.24 -7.12
C PHE H 152 -20.56 -43.37 -8.36
N TYR H 153 -19.42 -43.13 -9.00
CA TYR H 153 -19.33 -42.21 -10.12
C TYR H 153 -18.18 -42.65 -11.00
N VAL H 154 -18.37 -42.58 -12.32
CA VAL H 154 -17.34 -43.01 -13.24
C VAL H 154 -17.03 -41.90 -14.24
N ALA H 155 -15.75 -41.72 -14.52
CA ALA H 155 -15.29 -40.72 -15.45
C ALA H 155 -13.98 -41.17 -16.08
N ASP H 156 -13.96 -41.28 -17.41
CA ASP H 156 -12.75 -41.67 -18.10
C ASP H 156 -12.23 -42.99 -17.54
N GLY H 157 -13.13 -43.97 -17.41
CA GLY H 157 -12.78 -45.31 -16.96
C GLY H 157 -12.28 -45.43 -15.53
N ARG H 158 -12.49 -44.39 -14.74
CA ARG H 158 -11.94 -44.32 -13.40
C ARG H 158 -13.08 -44.25 -12.39
N LEU H 159 -12.97 -45.03 -11.31
CA LEU H 159 -14.07 -45.16 -10.35
C LEU H 159 -13.93 -44.28 -9.10
N SER H 160 -14.92 -43.43 -8.86
CA SER H 160 -14.93 -42.58 -7.69
C SER H 160 -16.08 -42.96 -6.74
N CYS H 161 -15.92 -42.66 -5.45
CA CYS H 161 -16.91 -43.00 -4.42
C CYS H 161 -17.09 -41.84 -3.45
N GLN H 162 -18.33 -41.52 -3.12
CA GLN H 162 -18.59 -40.54 -2.06
C GLN H 162 -19.38 -41.14 -0.92
N LEU H 163 -18.89 -40.94 0.29
CA LEU H 163 -19.59 -41.45 1.47
C LEU H 163 -20.15 -40.33 2.32
N TYR H 164 -21.41 -40.48 2.73
CA TYR H 164 -21.95 -39.60 3.75
C TYR H 164 -21.95 -40.29 5.12
N GLN H 165 -21.15 -39.77 6.04
CA GLN H 165 -21.10 -40.32 7.38
C GLN H 165 -21.71 -39.33 8.37
N ARG H 166 -22.90 -39.65 8.88
CA ARG H 166 -23.63 -38.73 9.76
C ARG H 166 -22.90 -38.50 11.08
N SER H 167 -22.17 -39.52 11.53
CA SER H 167 -21.49 -39.43 12.81
C SER H 167 -20.11 -40.04 12.70
N ALA H 168 -19.13 -39.33 13.24
CA ALA H 168 -17.73 -39.63 12.97
C ALA H 168 -16.87 -39.54 14.22
N ASP H 169 -16.59 -40.68 14.86
CA ASP H 169 -15.55 -40.75 15.90
C ASP H 169 -14.23 -40.55 15.21
N LEU H 170 -13.72 -39.33 15.20
CA LEU H 170 -12.54 -39.09 14.36
C LEU H 170 -11.31 -39.92 14.74
N PHE H 171 -11.05 -40.10 16.03
CA PHE H 171 -9.84 -40.85 16.39
C PHE H 171 -9.98 -42.36 16.22
N LEU H 172 -11.09 -42.91 16.71
CA LEU H 172 -11.30 -44.35 16.75
C LEU H 172 -11.82 -44.90 15.41
N GLY H 173 -13.01 -44.44 15.03
CA GLY H 173 -13.76 -44.99 13.91
C GLY H 173 -13.37 -44.55 12.52
N VAL H 174 -13.08 -43.27 12.34
CA VAL H 174 -12.87 -42.77 10.98
C VAL H 174 -11.67 -43.42 10.25
N PRO H 175 -10.58 -43.69 10.97
CA PRO H 175 -9.50 -44.37 10.26
C PRO H 175 -9.92 -45.73 9.65
N PHE H 176 -10.82 -46.45 10.31
CA PHE H 176 -11.38 -47.69 9.76
C PHE H 176 -12.31 -47.37 8.61
N ASN H 177 -13.17 -46.37 8.81
CA ASN H 177 -14.16 -45.98 7.79
C ASN H 177 -13.45 -45.65 6.49
N ILE H 178 -12.41 -44.83 6.55
CA ILE H 178 -11.65 -44.47 5.37
C ILE H 178 -11.05 -45.68 4.63
N ALA H 179 -10.39 -46.58 5.36
CA ALA H 179 -9.80 -47.75 4.72
C ALA H 179 -10.86 -48.72 4.17
N SER H 180 -11.90 -48.95 4.97
CA SER H 180 -12.98 -49.84 4.56
C SER H 180 -13.52 -49.40 3.19
N TYR H 181 -13.95 -48.13 3.11
CA TYR H 181 -14.55 -47.65 1.86
C TYR H 181 -13.54 -47.52 0.73
N ALA H 182 -12.26 -47.27 1.05
CA ALA H 182 -11.22 -47.30 0.02
C ALA H 182 -11.13 -48.71 -0.55
N LEU H 183 -11.10 -49.69 0.36
CA LEU H 183 -11.10 -51.09 -0.07
C LEU H 183 -12.33 -51.42 -0.90
N LEU H 184 -13.51 -51.01 -0.44
CA LEU H 184 -14.75 -51.36 -1.16
C LEU H 184 -14.74 -50.78 -2.57
N THR H 185 -14.14 -49.60 -2.72
CA THR H 185 -14.00 -48.97 -4.02
C THR H 185 -13.05 -49.76 -4.90
N HIS H 186 -11.92 -50.19 -4.34
CA HIS H 186 -11.00 -51.08 -5.07
C HIS H 186 -11.67 -52.37 -5.57
N MET H 187 -12.48 -52.98 -4.71
CA MET H 187 -13.19 -54.19 -5.10
C MET H 187 -14.25 -53.92 -6.17
N MET H 188 -15.01 -52.84 -6.01
CA MET H 188 -16.04 -52.45 -6.98
C MET H 188 -15.38 -52.16 -8.31
N ALA H 189 -14.25 -51.45 -8.26
CA ALA H 189 -13.45 -51.17 -9.44
C ALA H 189 -13.01 -52.44 -10.16
N ALA H 190 -12.39 -53.36 -9.43
CA ALA H 190 -11.98 -54.64 -10.02
C ALA H 190 -13.14 -55.29 -10.77
N GLN H 191 -14.25 -55.47 -10.07
CA GLN H 191 -15.38 -56.22 -10.60
C GLN H 191 -16.06 -55.58 -11.82
N ALA H 192 -15.91 -54.26 -11.93
CA ALA H 192 -16.50 -53.50 -13.03
C ALA H 192 -15.49 -53.24 -14.16
N GLY H 193 -14.24 -53.61 -13.90
CA GLY H 193 -13.15 -53.45 -14.85
C GLY H 193 -12.76 -51.98 -15.02
N LEU H 194 -12.76 -51.25 -13.92
CA LEU H 194 -12.41 -49.83 -13.95
C LEU H 194 -11.10 -49.61 -13.19
N SER H 195 -10.51 -48.43 -13.34
CA SER H 195 -9.36 -48.05 -12.52
C SER H 195 -9.89 -47.20 -11.36
N VAL H 196 -9.18 -47.17 -10.24
CA VAL H 196 -9.66 -46.37 -9.11
C VAL H 196 -9.45 -44.88 -9.32
N GLY H 197 -10.38 -44.07 -8.84
CA GLY H 197 -10.26 -42.63 -8.90
C GLY H 197 -10.15 -41.99 -7.52
N GLU H 198 -11.22 -41.31 -7.14
CA GLU H 198 -11.26 -40.56 -5.88
C GLU H 198 -12.15 -41.19 -4.83
N PHE H 199 -11.71 -41.16 -3.59
CA PHE H 199 -12.64 -41.36 -2.49
C PHE H 199 -12.93 -40.01 -1.80
N ILE H 200 -14.21 -39.69 -1.68
CA ILE H 200 -14.62 -38.44 -1.05
C ILE H 200 -15.43 -38.76 0.21
N TRP H 201 -14.91 -38.38 1.37
CA TRP H 201 -15.57 -38.64 2.65
C TRP H 201 -16.24 -37.37 3.12
N THR H 202 -17.57 -37.43 3.26
CA THR H 202 -18.37 -36.25 3.69
C THR H 202 -19.08 -36.51 5.01
N GLY H 203 -18.73 -35.74 6.05
CA GLY H 203 -19.19 -36.00 7.41
C GLY H 203 -20.28 -35.04 7.88
N GLY H 204 -21.13 -35.53 8.78
CA GLY H 204 -22.03 -34.67 9.53
C GLY H 204 -21.38 -34.17 10.82
N ASP H 205 -21.76 -34.76 11.93
CA ASP H 205 -21.12 -34.41 13.19
C ASP H 205 -19.73 -35.07 13.26
N CYS H 206 -18.69 -34.26 13.08
CA CYS H 206 -17.33 -34.76 13.12
C CYS H 206 -16.72 -34.39 14.46
N HIS H 207 -16.48 -35.39 15.30
CA HIS H 207 -16.15 -35.16 16.70
C HIS H 207 -14.91 -35.89 17.22
N ILE H 208 -14.25 -35.27 18.20
CA ILE H 208 -13.16 -35.89 18.92
C ILE H 208 -13.60 -36.06 20.36
N TYR H 209 -13.58 -37.30 20.84
CA TYR H 209 -13.95 -37.55 22.22
C TYR H 209 -12.95 -36.92 23.19
N ASP H 210 -13.46 -36.38 24.29
CA ASP H 210 -12.61 -35.71 25.27
C ASP H 210 -11.47 -36.61 25.77
N ASN H 211 -11.72 -37.92 25.86
CA ASN H 211 -10.72 -38.87 26.31
C ASN H 211 -9.83 -39.45 25.21
N HIS H 212 -9.75 -38.77 24.06
CA HIS H 212 -8.80 -39.14 23.00
C HIS H 212 -7.85 -37.97 22.75
N VAL H 213 -8.05 -36.88 23.50
CA VAL H 213 -7.28 -35.65 23.30
C VAL H 213 -5.76 -35.89 23.30
N GLU H 214 -5.29 -36.65 24.28
CA GLU H 214 -3.87 -36.94 24.41
C GLU H 214 -3.37 -37.78 23.22
N GLN H 215 -4.08 -38.86 22.90
CA GLN H 215 -3.72 -39.70 21.74
C GLN H 215 -3.66 -38.90 20.43
N VAL H 216 -4.63 -38.02 20.23
CA VAL H 216 -4.65 -37.17 19.03
C VAL H 216 -3.45 -36.25 18.95
N ARG H 217 -3.11 -35.59 20.06
CA ARG H 217 -1.93 -34.74 20.06
C ARG H 217 -0.67 -35.56 19.74
N LEU H 218 -0.60 -36.77 20.29
CA LEU H 218 0.52 -37.67 20.06
C LEU H 218 0.63 -38.00 18.57
N GLN H 219 -0.50 -38.31 17.95
CA GLN H 219 -0.54 -38.63 16.53
C GLN H 219 -0.18 -37.41 15.68
N LEU H 220 -0.82 -36.29 15.99
CA LEU H 220 -0.59 -35.03 15.30
C LEU H 220 0.86 -34.57 15.36
N SER H 221 1.63 -35.20 16.25
CA SER H 221 3.04 -34.86 16.38
C SER H 221 3.93 -35.70 15.46
N ARG H 222 3.35 -36.64 14.74
CA ARG H 222 4.17 -37.53 13.90
C ARG H 222 4.23 -37.12 12.43
N GLU H 223 5.39 -37.34 11.82
CA GLU H 223 5.60 -37.06 10.39
C GLU H 223 4.96 -38.14 9.54
N PRO H 224 4.02 -37.78 8.67
CA PRO H 224 3.39 -38.79 7.82
C PRO H 224 4.40 -39.43 6.90
N ARG H 225 4.18 -40.70 6.56
CA ARG H 225 5.02 -41.43 5.65
C ARG H 225 4.24 -41.73 4.36
N PRO H 226 4.93 -42.25 3.32
CA PRO H 226 4.24 -42.61 2.08
C PRO H 226 3.14 -43.62 2.34
N TYR H 227 2.05 -43.51 1.58
CA TYR H 227 0.96 -44.46 1.71
C TYR H 227 1.37 -45.81 1.14
N PRO H 228 0.76 -46.89 1.67
CA PRO H 228 0.95 -48.21 1.07
C PRO H 228 0.20 -48.34 -0.25
N LYS H 229 0.43 -49.45 -0.97
CA LYS H 229 -0.30 -49.75 -2.19
C LYS H 229 -1.23 -50.95 -1.97
N LEU H 230 -2.47 -50.87 -2.48
CA LEU H 230 -3.39 -51.99 -2.40
C LEU H 230 -3.39 -52.89 -3.65
N LEU H 231 -3.30 -54.20 -3.44
CA LEU H 231 -3.35 -55.20 -4.50
C LEU H 231 -4.47 -56.20 -4.25
N LEU H 232 -5.21 -56.58 -5.30
CA LEU H 232 -6.33 -57.51 -5.16
C LEU H 232 -6.20 -58.72 -6.08
N ALA H 233 -6.32 -59.91 -5.50
CA ALA H 233 -6.37 -61.16 -6.26
C ALA H 233 -7.66 -61.25 -7.06
N ASP H 234 -7.65 -61.97 -8.18
CA ASP H 234 -8.81 -62.04 -9.07
C ASP H 234 -9.96 -62.88 -8.51
N ARG H 235 -11.19 -62.45 -8.75
CA ARG H 235 -12.38 -63.20 -8.34
C ARG H 235 -13.53 -62.96 -9.31
N ASP H 236 -14.34 -63.99 -9.55
CA ASP H 236 -15.49 -63.86 -10.45
C ASP H 236 -16.52 -62.86 -9.89
N SER H 237 -16.56 -62.72 -8.57
CA SER H 237 -17.59 -61.96 -7.87
C SER H 237 -17.01 -61.21 -6.67
N ILE H 238 -17.67 -60.14 -6.26
CA ILE H 238 -17.23 -59.40 -5.08
C ILE H 238 -17.56 -60.18 -3.80
N PHE H 239 -18.66 -60.94 -3.84
CA PHE H 239 -19.07 -61.71 -2.68
C PHE H 239 -18.16 -62.91 -2.45
N GLU H 240 -17.22 -63.12 -3.38
CA GLU H 240 -16.27 -64.21 -3.25
C GLU H 240 -14.91 -63.78 -2.71
N TYR H 241 -14.68 -62.47 -2.56
CA TYR H 241 -13.41 -62.01 -2.03
C TYR H 241 -13.21 -62.58 -0.63
N THR H 242 -11.94 -62.83 -0.26
CA THR H 242 -11.59 -63.21 1.10
C THR H 242 -10.42 -62.36 1.57
N TYR H 243 -10.09 -62.46 2.85
CA TYR H 243 -8.96 -61.75 3.43
C TYR H 243 -7.65 -61.99 2.67
N GLU H 244 -7.38 -63.24 2.30
CA GLU H 244 -6.09 -63.63 1.68
C GLU H 244 -5.94 -63.13 0.24
N ASP H 245 -7.03 -62.61 -0.32
CA ASP H 245 -7.04 -61.99 -1.64
C ASP H 245 -6.43 -60.60 -1.59
N ILE H 246 -6.37 -60.04 -0.38
CA ILE H 246 -5.95 -58.67 -0.17
C ILE H 246 -4.50 -58.56 0.31
N VAL H 247 -3.70 -57.82 -0.44
CA VAL H 247 -2.31 -57.55 -0.11
C VAL H 247 -2.09 -56.06 0.03
N VAL H 248 -1.56 -55.65 1.19
CA VAL H 248 -1.24 -54.25 1.44
C VAL H 248 0.27 -54.14 1.45
N LYS H 249 0.80 -53.40 0.48
CA LYS H 249 2.21 -53.41 0.19
C LYS H 249 2.91 -52.15 0.70
N ASN H 250 4.06 -52.33 1.32
CA ASN H 250 4.89 -51.20 1.67
C ASN H 250 4.26 -50.33 2.74
N TYR H 251 3.50 -50.95 3.64
CA TYR H 251 2.91 -50.25 4.78
C TYR H 251 3.96 -50.08 5.88
N ASP H 252 4.35 -48.84 6.12
CA ASP H 252 5.37 -48.53 7.12
C ASP H 252 4.93 -47.48 8.17
N PRO H 253 3.99 -47.84 9.04
CA PRO H 253 3.39 -46.88 9.99
C PRO H 253 4.22 -46.59 11.21
N HIS H 254 3.90 -45.48 11.87
CA HIS H 254 4.41 -45.21 13.22
C HIS H 254 3.73 -46.17 14.20
N PRO H 255 4.26 -46.26 15.43
CA PRO H 255 3.65 -47.20 16.38
C PRO H 255 2.13 -47.01 16.52
N ALA H 256 1.44 -48.09 16.86
CA ALA H 256 0.02 -48.00 17.17
C ALA H 256 -0.23 -47.10 18.38
N ILE H 257 -1.42 -46.51 18.44
CA ILE H 257 -1.83 -45.67 19.57
C ILE H 257 -3.14 -46.21 20.13
N LYS H 258 -3.12 -46.68 21.38
CA LYS H 258 -4.30 -47.32 21.95
C LYS H 258 -5.36 -46.34 22.48
N ALA H 259 -6.62 -46.79 22.54
CA ALA H 259 -7.72 -45.96 23.04
C ALA H 259 -7.76 -45.84 24.56
#